data_8HKP
#
_entry.id   8HKP
#
_cell.length_a   1.00
_cell.length_b   1.00
_cell.length_c   1.00
_cell.angle_alpha   90.00
_cell.angle_beta   90.00
_cell.angle_gamma   90.00
#
_symmetry.space_group_name_H-M   'P 1'
#
loop_
_entity.id
_entity.type
_entity.pdbx_description
1 polymer 'Gap junction delta-2 protein'
2 non-polymer 'Lauryl Maltose Neopentyl Glycol'
#
_entity_poly.entity_id   1
_entity_poly.type   'polypeptide(L)'
_entity_poly.pdbx_seq_one_letter_code
;MGEWTILERLLEAAVQQHSTMIGRILLTVVVIFRILIVAIVGETVYDDEQTMFVCNTLQPGCNQACYDRAFPISHIRYWV
FQIIMVCTPSLCFITYSVHQSAKQRERRYSTVFLALDRDPPESIGGPGGTGGGGSGGGKREDKKLQNAIVNGVLQNTENT
SKETEPDCLEVKELTPHPSGLRTASKSKLRRQEGISRFYIIQVVFRNALEIGFLVGQYFLYGFSVPGLYECNRYPCIKEV
ECYVSRPTEKTVFLVFMFAVSGICVVLNLAELNHLGWRKIKLAVRGAQAKRKSIYEIRNKDLPRVSVPNFGRTQSSDSAY
VSRGDMLEVLFQ
;
_entity_poly.pdbx_strand_id   A,B,C,D,E,F,G,H,I,J,K,L
#
# COMPACT_ATOMS: atom_id res chain seq x y z
N GLY A 2 -19.60 10.02 28.36
CA GLY A 2 -19.69 11.17 29.24
C GLY A 2 -20.16 10.81 30.63
N GLU A 3 -20.38 11.83 31.46
CA GLU A 3 -20.83 11.66 32.84
C GLU A 3 -22.17 12.36 32.99
N TRP A 4 -23.25 11.63 32.75
CA TRP A 4 -24.60 12.17 32.82
C TRP A 4 -25.24 12.04 34.18
N THR A 5 -24.51 11.53 35.18
CA THR A 5 -25.08 11.37 36.51
C THR A 5 -25.09 12.67 37.29
N ILE A 6 -24.12 13.54 37.04
CA ILE A 6 -24.08 14.84 37.70
C ILE A 6 -25.35 15.63 37.37
N LEU A 7 -25.69 15.68 36.08
CA LEU A 7 -26.93 16.31 35.66
C LEU A 7 -28.13 15.67 36.33
N GLU A 8 -28.12 14.35 36.46
CA GLU A 8 -29.22 13.66 37.10
C GLU A 8 -29.43 14.14 38.53
N ARG A 9 -28.34 14.18 39.31
CA ARG A 9 -28.47 14.59 40.71
C ARG A 9 -28.87 16.06 40.82
N LEU A 10 -28.24 16.93 40.02
CA LEU A 10 -28.61 18.33 40.04
C LEU A 10 -30.09 18.51 39.75
N LEU A 11 -30.59 17.85 38.71
CA LEU A 11 -32.01 17.94 38.38
C LEU A 11 -32.88 17.42 39.53
N GLU A 12 -32.60 16.20 39.99
CA GLU A 12 -33.35 15.64 41.09
C GLU A 12 -33.41 16.58 42.28
N ALA A 13 -32.42 17.45 42.44
CA ALA A 13 -32.48 18.46 43.48
C ALA A 13 -33.15 19.75 43.03
N ALA A 14 -33.32 19.94 41.72
CA ALA A 14 -33.91 21.16 41.20
C ALA A 14 -35.42 21.07 41.00
N VAL A 15 -35.99 19.86 40.96
CA VAL A 15 -37.42 19.71 40.67
C VAL A 15 -38.28 19.77 41.91
N GLN A 16 -37.70 20.08 43.06
CA GLN A 16 -38.49 20.24 44.29
C GLN A 16 -39.08 21.65 44.31
N GLN A 17 -39.79 22.01 43.25
CA GLN A 17 -40.32 23.35 43.06
C GLN A 17 -41.80 23.27 42.74
N HIS A 18 -42.53 24.30 43.12
CA HIS A 18 -43.97 24.35 42.85
C HIS A 18 -44.20 24.67 41.38
N SER A 19 -44.92 23.78 40.70
CA SER A 19 -45.21 23.94 39.28
C SER A 19 -46.66 23.57 39.05
N THR A 20 -47.02 23.45 37.77
CA THR A 20 -48.35 23.04 37.37
C THR A 20 -48.26 21.92 36.34
N MET A 21 -49.42 21.34 36.04
CA MET A 21 -49.53 20.21 35.13
C MET A 21 -48.62 20.34 33.91
N ILE A 22 -48.62 21.52 33.30
CA ILE A 22 -47.96 21.70 32.02
C ILE A 22 -46.45 21.67 32.19
N GLY A 23 -45.94 22.24 33.28
CA GLY A 23 -44.51 22.17 33.54
C GLY A 23 -44.04 20.74 33.73
N ARG A 24 -44.82 19.94 34.46
CA ARG A 24 -44.47 18.54 34.66
C ARG A 24 -44.50 17.77 33.34
N ILE A 25 -45.51 18.03 32.50
CA ILE A 25 -45.55 17.39 31.19
C ILE A 25 -44.31 17.76 30.38
N LEU A 26 -43.93 19.03 30.41
CA LEU A 26 -42.76 19.48 29.68
C LEU A 26 -41.50 18.78 30.17
N LEU A 27 -41.35 18.67 31.50
CA LEU A 27 -40.20 17.97 32.06
C LEU A 27 -40.17 16.53 31.61
N THR A 28 -41.31 15.85 31.68
CA THR A 28 -41.39 14.46 31.22
C THR A 28 -40.93 14.33 29.78
N VAL A 29 -41.42 15.20 28.91
CA VAL A 29 -41.10 15.10 27.49
C VAL A 29 -39.62 15.33 27.26
N VAL A 30 -39.05 16.37 27.90
CA VAL A 30 -37.64 16.65 27.71
C VAL A 30 -36.77 15.53 28.28
N VAL A 31 -37.27 14.84 29.30
CA VAL A 31 -36.45 13.82 29.96
C VAL A 31 -36.45 12.52 29.17
N ILE A 32 -37.60 12.13 28.62
CA ILE A 32 -37.69 10.83 27.96
C ILE A 32 -37.21 10.93 26.51
N PHE A 33 -37.89 11.75 25.70
CA PHE A 33 -37.65 11.76 24.27
C PHE A 33 -36.42 12.55 23.86
N ARG A 34 -35.73 13.20 24.80
CA ARG A 34 -34.58 14.03 24.47
C ARG A 34 -33.28 13.51 25.07
N ILE A 35 -33.27 13.23 26.37
CA ILE A 35 -32.03 12.81 27.03
C ILE A 35 -31.74 11.34 26.76
N LEU A 36 -32.66 10.46 27.13
CA LEU A 36 -32.41 9.03 27.01
C LEU A 36 -32.08 8.61 25.58
N ILE A 37 -32.46 9.41 24.60
CA ILE A 37 -32.11 9.10 23.21
C ILE A 37 -30.70 9.56 22.90
N VAL A 38 -30.32 10.74 23.42
CA VAL A 38 -28.99 11.28 23.13
C VAL A 38 -27.92 10.54 23.92
N ALA A 39 -28.23 10.12 25.14
CA ALA A 39 -27.23 9.46 25.97
C ALA A 39 -26.82 8.12 25.39
N ILE A 40 -27.78 7.37 24.85
CA ILE A 40 -27.59 5.97 24.52
C ILE A 40 -27.34 5.79 23.03
N VAL A 41 -28.31 6.19 22.20
CA VAL A 41 -28.27 5.90 20.77
C VAL A 41 -27.40 6.86 19.98
N GLY A 42 -26.82 7.88 20.62
CA GLY A 42 -26.24 8.97 19.89
C GLY A 42 -24.77 8.84 19.53
N GLU A 43 -23.94 8.56 20.54
CA GLU A 43 -22.50 8.67 20.36
C GLU A 43 -21.95 7.72 19.30
N THR A 44 -22.65 6.62 19.00
CA THR A 44 -22.10 5.60 18.13
C THR A 44 -22.42 5.81 16.65
N VAL A 45 -23.33 6.74 16.32
CA VAL A 45 -23.64 6.99 14.92
C VAL A 45 -22.62 7.92 14.30
N TYR A 46 -22.20 8.95 15.04
CA TYR A 46 -21.30 9.99 14.55
C TYR A 46 -19.87 9.75 14.98
N ASP A 47 -19.45 8.48 15.07
CA ASP A 47 -18.09 8.13 15.47
C ASP A 47 -17.19 7.81 14.28
N ASP A 48 -17.76 7.63 13.09
CA ASP A 48 -17.01 7.32 11.87
C ASP A 48 -17.41 8.29 10.76
N GLU A 49 -17.44 9.57 11.09
CA GLU A 49 -17.92 10.59 10.17
C GLU A 49 -16.82 11.22 9.33
N GLN A 50 -15.60 11.32 9.87
CA GLN A 50 -14.47 11.83 9.10
C GLN A 50 -13.61 10.73 8.51
N THR A 51 -13.78 9.50 8.98
CA THR A 51 -12.98 8.37 8.50
C THR A 51 -13.57 7.73 7.26
N MET A 52 -14.90 7.76 7.11
CA MET A 52 -15.59 7.20 5.96
C MET A 52 -16.04 8.27 4.97
N PHE A 53 -15.57 9.50 5.12
CA PHE A 53 -15.87 10.57 4.18
C PHE A 53 -14.69 10.71 3.23
N VAL A 54 -14.94 10.41 1.96
CA VAL A 54 -13.88 10.36 0.95
C VAL A 54 -14.31 11.17 -0.27
N CYS A 55 -13.38 11.91 -0.83
CA CYS A 55 -13.57 12.64 -2.07
C CYS A 55 -12.78 11.98 -3.19
N ASN A 56 -13.08 12.39 -4.42
CA ASN A 56 -12.50 11.78 -5.61
C ASN A 56 -11.38 12.69 -6.12
N THR A 57 -10.19 12.50 -5.56
CA THR A 57 -9.04 13.32 -5.92
C THR A 57 -7.82 12.79 -5.20
N LEU A 58 -6.64 13.22 -5.67
CA LEU A 58 -5.38 12.87 -5.07
C LEU A 58 -4.76 14.01 -4.27
N GLN A 59 -5.34 15.19 -4.32
CA GLN A 59 -4.77 16.36 -3.65
C GLN A 59 -4.83 16.18 -2.14
N PRO A 60 -3.70 16.24 -1.42
CA PRO A 60 -3.77 16.22 0.04
C PRO A 60 -4.37 17.51 0.58
N GLY A 61 -5.39 17.38 1.41
CA GLY A 61 -6.04 18.50 2.04
C GLY A 61 -7.41 18.87 1.50
N CYS A 62 -7.99 18.05 0.64
CA CYS A 62 -9.33 18.31 0.13
C CYS A 62 -10.40 17.71 1.03
N ASN A 63 -10.15 16.53 1.59
CA ASN A 63 -11.13 15.89 2.45
C ASN A 63 -11.41 16.72 3.69
N GLN A 64 -10.36 17.17 4.37
CA GLN A 64 -10.53 17.95 5.59
C GLN A 64 -11.33 19.23 5.31
N ALA A 65 -10.93 19.96 4.26
CA ALA A 65 -11.60 21.21 3.93
C ALA A 65 -13.05 20.99 3.58
N CYS A 66 -13.32 20.01 2.71
CA CYS A 66 -14.69 19.79 2.27
C CYS A 66 -15.57 19.28 3.41
N TYR A 67 -15.02 18.48 4.32
CA TYR A 67 -15.76 18.11 5.52
C TYR A 67 -16.10 19.34 6.35
N ASP A 68 -15.09 20.09 6.75
CA ASP A 68 -15.35 21.29 7.55
C ASP A 68 -16.32 22.24 6.87
N ARG A 69 -16.40 22.20 5.54
CA ARG A 69 -17.34 23.06 4.83
C ARG A 69 -18.73 22.47 4.78
N ALA A 70 -18.85 21.14 4.85
CA ALA A 70 -20.14 20.48 4.78
C ALA A 70 -20.79 20.34 6.16
N PHE A 71 -20.06 19.78 7.11
CA PHE A 71 -20.54 19.66 8.48
C PHE A 71 -19.69 20.51 9.43
N PRO A 72 -19.93 21.82 9.50
CA PRO A 72 -19.14 22.63 10.44
C PRO A 72 -19.30 22.21 11.88
N ILE A 73 -20.47 21.69 12.24
CA ILE A 73 -20.77 21.26 13.60
C ILE A 73 -21.64 20.02 13.53
N SER A 74 -21.27 18.98 14.27
CA SER A 74 -22.06 17.76 14.30
C SER A 74 -23.35 18.01 15.08
N HIS A 75 -24.39 17.28 14.67
CA HIS A 75 -25.71 17.51 15.25
C HIS A 75 -25.73 17.21 16.74
N ILE A 76 -24.97 16.20 17.16
CA ILE A 76 -25.09 15.68 18.52
C ILE A 76 -24.63 16.74 19.53
N ARG A 77 -23.58 17.48 19.20
CA ARG A 77 -23.11 18.53 20.10
C ARG A 77 -24.12 19.68 20.17
N TYR A 78 -24.72 20.03 19.04
CA TYR A 78 -25.79 21.02 19.02
C TYR A 78 -26.90 20.61 19.98
N TRP A 79 -27.30 19.34 19.94
CA TRP A 79 -28.42 18.90 20.77
C TRP A 79 -28.04 18.86 22.25
N VAL A 80 -26.80 18.48 22.55
CA VAL A 80 -26.33 18.51 23.94
C VAL A 80 -26.39 19.93 24.49
N PHE A 81 -25.81 20.88 23.75
CA PHE A 81 -25.87 22.27 24.16
C PHE A 81 -27.31 22.74 24.33
N GLN A 82 -28.19 22.34 23.41
CA GLN A 82 -29.60 22.67 23.52
C GLN A 82 -30.18 22.20 24.84
N ILE A 83 -29.93 20.93 25.18
CA ILE A 83 -30.44 20.37 26.43
C ILE A 83 -29.97 21.19 27.62
N ILE A 84 -28.66 21.46 27.67
CA ILE A 84 -28.10 22.14 28.84
C ILE A 84 -28.70 23.54 28.98
N MET A 85 -28.71 24.30 27.89
CA MET A 85 -29.23 25.66 27.94
C MET A 85 -30.72 25.69 28.21
N VAL A 86 -31.45 24.63 27.87
CA VAL A 86 -32.88 24.62 28.16
C VAL A 86 -33.13 24.26 29.61
N CYS A 87 -32.26 23.45 30.22
CA CYS A 87 -32.46 23.04 31.61
C CYS A 87 -31.89 24.04 32.61
N THR A 88 -31.01 24.94 32.19
CA THR A 88 -30.39 25.89 33.11
C THR A 88 -31.40 26.64 33.99
N PRO A 89 -32.41 27.30 33.40
CA PRO A 89 -33.30 28.15 34.19
C PRO A 89 -33.95 27.43 35.35
N SER A 90 -34.09 26.11 35.25
CA SER A 90 -34.59 25.31 36.36
C SER A 90 -33.50 24.94 37.34
N LEU A 91 -32.23 25.00 36.92
CA LEU A 91 -31.12 24.80 37.83
C LEU A 91 -30.87 26.02 38.70
N CYS A 92 -31.15 27.21 38.18
CA CYS A 92 -30.94 28.43 38.96
C CYS A 92 -31.78 28.46 40.24
N PHE A 93 -32.73 27.56 40.40
CA PHE A 93 -33.53 27.54 41.61
C PHE A 93 -32.70 27.12 42.82
N ILE A 94 -31.72 26.24 42.62
CA ILE A 94 -30.83 25.85 43.71
C ILE A 94 -30.15 27.09 44.30
N THR A 95 -29.82 28.05 43.44
CA THR A 95 -29.15 29.26 43.90
C THR A 95 -30.15 30.25 44.48
N TYR A 96 -31.32 30.35 43.88
CA TYR A 96 -32.30 31.32 44.36
C TYR A 96 -32.94 30.90 45.68
N SER A 97 -32.88 29.61 46.02
CA SER A 97 -33.58 29.15 47.23
C SER A 97 -32.87 29.63 48.49
N VAL A 98 -31.60 29.26 48.67
CA VAL A 98 -30.91 29.54 49.92
C VAL A 98 -30.90 31.03 50.23
N HIS A 99 -31.02 31.87 49.20
CA HIS A 99 -31.05 33.30 49.44
C HIS A 99 -32.13 33.68 50.44
N GLN A 100 -33.36 33.21 50.22
CA GLN A 100 -34.45 33.52 51.14
C GLN A 100 -34.20 32.92 52.52
N SER A 101 -33.51 31.79 52.58
CA SER A 101 -33.23 31.14 53.85
C SER A 101 -32.35 32.02 54.74
N SER A 196 -42.68 34.09 43.09
CA SER A 196 -43.46 33.74 41.91
C SER A 196 -42.86 34.40 40.68
N ARG A 197 -42.49 35.67 40.81
CA ARG A 197 -41.85 36.43 39.75
C ARG A 197 -40.79 35.59 39.03
N PHE A 198 -39.95 34.93 39.82
CA PHE A 198 -38.94 34.04 39.26
C PHE A 198 -39.54 33.05 38.28
N TYR A 199 -40.74 32.54 38.60
CA TYR A 199 -41.46 31.66 37.68
C TYR A 199 -41.65 32.34 36.33
N ILE A 200 -42.12 33.59 36.34
CA ILE A 200 -42.37 34.31 35.10
C ILE A 200 -41.09 34.44 34.30
N ILE A 201 -40.00 34.84 34.97
CA ILE A 201 -38.73 35.03 34.28
C ILE A 201 -38.28 33.73 33.63
N GLN A 202 -38.28 32.65 34.41
CA GLN A 202 -37.91 31.34 33.89
C GLN A 202 -38.71 31.00 32.64
N VAL A 203 -40.04 31.18 32.72
CA VAL A 203 -40.90 30.80 31.61
C VAL A 203 -40.51 31.56 30.34
N VAL A 204 -40.40 32.88 30.44
CA VAL A 204 -40.12 33.68 29.25
C VAL A 204 -38.77 33.32 28.66
N PHE A 205 -37.77 33.12 29.52
CA PHE A 205 -36.44 32.78 29.00
C PHE A 205 -36.47 31.43 28.31
N ARG A 206 -37.22 30.47 28.85
CA ARG A 206 -37.33 29.18 28.20
C ARG A 206 -37.97 29.32 26.82
N ASN A 207 -39.05 30.10 26.72
CA ASN A 207 -39.65 30.37 25.43
C ASN A 207 -38.59 30.84 24.44
N ALA A 208 -37.85 31.87 24.82
CA ALA A 208 -36.87 32.47 23.92
C ALA A 208 -35.84 31.45 23.47
N LEU A 209 -35.27 30.70 24.42
CA LEU A 209 -34.21 29.76 24.08
C LEU A 209 -34.72 28.68 23.14
N GLU A 210 -35.89 28.11 23.43
CA GLU A 210 -36.43 27.06 22.58
C GLU A 210 -36.64 27.56 21.16
N ILE A 211 -37.30 28.71 21.02
CA ILE A 211 -37.55 29.24 19.67
C ILE A 211 -36.24 29.46 18.93
N GLY A 212 -35.28 30.10 19.59
CA GLY A 212 -34.01 30.38 18.94
C GLY A 212 -33.32 29.13 18.47
N PHE A 213 -33.33 28.08 19.29
CA PHE A 213 -32.64 26.86 18.91
C PHE A 213 -33.33 26.15 17.76
N LEU A 214 -34.67 26.14 17.76
CA LEU A 214 -35.38 25.55 16.63
C LEU A 214 -35.05 26.28 15.34
N VAL A 215 -35.07 27.60 15.37
CA VAL A 215 -34.79 28.38 14.15
C VAL A 215 -33.37 28.13 13.68
N GLY A 216 -32.41 28.16 14.60
CA GLY A 216 -31.04 27.86 14.23
C GLY A 216 -30.88 26.48 13.62
N GLN A 217 -31.64 25.52 14.15
CA GLN A 217 -31.60 24.17 13.60
C GLN A 217 -32.09 24.17 12.15
N TYR A 218 -33.20 24.87 11.88
CA TYR A 218 -33.68 24.90 10.51
C TYR A 218 -32.69 25.59 9.59
N PHE A 219 -32.00 26.62 10.09
CA PHE A 219 -31.12 27.40 9.22
C PHE A 219 -29.75 26.76 9.00
N LEU A 220 -29.31 25.88 9.91
CA LEU A 220 -28.01 25.24 9.75
C LEU A 220 -28.07 23.98 8.91
N TYR A 221 -28.89 23.01 9.33
CA TYR A 221 -28.88 21.68 8.74
C TYR A 221 -30.01 21.49 7.73
N GLY A 222 -31.25 21.76 8.13
CA GLY A 222 -32.37 21.62 7.24
C GLY A 222 -33.30 20.48 7.61
N PHE A 223 -33.79 19.76 6.61
CA PHE A 223 -34.69 18.63 6.82
C PHE A 223 -34.12 17.32 6.30
N SER A 224 -32.93 17.33 5.71
CA SER A 224 -32.41 16.15 5.05
C SER A 224 -30.89 16.18 5.03
N VAL A 225 -30.30 14.99 4.97
CA VAL A 225 -28.86 14.83 4.82
C VAL A 225 -28.61 13.96 3.59
N PRO A 226 -28.08 14.51 2.51
CA PRO A 226 -27.91 13.74 1.29
C PRO A 226 -26.55 13.02 1.25
N GLY A 227 -26.42 12.13 0.28
CA GLY A 227 -25.23 11.31 0.15
C GLY A 227 -24.26 11.83 -0.89
N LEU A 228 -24.37 13.12 -1.21
CA LEU A 228 -23.49 13.74 -2.18
C LEU A 228 -23.26 15.19 -1.79
N TYR A 229 -22.03 15.66 -2.01
CA TYR A 229 -21.69 17.06 -1.82
C TYR A 229 -20.73 17.49 -2.91
N GLU A 230 -20.84 18.75 -3.33
CA GLU A 230 -19.95 19.35 -4.31
C GLU A 230 -19.11 20.40 -3.60
N CYS A 231 -17.80 20.28 -3.71
CA CYS A 231 -16.85 21.08 -2.94
C CYS A 231 -15.95 21.87 -3.87
N ASN A 232 -15.81 23.16 -3.61
CA ASN A 232 -14.98 24.06 -4.41
C ASN A 232 -14.18 24.98 -3.49
N ARG A 233 -13.60 24.42 -2.43
CA ARG A 233 -12.76 25.16 -1.51
C ARG A 233 -11.31 24.74 -1.69
N TYR A 234 -10.42 25.73 -1.67
CA TYR A 234 -8.99 25.45 -1.77
C TYR A 234 -8.62 24.33 -0.79
N PRO A 235 -7.72 23.41 -1.16
CA PRO A 235 -6.94 23.28 -2.40
C PRO A 235 -7.60 22.52 -3.55
N CYS A 236 -8.87 22.16 -3.42
CA CYS A 236 -9.52 21.34 -4.43
C CYS A 236 -9.65 22.11 -5.74
N ILE A 237 -9.53 21.40 -6.86
CA ILE A 237 -9.35 22.02 -8.18
C ILE A 237 -10.73 22.23 -8.79
N LYS A 238 -11.30 23.40 -8.53
CA LYS A 238 -12.45 23.98 -9.23
C LYS A 238 -13.78 23.30 -8.91
N GLU A 239 -13.75 22.05 -8.49
CA GLU A 239 -14.92 21.35 -7.95
C GLU A 239 -14.56 19.89 -7.74
N VAL A 240 -15.23 19.22 -6.80
CA VAL A 240 -15.07 17.77 -6.62
C VAL A 240 -16.32 17.21 -5.97
N GLU A 241 -16.57 15.94 -6.23
CA GLU A 241 -17.65 15.21 -5.59
C GLU A 241 -17.13 14.52 -4.35
N CYS A 242 -17.88 14.63 -3.26
CA CYS A 242 -17.52 14.05 -1.99
C CYS A 242 -18.72 13.29 -1.44
N TYR A 243 -18.47 12.10 -0.91
CA TYR A 243 -19.52 11.16 -0.53
C TYR A 243 -19.62 11.06 0.99
N VAL A 244 -20.83 10.77 1.46
CA VAL A 244 -21.16 10.83 2.88
C VAL A 244 -21.49 9.42 3.36
N SER A 245 -21.39 9.23 4.67
CA SER A 245 -21.65 7.95 5.32
C SER A 245 -22.96 8.00 6.09
N ARG A 246 -23.65 6.87 6.13
CA ARG A 246 -24.93 6.70 6.82
C ARG A 246 -25.81 7.94 6.66
N PRO A 247 -26.25 8.26 5.45
CA PRO A 247 -27.09 9.45 5.25
C PRO A 247 -28.58 9.23 5.44
N THR A 248 -29.00 8.03 5.87
CA THR A 248 -30.40 7.75 6.13
C THR A 248 -30.71 7.58 7.61
N GLU A 249 -29.71 7.30 8.44
CA GLU A 249 -29.89 7.14 9.87
C GLU A 249 -29.80 8.45 10.63
N LYS A 250 -29.37 9.53 9.97
CA LYS A 250 -29.33 10.86 10.57
C LYS A 250 -30.53 11.71 10.24
N THR A 251 -31.11 11.52 9.05
CA THR A 251 -32.35 12.22 8.71
C THR A 251 -33.45 11.90 9.70
N VAL A 252 -33.54 10.63 10.12
CA VAL A 252 -34.54 10.24 11.10
C VAL A 252 -34.35 11.01 12.40
N PHE A 253 -33.11 11.08 12.89
CA PHE A 253 -32.81 11.87 14.08
C PHE A 253 -33.26 13.31 13.89
N LEU A 254 -32.87 13.92 12.77
CA LEU A 254 -33.26 15.30 12.49
C LEU A 254 -34.76 15.50 12.62
N VAL A 255 -35.53 14.65 11.95
CA VAL A 255 -36.98 14.81 11.92
C VAL A 255 -37.56 14.64 13.32
N PHE A 256 -37.13 13.58 14.02
CA PHE A 256 -37.62 13.33 15.37
C PHE A 256 -37.37 14.53 16.28
N MET A 257 -36.16 15.10 16.21
CA MET A 257 -35.82 16.22 17.07
C MET A 257 -36.62 17.46 16.71
N PHE A 258 -36.81 17.71 15.42
CA PHE A 258 -37.66 18.82 15.00
C PHE A 258 -39.06 18.69 15.60
N ALA A 259 -39.63 17.49 15.54
CA ALA A 259 -40.97 17.27 16.08
C ALA A 259 -41.00 17.56 17.58
N VAL A 260 -40.04 17.01 18.32
CA VAL A 260 -40.02 17.21 19.77
C VAL A 260 -39.91 18.69 20.10
N SER A 261 -39.02 19.41 19.39
CA SER A 261 -38.87 20.84 19.64
C SER A 261 -40.17 21.58 19.37
N GLY A 262 -40.86 21.24 18.28
CA GLY A 262 -42.14 21.87 18.01
C GLY A 262 -43.13 21.67 19.14
N ILE A 263 -43.22 20.43 19.63
CA ILE A 263 -44.15 20.13 20.71
C ILE A 263 -43.81 20.96 21.95
N CYS A 264 -42.51 21.05 22.28
CA CYS A 264 -42.13 21.78 23.47
C CYS A 264 -42.42 23.27 23.33
N VAL A 265 -42.21 23.83 22.14
CA VAL A 265 -42.55 25.23 21.91
C VAL A 265 -44.05 25.44 22.12
N VAL A 266 -44.86 24.53 21.58
CA VAL A 266 -46.32 24.64 21.75
C VAL A 266 -46.67 24.65 23.23
N LEU A 267 -46.08 23.73 23.99
CA LEU A 267 -46.41 23.65 25.41
C LEU A 267 -45.97 24.90 26.16
N ASN A 268 -44.81 25.45 25.80
CA ASN A 268 -44.35 26.66 26.46
C ASN A 268 -45.31 27.83 26.20
N LEU A 269 -45.72 27.99 24.93
CA LEU A 269 -46.67 29.05 24.62
C LEU A 269 -48.00 28.83 25.35
N ALA A 270 -48.43 27.58 25.46
CA ALA A 270 -49.65 27.27 26.21
C ALA A 270 -49.52 27.72 27.67
N GLU A 271 -48.38 27.40 28.29
CA GLU A 271 -48.17 27.84 29.67
C GLU A 271 -48.13 29.35 29.77
N LEU A 272 -47.66 30.02 28.72
CA LEU A 272 -47.63 31.48 28.72
C LEU A 272 -49.05 32.05 28.71
N ASN A 273 -49.85 31.65 27.73
CA ASN A 273 -51.22 32.17 27.64
C ASN A 273 -52.02 31.92 28.90
N HIS A 274 -51.60 30.98 29.74
CA HIS A 274 -52.27 30.68 31.01
C HIS A 274 -51.79 31.58 32.14
N LEU A 275 -51.21 32.72 31.82
CA LEU A 275 -50.57 33.58 32.80
C LEU A 275 -51.10 35.00 32.80
N GLY A 276 -51.45 35.54 31.63
CA GLY A 276 -51.96 36.89 31.53
C GLY A 276 -51.00 37.82 30.80
N GLY B 2 -12.33 10.25 32.10
CA GLY B 2 -11.81 10.56 33.42
C GLY B 2 -12.83 10.31 34.52
N GLU B 3 -12.42 10.57 35.76
CA GLU B 3 -13.27 10.37 36.94
C GLU B 3 -13.57 11.73 37.54
N TRP B 4 -14.71 12.30 37.16
CA TRP B 4 -15.12 13.61 37.63
C TRP B 4 -16.00 13.56 38.88
N THR B 5 -16.21 12.37 39.45
CA THR B 5 -17.06 12.26 40.63
C THR B 5 -16.32 12.66 41.89
N ILE B 6 -15.00 12.42 41.94
CA ILE B 6 -14.21 12.82 43.09
C ILE B 6 -14.31 14.33 43.30
N LEU B 7 -14.11 15.08 42.22
CA LEU B 7 -14.28 16.53 42.27
C LEU B 7 -15.67 16.90 42.74
N GLU B 8 -16.69 16.17 42.27
CA GLU B 8 -18.06 16.46 42.66
C GLU B 8 -18.22 16.35 44.18
N ARG B 9 -17.76 15.24 44.76
CA ARG B 9 -17.92 15.04 46.19
C ARG B 9 -17.11 16.06 46.99
N LEU B 10 -15.86 16.29 46.59
CA LEU B 10 -15.05 17.29 47.27
C LEU B 10 -15.73 18.65 47.28
N LEU B 11 -16.22 19.08 46.11
CA LEU B 11 -16.92 20.36 46.05
C LEU B 11 -18.16 20.36 46.93
N GLU B 12 -19.01 19.34 46.79
CA GLU B 12 -20.22 19.26 47.61
C GLU B 12 -19.89 19.37 49.08
N ALA B 13 -18.68 18.97 49.48
CA ALA B 13 -18.25 19.15 50.87
C ALA B 13 -17.58 20.49 51.12
N ALA B 14 -17.17 21.19 50.06
CA ALA B 14 -16.47 22.46 50.19
C ALA B 14 -17.39 23.68 50.16
N VAL B 15 -18.63 23.53 49.68
CA VAL B 15 -19.51 24.68 49.52
C VAL B 15 -20.34 24.96 50.77
N GLN B 16 -20.09 24.26 51.87
CA GLN B 16 -20.79 24.52 53.12
C GLN B 16 -20.11 25.69 53.83
N GLN B 17 -19.96 26.80 53.13
CA GLN B 17 -19.24 27.97 53.61
C GLN B 17 -20.12 29.19 53.51
N HIS B 18 -19.85 30.17 54.37
CA HIS B 18 -20.59 31.42 54.34
C HIS B 18 -20.14 32.26 53.15
N SER B 19 -21.08 32.59 52.27
CA SER B 19 -20.81 33.35 51.07
C SER B 19 -21.88 34.41 50.89
N THR B 20 -21.82 35.11 49.77
CA THR B 20 -22.80 36.13 49.41
C THR B 20 -23.30 35.87 48.00
N MET B 21 -24.32 36.62 47.61
CA MET B 21 -24.96 36.47 46.30
C MET B 21 -23.94 36.24 45.19
N ILE B 22 -22.88 37.04 45.17
CA ILE B 22 -21.98 37.05 44.03
C ILE B 22 -21.14 35.78 43.99
N GLY B 23 -20.73 35.28 45.16
CA GLY B 23 -20.00 34.02 45.20
C GLY B 23 -20.84 32.87 44.67
N ARG B 24 -22.12 32.83 45.05
CA ARG B 24 -23.01 31.79 44.56
C ARG B 24 -23.21 31.89 43.06
N ILE B 25 -23.38 33.12 42.54
CA ILE B 25 -23.51 33.29 41.10
C ILE B 25 -22.25 32.81 40.39
N LEU B 26 -21.09 33.14 40.94
CA LEU B 26 -19.84 32.70 40.33
C LEU B 26 -19.73 31.18 40.31
N LEU B 27 -20.10 30.53 41.42
CA LEU B 27 -20.07 29.08 41.47
C LEU B 27 -21.02 28.48 40.44
N THR B 28 -22.23 29.02 40.34
CA THR B 28 -23.18 28.55 39.35
C THR B 28 -22.59 28.62 37.95
N VAL B 29 -21.99 29.76 37.61
CA VAL B 29 -21.46 29.95 36.26
C VAL B 29 -20.33 28.97 35.99
N VAL B 30 -19.40 28.85 36.94
CA VAL B 30 -18.26 27.95 36.74
C VAL B 30 -18.73 26.50 36.66
N VAL B 31 -19.86 26.18 37.28
CA VAL B 31 -20.30 24.80 37.30
C VAL B 31 -21.05 24.44 36.02
N ILE B 32 -21.91 25.33 35.53
CA ILE B 32 -22.74 24.98 34.38
C ILE B 32 -21.98 25.20 33.08
N PHE B 33 -21.55 26.44 32.81
CA PHE B 33 -21.05 26.79 31.49
C PHE B 33 -19.60 26.38 31.27
N ARG B 34 -18.92 25.85 32.28
CA ARG B 34 -17.51 25.51 32.13
C ARG B 34 -17.24 24.02 32.32
N ILE B 35 -17.77 23.42 33.39
CA ILE B 35 -17.50 22.01 33.67
C ILE B 35 -18.32 21.12 32.76
N LEU B 36 -19.65 21.21 32.85
CA LEU B 36 -20.51 20.29 32.12
C LEU B 36 -20.22 20.29 30.63
N ILE B 37 -19.65 21.36 30.09
CA ILE B 37 -19.26 21.37 28.68
C ILE B 37 -18.00 20.54 28.48
N VAL B 38 -16.98 20.78 29.30
CA VAL B 38 -15.71 20.09 29.13
C VAL B 38 -15.87 18.59 29.38
N ALA B 39 -16.65 18.22 30.38
CA ALA B 39 -16.78 16.81 30.73
C ALA B 39 -17.39 16.01 29.59
N ILE B 40 -18.38 16.58 28.92
CA ILE B 40 -19.22 15.84 27.98
C ILE B 40 -18.78 16.09 26.54
N VAL B 41 -18.81 17.35 26.12
CA VAL B 41 -18.61 17.71 24.72
C VAL B 41 -17.15 17.81 24.31
N GLY B 42 -16.21 17.60 25.22
CA GLY B 42 -14.84 17.97 24.97
C GLY B 42 -13.95 16.89 24.40
N GLU B 43 -13.95 15.72 25.04
CA GLU B 43 -12.93 14.71 24.74
C GLU B 43 -13.02 14.18 23.31
N THR B 44 -14.17 14.28 22.66
CA THR B 44 -14.35 13.65 21.35
C THR B 44 -13.97 14.55 20.18
N VAL B 45 -13.77 15.85 20.40
CA VAL B 45 -13.38 16.72 19.31
C VAL B 45 -11.88 16.61 19.04
N TYR B 46 -11.08 16.55 20.10
CA TYR B 46 -9.62 16.54 20.00
C TYR B 46 -9.04 15.14 20.10
N ASP B 47 -9.75 14.14 19.56
CA ASP B 47 -9.29 12.76 19.57
C ASP B 47 -8.58 12.35 18.30
N ASP B 48 -8.82 13.06 17.19
CA ASP B 48 -8.20 12.75 15.92
C ASP B 48 -7.40 13.94 15.41
N GLU B 49 -6.59 14.54 16.29
CA GLU B 49 -5.88 15.76 15.96
C GLU B 49 -4.51 15.51 15.34
N GLN B 50 -3.84 14.43 15.73
CA GLN B 50 -2.57 14.06 15.14
C GLN B 50 -2.70 13.05 14.02
N THR B 51 -3.85 12.39 13.90
CA THR B 51 -4.05 11.37 12.89
C THR B 51 -4.55 11.95 11.57
N MET B 52 -5.28 13.05 11.61
CA MET B 52 -5.79 13.72 10.42
C MET B 52 -5.00 14.96 10.07
N PHE B 53 -3.83 15.15 10.66
CA PHE B 53 -2.94 16.26 10.35
C PHE B 53 -1.87 15.76 9.40
N VAL B 54 -1.86 16.27 8.18
CA VAL B 54 -0.98 15.78 7.13
C VAL B 54 -0.30 16.96 6.47
N CYS B 55 0.99 16.79 6.16
CA CYS B 55 1.78 17.76 5.42
C CYS B 55 2.10 17.20 4.03
N ASN B 56 2.50 18.10 3.14
CA ASN B 56 2.75 17.76 1.74
C ASN B 56 4.25 17.52 1.56
N THR B 57 4.68 16.30 1.85
CA THR B 57 6.09 15.94 1.74
C THR B 57 6.22 14.44 1.97
N LEU B 58 7.38 13.92 1.61
CA LEU B 58 7.73 12.52 1.83
C LEU B 58 8.72 12.33 2.97
N GLN B 59 9.29 13.40 3.49
CA GLN B 59 10.30 13.29 4.53
C GLN B 59 9.71 12.69 5.81
N PRO B 60 10.24 11.58 6.31
CA PRO B 60 9.78 11.09 7.61
C PRO B 60 10.16 12.05 8.72
N GLY B 61 9.19 12.34 9.59
CA GLY B 61 9.42 13.21 10.71
C GLY B 61 9.07 14.66 10.48
N CYS B 62 8.30 14.97 9.44
CA CYS B 62 7.87 16.33 9.19
C CYS B 62 6.49 16.65 9.73
N ASN B 63 5.69 15.63 10.05
CA ASN B 63 4.38 15.87 10.65
C ASN B 63 4.46 16.03 12.16
N GLN B 64 5.26 15.20 12.83
CA GLN B 64 5.40 15.31 14.28
C GLN B 64 5.95 16.67 14.67
N ALA B 65 7.01 17.11 14.00
CA ALA B 65 7.64 18.38 14.34
C ALA B 65 6.69 19.54 14.12
N CYS B 66 6.05 19.59 12.95
CA CYS B 66 5.17 20.70 12.64
C CYS B 66 3.94 20.71 13.52
N TYR B 67 3.42 19.54 13.89
CA TYR B 67 2.35 19.49 14.88
C TYR B 67 2.80 20.09 16.20
N ASP B 68 3.89 19.55 16.77
CA ASP B 68 4.38 20.07 18.05
C ASP B 68 4.67 21.57 17.97
N ARG B 69 4.97 22.08 16.78
CA ARG B 69 5.25 23.50 16.62
C ARG B 69 3.99 24.32 16.50
N ALA B 70 2.90 23.72 16.00
CA ALA B 70 1.65 24.45 15.82
C ALA B 70 0.77 24.38 17.06
N PHE B 71 0.53 23.18 17.57
CA PHE B 71 -0.23 22.99 18.80
C PHE B 71 0.65 22.41 19.89
N PRO B 72 1.46 23.24 20.56
CA PRO B 72 2.31 22.69 21.63
C PRO B 72 1.50 22.10 22.77
N ILE B 73 0.31 22.62 23.02
CA ILE B 73 -0.57 22.13 24.07
C ILE B 73 -2.00 22.24 23.59
N SER B 74 -2.75 21.15 23.71
CA SER B 74 -4.14 21.15 23.31
C SER B 74 -4.96 22.04 24.25
N HIS B 75 -6.10 22.50 23.75
CA HIS B 75 -6.89 23.47 24.49
C HIS B 75 -7.56 22.81 25.70
N ILE B 76 -8.00 21.57 25.54
CA ILE B 76 -8.84 20.93 26.53
C ILE B 76 -8.10 20.76 27.86
N ARG B 77 -6.81 20.40 27.79
CA ARG B 77 -6.00 20.25 28.99
C ARG B 77 -5.70 21.58 29.67
N TYR B 78 -5.44 22.62 28.88
CA TYR B 78 -5.37 23.97 29.43
C TYR B 78 -6.61 24.33 30.21
N TRP B 79 -7.80 24.01 29.68
CA TRP B 79 -9.04 24.37 30.37
C TRP B 79 -9.25 23.52 31.62
N VAL B 80 -8.87 22.24 31.57
CA VAL B 80 -8.96 21.39 32.76
C VAL B 80 -8.09 21.96 33.88
N PHE B 81 -6.83 22.25 33.57
CA PHE B 81 -5.94 22.86 34.55
C PHE B 81 -6.53 24.16 35.08
N GLN B 82 -7.08 24.98 34.20
CA GLN B 82 -7.74 26.22 34.61
C GLN B 82 -8.80 25.94 35.67
N ILE B 83 -9.68 24.98 35.39
CA ILE B 83 -10.76 24.65 36.31
C ILE B 83 -10.20 24.26 37.67
N ILE B 84 -9.23 23.36 37.68
CA ILE B 84 -8.71 22.85 38.95
C ILE B 84 -8.08 23.96 39.76
N MET B 85 -7.22 24.76 39.11
CA MET B 85 -6.53 25.83 39.83
C MET B 85 -7.48 26.91 40.29
N VAL B 86 -8.62 27.07 39.59
CA VAL B 86 -9.58 28.07 40.03
C VAL B 86 -10.41 27.56 41.20
N CYS B 87 -10.64 26.25 41.28
CA CYS B 87 -11.45 25.71 42.36
C CYS B 87 -10.66 25.40 43.63
N THR B 88 -9.33 25.31 43.54
CA THR B 88 -8.53 24.98 44.72
C THR B 88 -8.82 25.86 45.94
N PRO B 89 -8.80 27.19 45.84
CA PRO B 89 -8.96 28.02 47.05
C PRO B 89 -10.22 27.73 47.82
N SER B 90 -11.26 27.26 47.14
CA SER B 90 -12.47 26.84 47.81
C SER B 90 -12.34 25.45 48.41
N LEU B 91 -11.36 24.66 47.96
CA LEU B 91 -11.11 23.36 48.54
C LEU B 91 -10.30 23.46 49.82
N CYS B 92 -9.43 24.45 49.92
CA CYS B 92 -8.63 24.61 51.14
C CYS B 92 -9.47 24.82 52.40
N PHE B 93 -10.77 25.08 52.25
CA PHE B 93 -11.62 25.26 53.42
C PHE B 93 -11.79 23.96 54.20
N ILE B 94 -11.81 22.82 53.49
CA ILE B 94 -11.91 21.52 54.16
C ILE B 94 -10.81 21.37 55.20
N THR B 95 -9.64 21.98 54.94
CA THR B 95 -8.52 21.91 55.85
C THR B 95 -8.59 23.01 56.91
N TYR B 96 -8.89 24.24 56.49
CA TYR B 96 -8.96 25.33 57.47
C TYR B 96 -9.98 25.03 58.56
N SER B 97 -11.13 24.47 58.19
CA SER B 97 -12.17 24.19 59.18
C SER B 97 -11.67 23.21 60.22
N VAL B 98 -11.28 22.01 59.79
CA VAL B 98 -10.76 21.02 60.73
C VAL B 98 -9.63 21.59 61.57
N HIS B 99 -8.86 22.52 61.01
CA HIS B 99 -7.82 23.15 61.81
C HIS B 99 -8.44 23.98 62.93
N GLN B 100 -9.50 24.71 62.63
CA GLN B 100 -10.16 25.54 63.63
C GLN B 100 -11.09 24.77 64.55
N SER B 101 -11.08 23.45 64.50
CA SER B 101 -11.94 22.65 65.38
C SER B 101 -11.15 22.13 66.57
N SER B 196 -12.68 35.25 58.72
CA SER B 196 -13.08 36.06 57.58
C SER B 196 -11.88 36.37 56.69
N ARG B 197 -10.74 36.64 57.33
CA ARG B 197 -9.48 36.89 56.63
C ARG B 197 -9.28 35.89 55.49
N PHE B 198 -9.51 34.61 55.79
CA PHE B 198 -9.38 33.57 54.77
C PHE B 198 -10.22 33.91 53.54
N TYR B 199 -11.41 34.48 53.75
CA TYR B 199 -12.24 34.93 52.65
C TYR B 199 -11.47 35.91 51.76
N ILE B 200 -10.83 36.90 52.38
CA ILE B 200 -10.10 37.91 51.63
C ILE B 200 -9.00 37.26 50.81
N ILE B 201 -8.24 36.36 51.44
CA ILE B 201 -7.12 35.72 50.76
C ILE B 201 -7.63 34.94 49.55
N GLN B 202 -8.65 34.11 49.77
CA GLN B 202 -9.26 33.35 48.68
C GLN B 202 -9.65 34.26 47.53
N VAL B 203 -10.34 35.35 47.84
CA VAL B 203 -10.83 36.25 46.80
C VAL B 203 -9.67 36.76 45.96
N VAL B 204 -8.65 37.34 46.62
CA VAL B 204 -7.56 37.96 45.87
C VAL B 204 -6.84 36.91 45.01
N PHE B 205 -6.62 35.71 45.56
CA PHE B 205 -5.92 34.69 44.79
C PHE B 205 -6.75 34.27 43.58
N ARG B 206 -8.07 34.17 43.73
CA ARG B 206 -8.91 33.86 42.60
C ARG B 206 -8.80 34.92 41.51
N ASN B 207 -8.85 36.20 41.90
CA ASN B 207 -8.65 37.28 40.95
C ASN B 207 -7.37 37.04 40.14
N ALA B 208 -6.26 36.84 40.86
CA ALA B 208 -4.97 36.71 40.19
C ALA B 208 -4.98 35.54 39.20
N LEU B 209 -5.45 34.38 39.65
CA LEU B 209 -5.41 33.20 38.80
C LEU B 209 -6.26 33.39 37.55
N GLU B 210 -7.47 33.92 37.71
CA GLU B 210 -8.34 34.11 36.56
C GLU B 210 -7.71 35.04 35.54
N ILE B 211 -7.20 36.19 36.00
CA ILE B 211 -6.59 37.14 35.07
C ILE B 211 -5.41 36.50 34.34
N GLY B 212 -4.55 35.82 35.09
CA GLY B 212 -3.39 35.20 34.48
C GLY B 212 -3.76 34.20 33.42
N PHE B 213 -4.78 33.39 33.69
CA PHE B 213 -5.15 32.35 32.73
C PHE B 213 -5.78 32.96 31.48
N LEU B 214 -6.60 34.00 31.64
CA LEU B 214 -7.16 34.67 30.47
C LEU B 214 -6.05 35.24 29.59
N VAL B 215 -5.08 35.92 30.22
CA VAL B 215 -4.00 36.53 29.44
C VAL B 215 -3.18 35.46 28.73
N GLY B 216 -2.85 34.38 29.44
CA GLY B 216 -2.13 33.29 28.80
C GLY B 216 -2.89 32.70 27.64
N GLN B 217 -4.21 32.61 27.77
CA GLN B 217 -5.03 32.09 26.68
C GLN B 217 -4.93 33.00 25.46
N TYR B 218 -5.00 34.32 25.67
CA TYR B 218 -4.88 35.23 24.54
C TYR B 218 -3.51 35.13 23.90
N PHE B 219 -2.46 34.91 24.70
CA PHE B 219 -1.11 34.92 24.16
C PHE B 219 -0.70 33.61 23.51
N LEU B 220 -1.32 32.49 23.89
CA LEU B 220 -0.97 31.21 23.30
C LEU B 220 -1.71 30.93 21.99
N TYR B 221 -3.05 30.93 22.04
CA TYR B 221 -3.87 30.47 20.94
C TYR B 221 -4.40 31.63 20.10
N GLY B 222 -5.05 32.59 20.73
CA GLY B 222 -5.60 33.72 20.02
C GLY B 222 -7.12 33.71 19.96
N PHE B 223 -7.67 34.10 18.80
CA PHE B 223 -9.11 34.15 18.61
C PHE B 223 -9.58 33.22 17.50
N SER B 224 -8.67 32.51 16.83
CA SER B 224 -9.04 31.74 15.65
C SER B 224 -8.12 30.55 15.51
N VAL B 225 -8.62 29.54 14.78
CA VAL B 225 -7.84 28.36 14.43
C VAL B 225 -7.98 28.17 12.92
N PRO B 226 -6.95 28.43 12.13
CA PRO B 226 -7.09 28.34 10.68
C PRO B 226 -6.79 26.94 10.16
N GLY B 227 -7.09 26.75 8.88
CA GLY B 227 -6.93 25.44 8.26
C GLY B 227 -5.66 25.31 7.46
N LEU B 228 -4.69 26.17 7.73
CA LEU B 228 -3.41 26.15 7.05
C LEU B 228 -2.30 26.54 8.00
N TYR B 229 -1.14 25.91 7.86
CA TYR B 229 0.04 26.28 8.61
C TYR B 229 1.26 26.15 7.71
N GLU B 230 2.23 27.04 7.89
CA GLU B 230 3.49 27.01 7.17
C GLU B 230 4.58 26.60 8.13
N CYS B 231 5.31 25.54 7.79
CA CYS B 231 6.29 24.94 8.69
C CYS B 231 7.68 25.01 8.08
N ASN B 232 8.65 25.43 8.89
CA ASN B 232 10.04 25.58 8.47
C ASN B 232 10.97 25.06 9.56
N ARG B 233 10.66 23.90 10.12
CA ARG B 233 11.44 23.31 11.20
C ARG B 233 12.02 21.99 10.74
N TYR B 234 13.29 21.77 11.08
CA TYR B 234 13.95 20.50 10.79
C TYR B 234 13.10 19.35 11.32
N PRO B 235 13.05 18.21 10.62
CA PRO B 235 13.71 17.79 9.38
C PRO B 235 13.16 18.38 8.10
N CYS B 236 12.01 19.06 8.20
CA CYS B 236 11.34 19.54 7.00
C CYS B 236 12.25 20.45 6.20
N ILE B 237 12.14 20.36 4.87
CA ILE B 237 12.84 21.24 3.97
C ILE B 237 12.34 22.65 4.25
N LYS B 238 13.08 23.66 3.76
CA LYS B 238 12.92 25.04 4.21
C LYS B 238 11.50 25.42 4.58
N GLU B 239 10.53 25.10 3.74
CA GLU B 239 9.15 25.52 4.00
C GLU B 239 8.17 24.57 3.35
N VAL B 240 7.15 24.16 4.11
CA VAL B 240 6.09 23.30 3.59
C VAL B 240 4.75 23.76 4.17
N GLU B 241 3.68 23.27 3.55
CA GLU B 241 2.32 23.55 3.97
C GLU B 241 1.76 22.34 4.71
N CYS B 242 1.01 22.59 5.77
CA CYS B 242 0.39 21.55 6.58
C CYS B 242 -1.05 21.93 6.86
N TYR B 243 -1.93 20.94 6.82
CA TYR B 243 -3.36 21.14 6.88
C TYR B 243 -3.93 20.62 8.20
N VAL B 244 -5.04 21.22 8.62
CA VAL B 244 -5.59 21.02 9.95
C VAL B 244 -6.99 20.41 9.82
N SER B 245 -7.43 19.76 10.89
CA SER B 245 -8.72 19.09 10.95
C SER B 245 -9.69 19.87 11.83
N ARG B 246 -10.97 19.83 11.43
CA ARG B 246 -12.05 20.51 12.13
C ARG B 246 -11.63 21.88 12.63
N PRO B 247 -11.30 22.83 11.74
CA PRO B 247 -10.87 24.15 12.18
C PRO B 247 -12.00 25.12 12.47
N THR B 248 -13.26 24.69 12.37
CA THR B 248 -14.40 25.56 12.65
C THR B 248 -15.14 25.17 13.92
N GLU B 249 -14.92 23.98 14.44
CA GLU B 249 -15.55 23.53 15.68
C GLU B 249 -14.75 23.90 16.92
N LYS B 250 -13.50 24.32 16.75
CA LYS B 250 -12.65 24.74 17.87
C LYS B 250 -12.66 26.24 18.08
N THR B 251 -12.85 27.02 17.01
CA THR B 251 -13.00 28.46 17.16
C THR B 251 -14.19 28.80 18.04
N VAL B 252 -15.29 28.08 17.87
CA VAL B 252 -16.47 28.30 18.70
C VAL B 252 -16.15 28.08 20.17
N PHE B 253 -15.45 26.98 20.47
CA PHE B 253 -15.01 26.71 21.83
C PHE B 253 -14.17 27.86 22.36
N LEU B 254 -13.17 28.28 21.58
CA LEU B 254 -12.30 29.37 22.01
C LEU B 254 -13.13 30.60 22.40
N VAL B 255 -14.05 31.00 21.52
CA VAL B 255 -14.81 32.22 21.75
C VAL B 255 -15.68 32.08 23.00
N PHE B 256 -16.40 30.96 23.10
CA PHE B 256 -17.26 30.73 24.26
C PHE B 256 -16.47 30.81 25.56
N MET B 257 -15.30 30.17 25.59
CA MET B 257 -14.51 30.16 26.81
C MET B 257 -13.97 31.54 27.13
N PHE B 258 -13.53 32.28 26.11
CA PHE B 258 -13.10 33.65 26.33
C PHE B 258 -14.21 34.47 26.99
N ALA B 259 -15.44 34.33 26.49
CA ALA B 259 -16.56 35.07 27.05
C ALA B 259 -16.79 34.71 28.50
N VAL B 260 -16.83 33.40 28.80
CA VAL B 260 -17.07 32.97 30.17
C VAL B 260 -15.99 33.51 31.10
N SER B 261 -14.73 33.44 30.68
CA SER B 261 -13.63 33.95 31.51
C SER B 261 -13.80 35.44 31.75
N GLY B 262 -14.16 36.20 30.73
CA GLY B 262 -14.39 37.63 30.92
C GLY B 262 -15.47 37.89 31.96
N ILE B 263 -16.58 37.15 31.86
CA ILE B 263 -17.67 37.35 32.81
C ILE B 263 -17.20 37.06 34.23
N CYS B 264 -16.44 35.98 34.40
CA CYS B 264 -16.00 35.61 35.74
C CYS B 264 -15.02 36.63 36.31
N VAL B 265 -14.13 37.17 35.47
CA VAL B 265 -13.24 38.24 35.92
C VAL B 265 -14.05 39.43 36.39
N VAL B 266 -15.07 39.81 35.60
CA VAL B 266 -15.91 40.95 35.99
C VAL B 266 -16.54 40.70 37.35
N LEU B 267 -17.10 39.51 37.55
CA LEU B 267 -17.76 39.22 38.83
C LEU B 267 -16.77 39.24 39.98
N ASN B 268 -15.56 38.72 39.77
CA ASN B 268 -14.56 38.74 40.82
C ASN B 268 -14.20 40.17 41.21
N LEU B 269 -13.97 41.03 40.22
CA LEU B 269 -13.67 42.42 40.52
C LEU B 269 -14.84 43.09 41.24
N ALA B 270 -16.06 42.75 40.84
CA ALA B 270 -17.24 43.31 41.51
C ALA B 270 -17.25 42.91 42.98
N GLU B 271 -16.98 41.63 43.27
CA GLU B 271 -16.94 41.19 44.65
C GLU B 271 -15.80 41.88 45.41
N LEU B 272 -14.72 42.22 44.72
CA LEU B 272 -13.61 42.92 45.36
C LEU B 272 -14.03 44.32 45.78
N ASN B 273 -14.55 45.11 44.83
CA ASN B 273 -14.94 46.48 45.15
C ASN B 273 -15.99 46.53 46.27
N HIS B 274 -16.68 45.44 46.53
CA HIS B 274 -17.67 45.37 47.60
C HIS B 274 -17.04 45.09 48.96
N LEU B 275 -15.73 45.27 49.07
CA LEU B 275 -14.99 44.85 50.26
C LEU B 275 -14.26 46.00 50.94
N GLY B 276 -13.67 46.90 50.17
CA GLY B 276 -12.95 48.03 50.74
C GLY B 276 -11.47 48.02 50.38
N GLY C 2 -9.03 3.30 34.56
CA GLY C 2 -8.79 2.60 35.82
C GLY C 2 -9.91 2.80 36.83
N GLU C 3 -9.74 2.24 38.02
CA GLU C 3 -10.73 2.31 39.09
C GLU C 3 -10.10 3.05 40.26
N TRP C 4 -10.25 4.37 40.27
CA TRP C 4 -9.68 5.21 41.30
C TRP C 4 -10.61 5.43 42.50
N THR C 5 -11.76 4.77 42.54
CA THR C 5 -12.69 4.96 43.65
C THR C 5 -12.31 4.10 44.86
N ILE C 6 -11.71 2.94 44.62
CA ILE C 6 -11.26 2.10 45.73
C ILE C 6 -10.26 2.86 46.58
N LEU C 7 -9.27 3.47 45.92
CA LEU C 7 -8.31 4.31 46.64
C LEU C 7 -9.01 5.43 47.39
N GLU C 8 -10.02 6.04 46.77
CA GLU C 8 -10.75 7.12 47.43
C GLU C 8 -11.35 6.65 48.75
N ARG C 9 -12.07 5.53 48.71
CA ARG C 9 -12.73 5.04 49.92
C ARG C 9 -11.69 4.63 50.98
N LEU C 10 -10.69 3.86 50.57
CA LEU C 10 -9.64 3.46 51.50
C LEU C 10 -9.04 4.67 52.20
N LEU C 11 -8.66 5.69 51.42
CA LEU C 11 -8.12 6.90 52.02
C LEU C 11 -9.11 7.55 52.96
N GLU C 12 -10.36 7.73 52.51
CA GLU C 12 -11.38 8.34 53.35
C GLU C 12 -11.53 7.61 54.68
N ALA C 13 -11.13 6.34 54.73
CA ALA C 13 -11.13 5.59 55.99
C ALA C 13 -9.77 5.58 56.67
N ALA C 14 -8.75 6.19 56.05
CA ALA C 14 -7.41 6.23 56.61
C ALA C 14 -7.04 7.58 57.21
N VAL C 15 -7.80 8.65 56.90
CA VAL C 15 -7.46 9.98 57.37
C VAL C 15 -8.12 10.31 58.70
N GLN C 16 -8.81 9.35 59.32
CA GLN C 16 -9.39 9.56 60.64
C GLN C 16 -8.32 9.35 61.70
N GLN C 17 -7.20 10.05 61.56
CA GLN C 17 -6.03 9.89 62.40
C GLN C 17 -5.60 11.25 62.92
N HIS C 18 -4.99 11.24 64.11
CA HIS C 18 -4.51 12.48 64.72
C HIS C 18 -3.25 12.93 63.99
N SER C 19 -3.26 14.17 63.51
CA SER C 19 -2.13 14.74 62.78
C SER C 19 -1.97 16.19 63.21
N THR C 20 -1.15 16.93 62.46
CA THR C 20 -0.92 18.34 62.70
C THR C 20 -1.01 19.09 61.38
N MET C 21 -0.95 20.42 61.49
CA MET C 21 -1.08 21.31 60.34
C MET C 21 -0.32 20.79 59.12
N ILE C 22 0.93 20.38 59.33
CA ILE C 22 1.80 20.07 58.21
C ILE C 22 1.37 18.78 57.51
N GLY C 23 0.91 17.80 58.29
CA GLY C 23 0.41 16.58 57.67
C GLY C 23 -0.81 16.85 56.80
N ARG C 24 -1.72 17.69 57.28
CA ARG C 24 -2.91 18.02 56.49
C ARG C 24 -2.53 18.79 55.23
N ILE C 25 -1.58 19.72 55.33
CA ILE C 25 -1.11 20.44 54.14
C ILE C 25 -0.52 19.46 53.14
N LEU C 26 0.29 18.52 53.62
CA LEU C 26 0.90 17.54 52.74
C LEU C 26 -0.16 16.70 52.04
N LEU C 27 -1.18 16.26 52.79
CA LEU C 27 -2.26 15.48 52.20
C LEU C 27 -2.99 16.29 51.13
N THR C 28 -3.30 17.56 51.43
CA THR C 28 -3.96 18.41 50.45
C THR C 28 -3.14 18.49 49.17
N VAL C 29 -1.84 18.71 49.29
CA VAL C 29 -1.00 18.87 48.12
C VAL C 29 -0.95 17.58 47.31
N VAL C 30 -0.75 16.45 47.99
CA VAL C 30 -0.67 15.18 47.26
C VAL C 30 -2.01 14.85 46.62
N VAL C 31 -3.11 15.36 47.17
CA VAL C 31 -4.42 15.00 46.64
C VAL C 31 -4.78 15.85 45.43
N ILE C 32 -4.49 17.16 45.48
CA ILE C 32 -4.93 18.05 44.41
C ILE C 32 -3.95 18.01 43.25
N PHE C 33 -2.69 18.39 43.48
CA PHE C 33 -1.75 18.63 42.40
C PHE C 33 -1.13 17.35 41.85
N ARG C 34 -1.43 16.19 42.41
CA ARG C 34 -0.80 14.95 41.97
C ARG C 34 -1.78 13.89 41.52
N ILE C 35 -2.91 13.73 42.20
CA ILE C 35 -3.86 12.68 41.85
C ILE C 35 -4.81 13.15 40.77
N LEU C 36 -5.42 14.31 40.94
CA LEU C 36 -6.41 14.78 39.98
C LEU C 36 -5.79 15.10 38.63
N ILE C 37 -4.49 15.38 38.58
CA ILE C 37 -3.83 15.62 37.30
C ILE C 37 -3.54 14.31 36.59
N VAL C 38 -3.18 13.27 37.35
CA VAL C 38 -2.84 11.99 36.73
C VAL C 38 -4.08 11.25 36.30
N ALA C 39 -5.17 11.34 37.09
CA ALA C 39 -6.37 10.60 36.76
C ALA C 39 -6.99 11.09 35.47
N ILE C 40 -7.00 12.41 35.26
CA ILE C 40 -7.79 13.02 34.19
C ILE C 40 -6.94 13.28 32.97
N VAL C 41 -5.89 14.10 33.12
CA VAL C 41 -5.10 14.56 31.99
C VAL C 41 -4.05 13.56 31.53
N GLY C 42 -3.80 12.50 32.29
CA GLY C 42 -2.63 11.69 32.06
C GLY C 42 -2.75 10.63 30.99
N GLU C 43 -3.74 9.73 31.16
CA GLU C 43 -3.81 8.54 30.31
C GLU C 43 -3.87 8.85 28.83
N THR C 44 -4.25 10.07 28.45
CA THR C 44 -4.55 10.37 27.05
C THR C 44 -3.36 10.92 26.28
N VAL C 45 -2.33 11.42 26.96
CA VAL C 45 -1.17 11.96 26.26
C VAL C 45 -0.28 10.84 25.76
N TYR C 46 -0.12 9.78 26.56
CA TYR C 46 0.80 8.69 26.26
C TYR C 46 0.09 7.50 25.65
N ASP C 47 -0.94 7.73 24.83
CA ASP C 47 -1.68 6.67 24.18
C ASP C 47 -1.18 6.38 22.77
N ASP C 48 -0.49 7.32 22.14
CA ASP C 48 0.03 7.15 20.79
C ASP C 48 1.54 7.29 20.77
N GLU C 49 2.21 6.64 21.72
CA GLU C 49 3.65 6.82 21.89
C GLU C 49 4.47 5.84 21.07
N GLN C 50 3.95 4.65 20.82
CA GLN C 50 4.62 3.67 19.97
C GLN C 50 4.11 3.67 18.54
N THR C 51 2.95 4.26 18.30
CA THR C 51 2.35 4.28 16.97
C THR C 51 2.84 5.42 16.11
N MET C 52 3.24 6.54 16.74
CA MET C 52 3.75 7.70 16.03
C MET C 52 5.27 7.85 16.17
N PHE C 53 5.94 6.81 16.64
CA PHE C 53 7.40 6.79 16.75
C PHE C 53 7.93 6.03 15.54
N VAL C 54 8.67 6.72 14.68
CA VAL C 54 9.12 6.15 13.42
C VAL C 54 10.61 6.44 13.25
N CYS C 55 11.34 5.46 12.75
CA CYS C 55 12.75 5.60 12.42
C CYS C 55 12.92 5.55 10.90
N ASN C 56 14.08 6.02 10.45
CA ASN C 56 14.38 6.15 9.03
C ASN C 56 15.17 4.93 8.57
N THR C 57 14.43 3.86 8.24
CA THR C 57 15.05 2.62 7.81
C THR C 57 13.96 1.66 7.36
N LEU C 58 14.37 0.63 6.62
CA LEU C 58 13.48 -0.43 6.17
C LEU C 58 13.62 -1.71 6.98
N GLN C 59 14.61 -1.80 7.85
CA GLN C 59 14.86 -3.02 8.60
C GLN C 59 13.71 -3.31 9.56
N PRO C 60 13.06 -4.47 9.46
CA PRO C 60 12.04 -4.81 10.46
C PRO C 60 12.68 -5.08 11.82
N GLY C 61 12.17 -4.40 12.84
CA GLY C 61 12.64 -4.59 14.20
C GLY C 61 13.51 -3.50 14.76
N CYS C 62 13.65 -2.37 14.07
CA CYS C 62 14.41 -1.25 14.58
C CYS C 62 13.57 -0.33 15.45
N ASN C 63 12.30 -0.12 15.08
CA ASN C 63 11.45 0.77 15.86
C ASN C 63 11.23 0.23 17.27
N GLN C 64 10.89 -1.05 17.38
CA GLN C 64 10.64 -1.64 18.70
C GLN C 64 11.87 -1.52 19.59
N ALA C 65 13.03 -1.90 19.06
CA ALA C 65 14.26 -1.87 19.84
C ALA C 65 14.60 -0.45 20.27
N CYS C 66 14.56 0.48 19.33
CA CYS C 66 14.94 1.85 19.64
C CYS C 66 13.97 2.50 20.62
N TYR C 67 12.68 2.18 20.51
CA TYR C 67 11.72 2.64 21.51
C TYR C 67 12.08 2.09 22.89
N ASP C 68 12.17 0.76 23.01
CA ASP C 68 12.49 0.18 24.31
C ASP C 68 13.80 0.72 24.86
N ARG C 69 14.70 1.17 24.00
CA ARG C 69 15.96 1.73 24.47
C ARG C 69 15.83 3.19 24.86
N ALA C 70 14.87 3.91 24.28
CA ALA C 70 14.69 5.32 24.58
C ALA C 70 13.77 5.55 25.77
N PHE C 71 12.59 4.93 25.75
CA PHE C 71 11.63 5.01 26.85
C PHE C 71 11.43 3.62 27.45
N PRO C 72 12.34 3.18 28.32
CA PRO C 72 12.15 1.86 28.93
C PRO C 72 10.91 1.79 29.79
N ILE C 73 10.48 2.91 30.37
CA ILE C 73 9.29 2.97 31.20
C ILE C 73 8.63 4.32 30.97
N SER C 74 7.32 4.31 30.76
CA SER C 74 6.59 5.55 30.55
C SER C 74 6.44 6.29 31.87
N HIS C 75 6.40 7.62 31.78
CA HIS C 75 6.41 8.44 32.98
C HIS C 75 5.17 8.19 33.83
N ILE C 76 4.03 7.95 33.18
CA ILE C 76 2.75 7.93 33.87
C ILE C 76 2.69 6.79 34.88
N ARG C 77 3.23 5.63 34.53
CA ARG C 77 3.25 4.50 35.43
C ARG C 77 4.24 4.67 36.57
N TYR C 78 5.39 5.28 36.31
CA TYR C 78 6.28 5.70 37.38
C TYR C 78 5.56 6.58 38.39
N TRP C 79 4.77 7.55 37.90
CA TRP C 79 4.08 8.45 38.82
C TRP C 79 2.96 7.75 39.58
N VAL C 80 2.26 6.82 38.92
CA VAL C 80 1.24 6.03 39.62
C VAL C 80 1.86 5.25 40.77
N PHE C 81 2.94 4.51 40.46
CA PHE C 81 3.66 3.78 41.50
C PHE C 81 4.10 4.71 42.62
N GLN C 82 4.62 5.88 42.26
CA GLN C 82 5.02 6.86 43.25
C GLN C 82 3.87 7.20 44.19
N ILE C 83 2.72 7.51 43.62
CA ILE C 83 1.54 7.86 44.42
C ILE C 83 1.21 6.73 45.39
N ILE C 84 1.15 5.50 44.88
CA ILE C 84 0.72 4.38 45.71
C ILE C 84 1.70 4.16 46.86
N MET C 85 3.00 4.09 46.53
CA MET C 85 4.00 3.85 47.56
C MET C 85 4.12 5.00 48.54
N VAL C 86 3.73 6.22 48.15
CA VAL C 86 3.79 7.33 49.08
C VAL C 86 2.58 7.34 49.99
N CYS C 87 1.41 6.93 49.51
CA CYS C 87 0.22 6.88 50.33
C CYS C 87 0.14 5.62 51.18
N THR C 88 0.95 4.60 50.91
CA THR C 88 0.89 3.37 51.68
C THR C 88 1.03 3.60 53.19
N PRO C 89 2.09 4.23 53.70
CA PRO C 89 2.27 4.30 55.17
C PRO C 89 1.05 4.82 55.93
N SER C 90 0.17 5.54 55.24
CA SER C 90 -1.05 6.03 55.88
C SER C 90 -2.18 5.02 55.80
N LEU C 91 -2.09 4.04 54.90
CA LEU C 91 -3.11 3.01 54.81
C LEU C 91 -2.93 1.96 55.90
N CYS C 92 -1.70 1.72 56.34
CA CYS C 92 -1.44 0.72 57.37
C CYS C 92 -2.09 1.07 58.70
N PHE C 93 -2.66 2.26 58.84
CA PHE C 93 -3.36 2.60 60.09
C PHE C 93 -4.62 1.76 60.25
N ILE C 94 -5.26 1.39 59.14
CA ILE C 94 -6.44 0.54 59.21
C ILE C 94 -6.12 -0.78 59.90
N THR C 95 -4.88 -1.24 59.77
CA THR C 95 -4.48 -2.53 60.32
C THR C 95 -4.06 -2.40 61.78
N TYR C 96 -3.46 -1.26 62.13
CA TYR C 96 -2.99 -1.07 63.51
C TYR C 96 -4.14 -0.70 64.44
N SER C 97 -5.15 0.00 63.92
CA SER C 97 -6.29 0.42 64.74
C SER C 97 -6.94 -0.78 65.41
N VAL C 98 -7.45 -1.72 64.61
CA VAL C 98 -8.17 -2.85 65.17
C VAL C 98 -7.25 -3.67 66.06
N HIS C 99 -5.99 -3.81 65.67
CA HIS C 99 -5.03 -4.52 66.53
C HIS C 99 -4.93 -3.88 67.90
N GLN C 100 -5.10 -2.56 67.97
CA GLN C 100 -5.13 -1.85 69.25
C GLN C 100 -6.56 -1.74 69.81
N SER C 101 -7.42 -2.68 69.46
CA SER C 101 -8.79 -2.69 69.97
C SER C 101 -9.07 -3.98 70.75
N SER C 196 2.27 6.79 69.71
CA SER C 196 2.68 7.79 68.73
C SER C 196 3.86 7.30 67.91
N ARG C 197 4.57 6.30 68.44
CA ARG C 197 5.71 5.69 67.76
C ARG C 197 5.41 5.42 66.29
N PHE C 198 4.22 4.88 66.03
CA PHE C 198 3.78 4.63 64.66
C PHE C 198 3.91 5.88 63.81
N TYR C 199 3.57 7.03 64.39
CA TYR C 199 3.76 8.31 63.69
C TYR C 199 5.21 8.49 63.24
N ILE C 200 6.14 8.22 64.15
CA ILE C 200 7.56 8.39 63.84
C ILE C 200 7.95 7.48 62.67
N ILE C 201 7.52 6.22 62.74
CA ILE C 201 7.88 5.27 61.69
C ILE C 201 7.33 5.74 60.35
N GLN C 202 6.04 6.10 60.33
CA GLN C 202 5.43 6.65 59.14
C GLN C 202 6.27 7.77 58.55
N VAL C 203 6.63 8.74 59.37
CA VAL C 203 7.33 9.92 58.88
C VAL C 203 8.66 9.52 58.26
N VAL C 204 9.42 8.69 58.97
CA VAL C 204 10.73 8.27 58.46
C VAL C 204 10.59 7.62 57.09
N PHE C 205 9.68 6.66 56.98
CA PHE C 205 9.55 5.94 55.73
C PHE C 205 9.08 6.84 54.60
N ARG C 206 8.22 7.82 54.91
CA ARG C 206 7.78 8.76 53.91
C ARG C 206 8.95 9.59 53.38
N ASN C 207 9.77 10.12 54.30
CA ASN C 207 10.99 10.81 53.88
C ASN C 207 11.77 9.97 52.89
N ALA C 208 12.07 8.72 53.29
CA ALA C 208 12.92 7.87 52.47
C ALA C 208 12.32 7.66 51.08
N LEU C 209 11.05 7.31 51.02
CA LEU C 209 10.44 6.99 49.74
C LEU C 209 10.42 8.22 48.83
N GLU C 210 10.03 9.37 49.37
CA GLU C 210 9.97 10.58 48.56
C GLU C 210 11.34 10.91 47.97
N ILE C 211 12.38 10.92 48.82
CA ILE C 211 13.71 11.26 48.32
C ILE C 211 14.14 10.26 47.25
N GLY C 212 13.94 8.98 47.51
CA GLY C 212 14.36 7.97 46.54
C GLY C 212 13.69 8.15 45.20
N PHE C 213 12.39 8.45 45.20
CA PHE C 213 11.68 8.57 43.94
C PHE C 213 12.11 9.83 43.19
N LEU C 214 12.34 10.94 43.90
CA LEU C 214 12.84 12.13 43.24
C LEU C 214 14.19 11.86 42.57
N VAL C 215 15.10 11.20 43.29
CA VAL C 215 16.42 10.93 42.73
C VAL C 215 16.32 10.00 41.53
N GLY C 216 15.45 8.98 41.63
CA GLY C 216 15.26 8.10 40.48
C GLY C 216 14.72 8.83 39.29
N GLN C 217 13.81 9.78 39.51
CA GLN C 217 13.31 10.60 38.41
C GLN C 217 14.43 11.39 37.76
N TYR C 218 15.30 11.98 38.58
CA TYR C 218 16.44 12.72 38.03
C TYR C 218 17.31 11.80 37.18
N PHE C 219 17.58 10.58 37.66
CA PHE C 219 18.54 9.72 36.98
C PHE C 219 17.96 8.98 35.78
N LEU C 220 16.64 8.83 35.69
CA LEU C 220 16.05 8.12 34.57
C LEU C 220 15.74 9.02 33.39
N TYR C 221 14.94 10.06 33.60
CA TYR C 221 14.39 10.87 32.51
C TYR C 221 15.15 12.18 32.34
N GLY C 222 15.30 12.95 33.40
CA GLY C 222 16.01 14.22 33.33
C GLY C 222 15.11 15.42 33.49
N PHE C 223 15.38 16.46 32.71
CA PHE C 223 14.60 17.70 32.74
C PHE C 223 13.94 18.01 31.41
N SER C 224 14.08 17.14 30.40
CA SER C 224 13.61 17.47 29.07
C SER C 224 13.33 16.19 28.30
N VAL C 225 12.57 16.35 27.22
CA VAL C 225 12.28 15.27 26.29
C VAL C 225 12.45 15.81 24.87
N PRO C 226 13.51 15.43 24.16
CA PRO C 226 13.77 16.01 22.84
C PRO C 226 13.06 15.23 21.73
N GLY C 227 13.07 15.84 20.55
CA GLY C 227 12.37 15.28 19.41
C GLY C 227 13.28 14.51 18.47
N LEU C 228 14.43 14.08 18.98
CA LEU C 228 15.38 13.32 18.18
C LEU C 228 16.09 12.32 19.08
N TYR C 229 16.34 11.13 18.52
CA TYR C 229 17.13 10.12 19.21
C TYR C 229 18.02 9.42 18.20
N GLU C 230 19.21 9.03 18.63
CA GLU C 230 20.15 8.27 17.82
C GLU C 230 20.24 6.86 18.37
N CYS C 231 19.96 5.87 17.53
CA CYS C 231 19.82 4.48 17.96
C CYS C 231 20.89 3.63 17.28
N ASN C 232 21.61 2.86 18.08
CA ASN C 232 22.68 1.99 17.58
C ASN C 232 22.57 0.61 18.22
N ARG C 233 21.36 0.05 18.24
CA ARG C 233 21.11 -1.26 18.82
C ARG C 233 20.65 -2.21 17.73
N TYR C 234 21.12 -3.44 17.79
CA TYR C 234 20.72 -4.47 16.85
C TYR C 234 19.18 -4.48 16.73
N PRO C 235 18.63 -4.68 15.53
CA PRO C 235 19.23 -4.94 14.22
C PRO C 235 19.61 -3.71 13.38
N CYS C 236 19.52 -2.51 13.97
CA CYS C 236 19.77 -1.30 13.21
C CYS C 236 21.25 -1.17 12.84
N ILE C 237 21.51 -0.62 11.67
CA ILE C 237 22.85 -0.66 11.06
C ILE C 237 23.64 0.54 11.54
N LYS C 238 24.28 0.37 12.70
CA LYS C 238 25.35 1.22 13.23
C LYS C 238 24.89 2.58 13.72
N GLU C 239 23.76 3.07 13.23
CA GLU C 239 23.14 4.28 13.76
C GLU C 239 21.91 4.61 12.94
N VAL C 240 20.88 5.19 13.57
CA VAL C 240 19.73 5.71 12.84
C VAL C 240 19.11 6.83 13.66
N GLU C 241 18.47 7.77 12.97
CA GLU C 241 17.69 8.81 13.61
C GLU C 241 16.26 8.34 13.79
N CYS C 242 15.72 8.57 14.98
CA CYS C 242 14.36 8.18 15.32
C CYS C 242 13.67 9.40 15.93
N TYR C 243 12.43 9.64 15.52
CA TYR C 243 11.71 10.85 15.85
C TYR C 243 10.60 10.56 16.85
N VAL C 244 10.29 11.57 17.67
CA VAL C 244 9.42 11.41 18.81
C VAL C 244 8.16 12.23 18.59
N SER C 245 7.11 11.86 19.32
CA SER C 245 5.81 12.52 19.23
C SER C 245 5.55 13.36 20.47
N ARG C 246 4.86 14.48 20.27
CA ARG C 246 4.51 15.43 21.32
C ARG C 246 5.64 15.61 22.33
N PRO C 247 6.79 16.14 21.91
CA PRO C 247 7.91 16.33 22.84
C PRO C 247 7.88 17.60 23.65
N THR C 248 6.81 18.40 23.56
CA THR C 248 6.68 19.63 24.34
C THR C 248 5.58 19.55 25.38
N GLU C 249 4.65 18.60 25.25
CA GLU C 249 3.59 18.40 26.23
C GLU C 249 4.02 17.52 27.40
N LYS C 250 5.15 16.83 27.28
CA LYS C 250 5.66 15.98 28.35
C LYS C 250 6.71 16.66 29.20
N THR C 251 7.49 17.56 28.61
CA THR C 251 8.43 18.37 29.40
C THR C 251 7.70 19.14 30.48
N VAL C 252 6.54 19.69 30.16
CA VAL C 252 5.74 20.44 31.14
C VAL C 252 5.37 19.54 32.31
N PHE C 253 4.87 18.35 32.01
CA PHE C 253 4.54 17.38 33.06
C PHE C 253 5.75 17.10 33.93
N LEU C 254 6.89 16.81 33.28
CA LEU C 254 8.12 16.53 34.02
C LEU C 254 8.44 17.64 35.01
N VAL C 255 8.45 18.88 34.53
CA VAL C 255 8.84 20.01 35.37
C VAL C 255 7.85 20.19 36.52
N PHE C 256 6.56 20.14 36.21
CA PHE C 256 5.54 20.29 37.25
C PHE C 256 5.70 19.25 38.34
N MET C 257 5.93 17.99 37.94
CA MET C 257 6.06 16.92 38.92
C MET C 257 7.33 17.08 39.75
N PHE C 258 8.43 17.46 39.11
CA PHE C 258 9.65 17.76 39.86
C PHE C 258 9.39 18.80 40.94
N ALA C 259 8.68 19.87 40.58
CA ALA C 259 8.40 20.93 41.55
C ALA C 259 7.57 20.41 42.71
N VAL C 260 6.50 19.67 42.41
CA VAL C 260 5.65 19.15 43.47
C VAL C 260 6.44 18.24 44.39
N SER C 261 7.27 17.36 43.83
CA SER C 261 8.08 16.48 44.65
C SER C 261 9.02 17.26 45.55
N GLY C 262 9.66 18.31 45.01
CA GLY C 262 10.51 19.13 45.84
C GLY C 262 9.77 19.74 47.01
N ILE C 263 8.58 20.26 46.74
CA ILE C 263 7.79 20.88 47.81
C ILE C 263 7.45 19.85 48.88
N CYS C 264 7.07 18.65 48.47
CA CYS C 264 6.68 17.63 49.43
C CYS C 264 7.88 17.19 50.27
N VAL C 265 9.05 17.06 49.64
CA VAL C 265 10.26 16.75 50.40
C VAL C 265 10.53 17.83 51.45
N VAL C 266 10.40 19.09 51.05
CA VAL C 266 10.62 20.19 51.98
C VAL C 266 9.69 20.07 53.17
N LEU C 267 8.40 19.82 52.90
CA LEU C 267 7.43 19.74 54.00
C LEU C 267 7.73 18.55 54.91
N ASN C 268 8.14 17.42 54.32
CA ASN C 268 8.46 16.26 55.14
C ASN C 268 9.64 16.54 56.06
N LEU C 269 10.70 17.18 55.52
CA LEU C 269 11.83 17.53 56.37
C LEU C 269 11.44 18.54 57.44
N ALA C 270 10.52 19.45 57.11
CA ALA C 270 10.03 20.39 58.11
C ALA C 270 9.34 19.66 59.25
N GLU C 271 8.52 18.66 58.92
CA GLU C 271 7.86 17.89 59.97
C GLU C 271 8.87 17.05 60.76
N LEU C 272 9.96 16.63 60.11
CA LEU C 272 10.97 15.84 60.80
C LEU C 272 11.75 16.69 61.79
N ASN C 273 12.00 17.96 61.44
CA ASN C 273 12.76 18.84 62.33
C ASN C 273 11.85 19.48 63.39
N HIS C 274 10.70 18.87 63.64
CA HIS C 274 9.74 19.37 64.61
C HIS C 274 9.61 18.47 65.83
N LEU C 275 10.33 17.34 65.85
CA LEU C 275 10.22 16.38 66.94
C LEU C 275 11.53 16.29 67.73
N GLY C 276 12.65 16.03 67.08
CA GLY C 276 13.91 15.90 67.78
C GLY C 276 14.80 14.83 67.17
N GLY D 2 -12.71 -3.69 33.36
CA GLY D 2 -13.47 -4.67 34.11
C GLY D 2 -14.31 -4.06 35.22
N GLU D 3 -14.94 -4.91 36.02
CA GLU D 3 -15.79 -4.50 37.13
C GLU D 3 -15.20 -5.05 38.42
N TRP D 4 -14.33 -4.27 39.05
CA TRP D 4 -13.66 -4.69 40.27
C TRP D 4 -14.40 -4.27 41.53
N THR D 5 -15.58 -3.68 41.41
CA THR D 5 -16.32 -3.26 42.59
C THR D 5 -17.06 -4.42 43.24
N ILE D 6 -17.49 -5.40 42.45
CA ILE D 6 -18.15 -6.57 42.99
C ILE D 6 -17.23 -7.29 43.97
N LEU D 7 -15.98 -7.53 43.54
CA LEU D 7 -14.99 -8.11 44.41
C LEU D 7 -14.79 -7.27 45.67
N GLU D 8 -14.79 -5.95 45.52
CA GLU D 8 -14.62 -5.08 46.66
C GLU D 8 -15.71 -5.31 47.70
N ARG D 9 -16.97 -5.31 47.26
CA ARG D 9 -18.07 -5.48 48.21
C ARG D 9 -18.06 -6.87 48.83
N LEU D 10 -17.84 -7.91 48.01
CA LEU D 10 -17.76 -9.26 48.55
C LEU D 10 -16.69 -9.35 49.63
N LEU D 11 -15.49 -8.84 49.34
CA LEU D 11 -14.42 -8.86 50.34
C LEU D 11 -14.82 -8.10 51.58
N GLU D 12 -15.26 -6.84 51.43
CA GLU D 12 -15.68 -6.05 52.57
C GLU D 12 -16.68 -6.78 53.43
N ALA D 13 -17.46 -7.69 52.84
CA ALA D 13 -18.37 -8.52 53.63
C ALA D 13 -17.72 -9.80 54.14
N ALA D 14 -16.57 -10.18 53.58
CA ALA D 14 -15.90 -11.41 53.95
C ALA D 14 -14.86 -11.23 55.07
N VAL D 15 -14.40 -10.00 55.33
CA VAL D 15 -13.34 -9.79 56.29
C VAL D 15 -13.85 -9.59 57.70
N GLN D 16 -15.16 -9.74 57.93
CA GLN D 16 -15.71 -9.65 59.28
C GLN D 16 -15.51 -10.98 60.01
N GLN D 17 -14.27 -11.44 60.05
CA GLN D 17 -13.91 -12.75 60.58
C GLN D 17 -12.80 -12.59 61.60
N HIS D 18 -12.78 -13.51 62.57
CA HIS D 18 -11.75 -13.48 63.60
C HIS D 18 -10.42 -13.93 63.02
N SER D 19 -9.42 -13.07 63.10
CA SER D 19 -8.09 -13.38 62.57
C SER D 19 -7.01 -12.96 63.56
N THR D 20 -5.75 -13.04 63.13
CA THR D 20 -4.62 -12.62 63.92
C THR D 20 -3.74 -11.68 63.10
N MET D 21 -2.76 -11.10 63.78
CA MET D 21 -1.84 -10.14 63.16
C MET D 21 -1.43 -10.55 61.75
N ILE D 22 -1.06 -11.82 61.59
CA ILE D 22 -0.43 -12.25 60.34
C ILE D 22 -1.45 -12.31 59.21
N GLY D 23 -2.68 -12.74 59.50
CA GLY D 23 -3.70 -12.71 58.46
C GLY D 23 -4.00 -11.31 57.98
N ARG D 24 -4.07 -10.36 58.90
CA ARG D 24 -4.29 -8.97 58.52
C ARG D 24 -3.14 -8.44 57.69
N ILE D 25 -1.90 -8.74 58.07
CA ILE D 25 -0.75 -8.31 57.28
C ILE D 25 -0.83 -8.91 55.87
N LEU D 26 -1.20 -10.18 55.78
CA LEU D 26 -1.31 -10.83 54.48
C LEU D 26 -2.37 -10.15 53.62
N LEU D 27 -3.53 -9.86 54.21
CA LEU D 27 -4.58 -9.18 53.45
C LEU D 27 -4.11 -7.80 53.00
N THR D 28 -3.41 -7.08 53.87
CA THR D 28 -2.91 -5.76 53.48
C THR D 28 -1.99 -5.85 52.28
N VAL D 29 -1.02 -6.77 52.33
CA VAL D 29 -0.08 -6.93 51.23
C VAL D 29 -0.83 -7.28 49.96
N VAL D 30 -1.72 -8.26 50.03
CA VAL D 30 -2.50 -8.67 48.87
C VAL D 30 -3.22 -7.46 48.27
N VAL D 31 -3.94 -6.72 49.10
CA VAL D 31 -4.79 -5.64 48.60
C VAL D 31 -3.95 -4.55 47.95
N ILE D 32 -2.83 -4.17 48.58
CA ILE D 32 -2.09 -3.02 48.09
C ILE D 32 -1.16 -3.42 46.94
N PHE D 33 -0.23 -4.33 47.20
CA PHE D 33 0.86 -4.58 46.26
C PHE D 33 0.48 -5.50 45.12
N ARG D 34 -0.73 -6.06 45.12
CA ARG D 34 -1.13 -7.02 44.11
C ARG D 34 -2.35 -6.59 43.31
N ILE D 35 -3.39 -6.07 43.96
CA ILE D 35 -4.60 -5.68 43.25
C ILE D 35 -4.44 -4.32 42.60
N LEU D 36 -4.21 -3.28 43.39
CA LEU D 36 -4.16 -1.93 42.87
C LEU D 36 -3.16 -1.76 41.73
N ILE D 37 -2.18 -2.64 41.64
CA ILE D 37 -1.23 -2.58 40.53
C ILE D 37 -1.83 -3.20 39.27
N VAL D 38 -2.60 -4.28 39.43
CA VAL D 38 -3.17 -4.97 38.28
C VAL D 38 -4.36 -4.21 37.73
N ALA D 39 -5.16 -3.59 38.61
CA ALA D 39 -6.36 -2.89 38.16
C ALA D 39 -6.00 -1.69 37.29
N ILE D 40 -4.94 -0.98 37.66
CA ILE D 40 -4.67 0.35 37.10
C ILE D 40 -3.59 0.28 36.03
N VAL D 41 -2.40 -0.17 36.42
CA VAL D 41 -1.24 -0.12 35.52
C VAL D 41 -1.19 -1.26 34.52
N GLY D 42 -2.08 -2.24 34.62
CA GLY D 42 -1.90 -3.47 33.89
C GLY D 42 -2.45 -3.50 32.47
N GLU D 43 -3.73 -3.17 32.32
CA GLU D 43 -4.42 -3.42 31.06
C GLU D 43 -3.79 -2.70 29.87
N THR D 44 -3.07 -1.60 30.11
CA THR D 44 -2.57 -0.78 29.01
C THR D 44 -1.20 -1.20 28.49
N VAL D 45 -0.49 -2.08 29.19
CA VAL D 45 0.81 -2.52 28.71
C VAL D 45 0.66 -3.63 27.67
N TYR D 46 -0.27 -4.56 27.91
CA TYR D 46 -0.46 -5.73 27.07
C TYR D 46 -1.61 -5.55 26.09
N ASP D 47 -1.81 -4.32 25.59
CA ASP D 47 -2.87 -4.04 24.64
C ASP D 47 -2.39 -4.04 23.20
N ASP D 48 -1.08 -3.87 22.97
CA ASP D 48 -0.52 -3.86 21.63
C ASP D 48 0.50 -4.97 21.47
N GLU D 49 0.16 -6.17 21.93
CA GLU D 49 1.11 -7.28 21.97
C GLU D 49 1.11 -8.12 20.71
N GLN D 50 -0.04 -8.26 20.04
CA GLN D 50 -0.10 -8.99 18.79
C GLN D 50 -0.03 -8.07 17.57
N THR D 51 -0.21 -6.77 17.76
CA THR D 51 -0.19 -5.82 16.66
C THR D 51 1.21 -5.33 16.35
N MET D 52 2.09 -5.27 17.35
CA MET D 52 3.46 -4.83 17.17
C MET D 52 4.45 -6.00 17.16
N PHE D 53 3.96 -7.22 17.05
CA PHE D 53 4.79 -8.41 16.95
C PHE D 53 4.90 -8.79 15.48
N VAL D 54 6.09 -8.68 14.92
CA VAL D 54 6.32 -8.89 13.50
C VAL D 54 7.49 -9.84 13.31
N CYS D 55 7.35 -10.73 12.34
CA CYS D 55 8.41 -11.64 11.92
C CYS D 55 8.92 -11.22 10.55
N ASN D 56 10.07 -11.79 10.18
CA ASN D 56 10.76 -11.43 8.94
C ASN D 56 10.46 -12.51 7.89
N THR D 57 9.32 -12.34 7.22
CA THR D 57 8.90 -13.29 6.20
C THR D 57 7.66 -12.75 5.51
N LEU D 58 7.33 -13.36 4.36
CA LEU D 58 6.14 -13.02 3.61
C LEU D 58 5.04 -14.07 3.73
N GLN D 59 5.31 -15.20 4.37
CA GLN D 59 4.34 -16.28 4.47
C GLN D 59 3.16 -15.86 5.32
N PRO D 60 1.92 -15.91 4.82
CA PRO D 60 0.77 -15.64 5.68
C PRO D 60 0.56 -16.78 6.68
N GLY D 61 0.49 -16.42 7.95
CA GLY D 61 0.25 -17.38 9.01
C GLY D 61 1.44 -17.71 9.87
N CYS D 62 2.55 -16.98 9.74
CA CYS D 62 3.71 -17.22 10.60
C CYS D 62 3.64 -16.39 11.88
N ASN D 63 3.13 -15.16 11.79
CA ASN D 63 3.06 -14.30 12.98
C ASN D 63 2.14 -14.90 14.03
N GLN D 64 0.93 -15.32 13.62
CA GLN D 64 -0.02 -15.89 14.57
C GLN D 64 0.56 -17.12 15.26
N ALA D 65 1.13 -18.04 14.47
CA ALA D 65 1.67 -19.27 15.03
C ALA D 65 2.81 -18.99 15.98
N CYS D 66 3.76 -18.14 15.56
CA CYS D 66 4.91 -17.88 16.40
C CYS D 66 4.54 -17.12 17.67
N TYR D 67 3.54 -16.24 17.60
CA TYR D 67 3.02 -15.62 18.81
C TYR D 67 2.44 -16.67 19.74
N ASP D 68 1.46 -17.44 19.27
CA ASP D 68 0.86 -18.46 20.12
C ASP D 68 1.89 -19.42 20.68
N ARG D 69 3.03 -19.58 20.00
CA ARG D 69 4.07 -20.47 20.50
C ARG D 69 4.97 -19.77 21.52
N ALA D 70 5.10 -18.45 21.43
CA ALA D 70 5.95 -17.71 22.34
C ALA D 70 5.21 -17.31 23.62
N PHE D 71 4.05 -16.67 23.47
CA PHE D 71 3.22 -16.29 24.60
C PHE D 71 1.90 -17.05 24.57
N PRO D 72 1.87 -18.31 25.02
CA PRO D 72 0.59 -19.04 25.00
C PRO D 72 -0.46 -18.40 25.88
N ILE D 73 -0.05 -17.74 26.96
CA ILE D 73 -0.96 -17.07 27.88
C ILE D 73 -0.30 -15.79 28.35
N SER D 74 -1.03 -14.69 28.27
CA SER D 74 -0.51 -13.42 28.76
C SER D 74 -0.37 -13.44 30.27
N HIS D 75 0.51 -12.59 30.79
CA HIS D 75 0.81 -12.61 32.21
C HIS D 75 -0.35 -12.08 33.03
N ILE D 76 -1.04 -11.06 32.51
CA ILE D 76 -2.02 -10.33 33.30
C ILE D 76 -3.19 -11.24 33.69
N ARG D 77 -3.62 -12.11 32.80
CA ARG D 77 -4.70 -13.04 33.09
C ARG D 77 -4.29 -14.13 34.06
N TYR D 78 -3.06 -14.63 33.95
CA TYR D 78 -2.50 -15.51 34.98
C TYR D 78 -2.57 -14.86 36.35
N TRP D 79 -2.20 -13.58 36.45
CA TRP D 79 -2.20 -12.92 37.75
C TRP D 79 -3.62 -12.68 38.26
N VAL D 80 -4.55 -12.35 37.37
CA VAL D 80 -5.95 -12.21 37.77
C VAL D 80 -6.48 -13.52 38.36
N PHE D 81 -6.29 -14.61 37.62
CA PHE D 81 -6.70 -15.92 38.13
C PHE D 81 -6.04 -16.21 39.47
N GLN D 82 -4.75 -15.90 39.60
CA GLN D 82 -4.05 -16.08 40.87
C GLN D 82 -4.78 -15.36 42.00
N ILE D 83 -5.11 -14.08 41.78
CA ILE D 83 -5.79 -13.29 42.79
C ILE D 83 -7.10 -13.94 43.20
N ILE D 84 -7.91 -14.31 42.21
CA ILE D 84 -9.24 -14.84 42.51
C ILE D 84 -9.13 -16.14 43.31
N MET D 85 -8.29 -17.07 42.83
CA MET D 85 -8.16 -18.35 43.50
C MET D 85 -7.52 -18.22 44.87
N VAL D 86 -6.73 -17.16 45.11
CA VAL D 86 -6.14 -16.98 46.43
C VAL D 86 -7.15 -16.37 47.39
N CYS D 87 -8.08 -15.55 46.88
CA CYS D 87 -9.06 -14.92 47.75
C CYS D 87 -10.30 -15.77 48.00
N THR D 88 -10.53 -16.80 47.19
CA THR D 88 -11.73 -17.64 47.36
C THR D 88 -11.93 -18.16 48.78
N PRO D 89 -10.92 -18.82 49.38
CA PRO D 89 -11.12 -19.46 50.68
C PRO D 89 -11.63 -18.51 51.76
N SER D 90 -11.37 -17.22 51.59
CA SER D 90 -11.93 -16.21 52.49
C SER D 90 -13.34 -15.80 52.08
N LEU D 91 -13.71 -16.01 50.82
CA LEU D 91 -15.07 -15.74 50.39
C LEU D 91 -16.02 -16.83 50.87
N CYS D 92 -15.53 -18.07 50.98
CA CYS D 92 -16.38 -19.16 51.45
C CYS D 92 -16.95 -18.93 52.85
N PHE D 93 -16.44 -17.93 53.58
CA PHE D 93 -16.99 -17.65 54.90
C PHE D 93 -18.41 -17.11 54.83
N ILE D 94 -18.74 -16.36 53.78
CA ILE D 94 -20.11 -15.88 53.59
C ILE D 94 -21.07 -17.06 53.57
N THR D 95 -20.65 -18.17 52.97
CA THR D 95 -21.50 -19.34 52.87
C THR D 95 -21.49 -20.14 54.17
N TYR D 96 -20.33 -20.24 54.81
CA TYR D 96 -20.24 -21.04 56.02
C TYR D 96 -20.92 -20.37 57.22
N SER D 97 -21.12 -19.05 57.16
CA SER D 97 -21.67 -18.35 58.32
C SER D 97 -23.14 -18.71 58.55
N VAL D 98 -23.99 -18.43 57.57
CA VAL D 98 -25.43 -18.62 57.75
C VAL D 98 -25.75 -20.07 58.13
N HIS D 99 -24.90 -21.01 57.72
CA HIS D 99 -25.15 -22.42 58.03
C HIS D 99 -25.32 -22.63 59.53
N GLN D 100 -24.59 -21.86 60.34
CA GLN D 100 -24.73 -21.97 61.79
C GLN D 100 -25.95 -21.22 62.31
N SER D 101 -26.33 -20.13 61.66
CA SER D 101 -27.49 -19.34 62.07
C SER D 101 -28.76 -20.18 62.02
N SER D 196 -13.24 -23.46 64.74
CA SER D 196 -11.98 -22.91 64.26
C SER D 196 -11.40 -23.80 63.15
N ARG D 197 -11.85 -25.05 63.10
CA ARG D 197 -11.42 -26.01 62.09
C ARG D 197 -11.38 -25.38 60.71
N PHE D 198 -12.45 -24.65 60.36
CA PHE D 198 -12.50 -23.95 59.08
C PHE D 198 -11.27 -23.09 58.87
N TYR D 199 -10.79 -22.44 59.93
CA TYR D 199 -9.56 -21.68 59.85
C TYR D 199 -8.41 -22.54 59.37
N ILE D 200 -8.25 -23.73 59.94
CA ILE D 200 -7.15 -24.61 59.57
C ILE D 200 -7.26 -24.98 58.10
N ILE D 201 -8.47 -25.34 57.66
CA ILE D 201 -8.66 -25.75 56.27
C ILE D 201 -8.30 -24.61 55.33
N GLN D 202 -8.84 -23.42 55.59
CA GLN D 202 -8.51 -22.24 54.79
C GLN D 202 -7.01 -22.05 54.70
N VAL D 203 -6.33 -22.10 55.84
CA VAL D 203 -4.89 -21.84 55.87
C VAL D 203 -4.16 -22.82 54.95
N VAL D 204 -4.38 -24.11 55.15
CA VAL D 204 -3.63 -25.10 54.39
C VAL D 204 -3.91 -24.97 52.89
N PHE D 205 -5.17 -24.72 52.53
CA PHE D 205 -5.49 -24.58 51.12
C PHE D 205 -4.80 -23.36 50.51
N ARG D 206 -4.73 -22.27 51.28
CA ARG D 206 -4.02 -21.09 50.79
C ARG D 206 -2.55 -21.40 50.56
N ASN D 207 -1.92 -22.08 51.52
CA ASN D 207 -0.53 -22.52 51.33
C ASN D 207 -0.38 -23.22 49.99
N ALA D 208 -1.21 -24.24 49.77
CA ALA D 208 -1.07 -25.05 48.56
C ALA D 208 -1.21 -24.20 47.31
N LEU D 209 -2.25 -23.37 47.26
CA LEU D 209 -2.50 -22.58 46.05
C LEU D 209 -1.35 -21.63 45.76
N GLU D 210 -0.86 -20.93 46.80
CA GLU D 210 0.22 -19.97 46.60
C GLU D 210 1.47 -20.68 46.06
N ILE D 211 1.87 -21.79 46.69
CA ILE D 211 3.06 -22.49 46.24
C ILE D 211 2.90 -22.94 44.80
N GLY D 212 1.75 -23.55 44.49
CA GLY D 212 1.53 -24.03 43.14
C GLY D 212 1.62 -22.93 42.10
N PHE D 213 1.05 -21.77 42.41
CA PHE D 213 1.05 -20.69 41.42
C PHE D 213 2.45 -20.12 41.24
N LEU D 214 3.22 -19.99 42.32
CA LEU D 214 4.60 -19.53 42.18
C LEU D 214 5.40 -20.48 41.30
N VAL D 215 5.28 -21.78 41.55
CA VAL D 215 6.05 -22.75 40.78
C VAL D 215 5.64 -22.70 39.31
N GLY D 216 4.33 -22.66 39.05
CA GLY D 216 3.88 -22.56 37.67
C GLY D 216 4.39 -21.30 36.99
N GLN D 217 4.48 -20.20 37.74
CA GLN D 217 5.02 -18.97 37.18
C GLN D 217 6.47 -19.15 36.78
N TYR D 218 7.27 -19.79 37.64
CA TYR D 218 8.67 -20.01 37.28
C TYR D 218 8.78 -20.92 36.07
N PHE D 219 7.89 -21.91 35.94
CA PHE D 219 8.04 -22.89 34.87
C PHE D 219 7.48 -22.40 33.54
N LEU D 220 6.56 -21.44 33.54
CA LEU D 220 6.00 -20.94 32.29
C LEU D 220 6.84 -19.82 31.67
N TYR D 221 7.04 -18.74 32.41
CA TYR D 221 7.62 -17.52 31.87
C TYR D 221 9.11 -17.40 32.19
N GLY D 222 9.47 -17.50 33.47
CA GLY D 222 10.85 -17.41 33.87
C GLY D 222 11.18 -16.15 34.65
N PHE D 223 12.33 -15.56 34.37
CA PHE D 223 12.77 -14.35 35.04
C PHE D 223 12.98 -13.18 34.08
N SER D 224 12.78 -13.39 32.78
CA SER D 224 13.12 -12.38 31.81
C SER D 224 12.26 -12.54 30.56
N VAL D 225 12.07 -11.43 29.86
CA VAL D 225 11.38 -11.41 28.57
C VAL D 225 12.31 -10.78 27.55
N PRO D 226 12.84 -11.54 26.60
CA PRO D 226 13.80 -10.99 25.65
C PRO D 226 13.11 -10.40 24.41
N GLY D 227 13.91 -9.68 23.62
CA GLY D 227 13.40 -9.01 22.45
C GLY D 227 13.65 -9.76 21.17
N LEU D 228 13.86 -11.07 21.27
CA LEU D 228 14.10 -11.91 20.11
C LEU D 228 13.52 -13.30 20.37
N TYR D 229 12.96 -13.89 19.32
CA TYR D 229 12.50 -15.27 19.38
C TYR D 229 12.80 -15.95 18.05
N GLU D 230 13.11 -17.24 18.12
CA GLU D 230 13.34 -18.06 16.94
C GLU D 230 12.20 -19.06 16.81
N CYS D 231 11.54 -19.04 15.66
CA CYS D 231 10.30 -19.78 15.45
C CYS D 231 10.48 -20.78 14.32
N ASN D 232 10.07 -22.03 14.57
CA ASN D 232 10.17 -23.11 13.59
C ASN D 232 8.89 -23.94 13.59
N ARG D 233 7.74 -23.27 13.63
CA ARG D 233 6.45 -23.92 13.58
C ARG D 233 5.80 -23.66 12.23
N TYR D 234 5.19 -24.70 11.67
CA TYR D 234 4.48 -24.56 10.41
C TYR D 234 3.56 -23.34 10.47
N PRO D 235 3.43 -22.58 9.38
CA PRO D 235 4.00 -22.71 8.03
C PRO D 235 5.38 -22.09 7.82
N CYS D 236 6.03 -21.61 8.87
CA CYS D 236 7.30 -20.91 8.71
C CYS D 236 8.39 -21.89 8.25
N ILE D 237 9.26 -21.41 7.37
CA ILE D 237 10.19 -22.28 6.64
C ILE D 237 11.45 -22.43 7.48
N LYS D 238 11.44 -23.46 8.33
CA LYS D 238 12.60 -24.05 8.96
C LYS D 238 13.24 -23.19 10.05
N GLU D 239 12.98 -21.89 10.03
CA GLU D 239 13.30 -21.00 11.14
C GLU D 239 12.99 -19.56 10.72
N VAL D 240 12.69 -18.69 11.68
CA VAL D 240 12.55 -17.27 11.42
C VAL D 240 12.78 -16.50 12.72
N GLU D 241 13.27 -15.28 12.58
CA GLU D 241 13.42 -14.37 13.70
C GLU D 241 12.16 -13.54 13.85
N CYS D 242 11.69 -13.41 15.09
CA CYS D 242 10.48 -12.67 15.41
C CYS D 242 10.79 -11.74 16.57
N TYR D 243 10.32 -10.51 16.48
CA TYR D 243 10.69 -9.45 17.39
C TYR D 243 9.51 -9.09 18.30
N VAL D 244 9.85 -8.63 19.51
CA VAL D 244 8.88 -8.43 20.58
C VAL D 244 8.80 -6.94 20.89
N SER D 245 7.69 -6.56 21.51
CA SER D 245 7.42 -5.18 21.88
C SER D 245 7.53 -4.99 23.38
N ARG D 246 7.99 -3.80 23.79
CA ARG D 246 8.17 -3.43 25.18
C ARG D 246 8.70 -4.59 26.02
N PRO D 247 9.91 -5.08 25.74
CA PRO D 247 10.46 -6.19 26.51
C PRO D 247 11.18 -5.81 27.80
N THR D 248 11.16 -4.53 28.18
CA THR D 248 11.77 -4.09 29.43
C THR D 248 10.74 -3.64 30.47
N GLU D 249 9.51 -3.36 30.06
CA GLU D 249 8.45 -2.98 30.97
C GLU D 249 7.72 -4.17 31.57
N LYS D 250 7.92 -5.37 31.02
CA LYS D 250 7.30 -6.58 31.52
C LYS D 250 8.19 -7.38 32.45
N THR D 251 9.51 -7.31 32.24
CA THR D 251 10.44 -7.94 33.16
C THR D 251 10.29 -7.38 34.57
N VAL D 252 10.09 -6.06 34.67
CA VAL D 252 9.90 -5.42 35.97
C VAL D 252 8.68 -5.99 36.67
N PHE D 253 7.56 -6.09 35.93
CA PHE D 253 6.36 -6.70 36.48
C PHE D 253 6.63 -8.11 36.97
N LEU D 254 7.28 -8.92 36.14
CA LEU D 254 7.61 -10.28 36.51
C LEU D 254 8.34 -10.34 37.84
N VAL D 255 9.42 -9.54 37.95
CA VAL D 255 10.25 -9.58 39.15
C VAL D 255 9.46 -9.14 40.37
N PHE D 256 8.73 -8.02 40.25
CA PHE D 256 7.93 -7.52 41.35
C PHE D 256 6.95 -8.58 41.84
N MET D 257 6.27 -9.25 40.91
CA MET D 257 5.27 -10.24 41.29
C MET D 257 5.92 -11.45 41.94
N PHE D 258 7.06 -11.89 41.42
CA PHE D 258 7.81 -12.97 42.05
C PHE D 258 8.12 -12.63 43.51
N ALA D 259 8.60 -11.42 43.75
CA ALA D 259 8.94 -11.01 45.11
C ALA D 259 7.72 -11.04 46.01
N VAL D 260 6.61 -10.46 45.55
CA VAL D 260 5.40 -10.43 46.38
C VAL D 260 4.94 -11.85 46.70
N SER D 261 4.95 -12.74 45.70
CA SER D 261 4.54 -14.13 45.95
C SER D 261 5.45 -14.79 46.97
N GLY D 262 6.75 -14.57 46.88
CA GLY D 262 7.66 -15.12 47.87
C GLY D 262 7.33 -14.66 49.27
N ILE D 263 7.08 -13.35 49.42
CA ILE D 263 6.76 -12.81 50.73
C ILE D 263 5.47 -13.45 51.27
N CYS D 264 4.47 -13.60 50.41
CA CYS D 264 3.21 -14.17 50.89
C CYS D 264 3.37 -15.63 51.28
N VAL D 265 4.16 -16.38 50.54
CA VAL D 265 4.44 -17.76 50.91
C VAL D 265 5.11 -17.81 52.28
N VAL D 266 6.10 -16.95 52.49
CA VAL D 266 6.78 -16.90 53.78
C VAL D 266 5.78 -16.64 54.90
N LEU D 267 4.90 -15.67 54.70
CA LEU D 267 3.94 -15.33 55.75
C LEU D 267 2.98 -16.48 56.01
N ASN D 268 2.55 -17.17 54.96
CA ASN D 268 1.64 -18.30 55.14
C ASN D 268 2.31 -19.41 55.96
N LEU D 269 3.56 -19.73 55.62
CA LEU D 269 4.27 -20.74 56.39
C LEU D 269 4.45 -20.31 57.83
N ALA D 270 4.73 -19.02 58.05
CA ALA D 270 4.85 -18.51 59.41
C ALA D 270 3.55 -18.71 60.19
N GLU D 271 2.42 -18.39 59.58
CA GLU D 271 1.14 -18.61 60.24
C GLU D 271 0.90 -20.08 60.50
N LEU D 272 1.42 -20.96 59.63
CA LEU D 272 1.27 -22.39 59.85
C LEU D 272 2.03 -22.84 61.08
N ASN D 273 3.33 -22.54 61.14
CA ASN D 273 4.14 -22.96 62.28
C ASN D 273 3.60 -22.45 63.60
N HIS D 274 2.76 -21.41 63.57
CA HIS D 274 2.13 -20.87 64.78
C HIS D 274 0.85 -21.60 65.15
N LEU D 275 0.69 -22.83 64.68
CA LEU D 275 -0.57 -23.55 64.84
C LEU D 275 -0.36 -24.90 65.51
N GLY D 276 0.75 -25.55 65.22
CA GLY D 276 1.06 -26.85 65.78
C GLY D 276 0.99 -27.97 64.76
N GLY E 2 -19.94 -3.93 29.57
CA GLY E 2 -21.34 -4.07 29.93
C GLY E 2 -21.64 -3.57 31.33
N GLU E 3 -22.90 -3.66 31.73
CA GLU E 3 -23.37 -3.21 33.03
C GLU E 3 -23.80 -4.42 33.84
N TRP E 4 -22.88 -4.95 34.64
CA TRP E 4 -23.14 -6.13 35.45
C TRP E 4 -23.65 -5.79 36.85
N THR E 5 -23.88 -4.52 37.16
CA THR E 5 -24.34 -4.15 38.49
C THR E 5 -25.84 -4.40 38.66
N ILE E 6 -26.61 -4.28 37.57
CA ILE E 6 -28.03 -4.55 37.64
C ILE E 6 -28.27 -5.99 38.07
N LEU E 7 -27.58 -6.92 37.42
CA LEU E 7 -27.65 -8.33 37.82
C LEU E 7 -27.26 -8.49 39.27
N GLU E 8 -26.23 -7.77 39.73
CA GLU E 8 -25.80 -7.87 41.11
C GLU E 8 -26.92 -7.51 42.07
N ARG E 9 -27.57 -6.37 41.83
CA ARG E 9 -28.63 -5.93 42.74
C ARG E 9 -29.82 -6.88 42.69
N LEU E 10 -30.23 -7.27 41.48
CA LEU E 10 -31.34 -8.21 41.35
C LEU E 10 -31.07 -9.49 42.13
N LEU E 11 -29.88 -10.06 41.95
CA LEU E 11 -29.52 -11.27 42.68
C LEU E 11 -29.53 -11.02 44.19
N GLU E 12 -28.85 -9.97 44.64
CA GLU E 12 -28.82 -9.66 46.06
C GLU E 12 -30.22 -9.56 46.64
N ALA E 13 -31.21 -9.21 45.82
CA ALA E 13 -32.59 -9.19 46.26
C ALA E 13 -33.29 -10.53 46.07
N ALA E 14 -32.73 -11.43 45.26
CA ALA E 14 -33.33 -12.72 44.97
C ALA E 14 -32.89 -13.84 45.90
N VAL E 15 -31.77 -13.67 46.61
CA VAL E 15 -31.24 -14.75 47.42
C VAL E 15 -31.80 -14.76 48.84
N GLN E 16 -32.78 -13.91 49.14
CA GLN E 16 -33.42 -13.91 50.44
C GLN E 16 -34.49 -15.01 50.47
N GLN E 17 -34.09 -16.23 50.15
CA GLN E 17 -35.00 -17.35 50.01
C GLN E 17 -34.51 -18.51 50.87
N HIS E 18 -35.45 -19.35 51.27
CA HIS E 18 -35.11 -20.53 52.06
C HIS E 18 -34.47 -21.57 51.17
N SER E 19 -33.23 -21.96 51.50
CA SER E 19 -32.47 -22.92 50.73
C SER E 19 -31.81 -23.90 51.69
N THR E 20 -30.98 -24.78 51.12
CA THR E 20 -30.21 -25.74 51.87
C THR E 20 -28.75 -25.66 51.45
N MET E 21 -27.91 -26.39 52.19
CA MET E 21 -26.47 -26.40 51.95
C MET E 21 -26.13 -26.43 50.47
N ILE E 22 -26.81 -27.29 49.71
CA ILE E 22 -26.40 -27.56 48.34
C ILE E 22 -26.74 -26.39 47.43
N GLY E 23 -27.89 -25.74 47.67
CA GLY E 23 -28.21 -24.56 46.90
C GLY E 23 -27.21 -23.45 47.11
N ARG E 24 -26.78 -23.25 48.36
CA ARG E 24 -25.78 -22.22 48.64
C ARG E 24 -24.44 -22.56 47.99
N ILE E 25 -24.03 -23.83 48.03
CA ILE E 25 -22.80 -24.22 47.37
C ILE E 25 -22.89 -23.96 45.87
N LEU E 26 -24.05 -24.30 45.27
CA LEU E 26 -24.23 -24.07 43.85
C LEU E 26 -24.14 -22.59 43.51
N LEU E 27 -24.79 -21.74 44.32
CA LEU E 27 -24.71 -20.30 44.10
C LEU E 27 -23.28 -19.81 44.20
N THR E 28 -22.56 -20.26 45.22
CA THR E 28 -21.15 -19.87 45.36
C THR E 28 -20.36 -20.22 44.11
N VAL E 29 -20.52 -21.45 43.62
CA VAL E 29 -19.74 -21.89 42.47
C VAL E 29 -20.09 -21.07 41.24
N VAL E 30 -21.39 -20.87 40.98
CA VAL E 30 -21.79 -20.11 39.80
C VAL E 30 -21.33 -18.67 39.91
N VAL E 31 -21.16 -18.15 41.12
CA VAL E 31 -20.83 -16.74 41.27
C VAL E 31 -19.33 -16.53 41.12
N ILE E 32 -18.51 -17.41 41.68
CA ILE E 32 -17.07 -17.18 41.67
C ILE E 32 -16.45 -17.65 40.35
N PHE E 33 -16.58 -18.93 40.04
CA PHE E 33 -15.84 -19.53 38.94
C PHE E 33 -16.46 -19.26 37.58
N ARG E 34 -17.62 -18.63 37.51
CA ARG E 34 -18.32 -18.42 36.26
C ARG E 34 -18.56 -16.96 35.91
N ILE E 35 -18.94 -16.14 36.89
CA ILE E 35 -19.27 -14.75 36.61
C ILE E 35 -18.02 -13.88 36.64
N LEU E 36 -17.24 -13.97 37.70
CA LEU E 36 -16.06 -13.11 37.84
C LEU E 36 -15.02 -13.36 36.76
N ILE E 37 -14.99 -14.56 36.20
CA ILE E 37 -14.08 -14.83 35.09
C ILE E 37 -14.57 -14.17 33.82
N VAL E 38 -15.84 -14.39 33.48
CA VAL E 38 -16.38 -13.86 32.23
C VAL E 38 -16.37 -12.34 32.24
N ALA E 39 -16.68 -11.73 33.39
CA ALA E 39 -16.77 -10.28 33.45
C ALA E 39 -15.41 -9.64 33.17
N ILE E 40 -14.35 -10.23 33.69
CA ILE E 40 -13.04 -9.57 33.74
C ILE E 40 -12.14 -10.07 32.62
N VAL E 41 -11.86 -11.38 32.63
CA VAL E 41 -10.85 -11.95 31.73
C VAL E 41 -11.38 -12.22 30.32
N GLY E 42 -12.65 -11.99 30.06
CA GLY E 42 -13.27 -12.50 28.85
C GLY E 42 -13.23 -11.58 27.65
N GLU E 43 -13.70 -10.35 27.83
CA GLU E 43 -13.97 -9.47 26.68
C GLU E 43 -12.72 -9.16 25.86
N THR E 44 -11.53 -9.25 26.45
CA THR E 44 -10.31 -8.84 25.78
C THR E 44 -9.64 -9.93 24.96
N VAL E 45 -10.06 -11.19 25.12
CA VAL E 45 -9.46 -12.26 24.31
C VAL E 45 -10.09 -12.31 22.94
N TYR E 46 -11.41 -12.13 22.86
CA TYR E 46 -12.17 -12.28 21.62
C TYR E 46 -12.45 -10.92 20.98
N ASP E 47 -11.53 -9.97 21.10
CA ASP E 47 -11.69 -8.65 20.51
C ASP E 47 -11.02 -8.51 19.16
N ASP E 48 -10.04 -9.37 18.86
CA ASP E 48 -9.32 -9.32 17.59
C ASP E 48 -9.48 -10.63 16.84
N GLU E 49 -10.71 -11.14 16.77
CA GLU E 49 -10.95 -12.46 16.20
C GLU E 49 -11.21 -12.43 14.70
N GLN E 50 -11.81 -11.36 14.20
CA GLN E 50 -12.03 -11.20 12.77
C GLN E 50 -10.95 -10.37 12.09
N THR E 51 -10.15 -9.64 12.86
CA THR E 51 -9.12 -8.78 12.30
C THR E 51 -7.82 -9.53 12.06
N MET E 52 -7.53 -10.56 12.84
CA MET E 52 -6.32 -11.35 12.71
C MET E 52 -6.59 -12.71 12.06
N PHE E 53 -7.77 -12.89 11.48
CA PHE E 53 -8.11 -14.11 10.76
C PHE E 53 -7.91 -13.85 9.28
N VAL E 54 -6.96 -14.55 8.67
CA VAL E 54 -6.57 -14.31 7.29
C VAL E 54 -6.52 -15.63 6.55
N CYS E 55 -6.99 -15.62 5.31
CA CYS E 55 -6.90 -16.76 4.41
C CYS E 55 -5.94 -16.46 3.28
N ASN E 56 -5.50 -17.52 2.60
CA ASN E 56 -4.49 -17.42 1.56
C ASN E 56 -5.17 -17.35 0.20
N THR E 57 -5.55 -16.13 -0.17
CA THR E 57 -6.23 -15.91 -1.44
C THR E 57 -6.38 -14.41 -1.66
N LEU E 58 -6.71 -14.05 -2.91
CA LEU E 58 -6.97 -12.67 -3.29
C LEU E 58 -8.46 -12.38 -3.48
N GLN E 59 -9.30 -13.40 -3.47
CA GLN E 59 -10.72 -13.21 -3.74
C GLN E 59 -11.37 -12.39 -2.64
N PRO E 60 -11.99 -11.25 -2.95
CA PRO E 60 -12.76 -10.53 -1.93
C PRO E 60 -13.97 -11.34 -1.50
N GLY E 61 -14.11 -11.50 -0.18
CA GLY E 61 -15.22 -12.22 0.39
C GLY E 61 -14.94 -13.65 0.79
N CYS E 62 -13.68 -14.07 0.83
CA CYS E 62 -13.32 -15.41 1.26
C CYS E 62 -12.95 -15.47 2.74
N ASN E 63 -12.80 -14.32 3.40
CA ASN E 63 -12.52 -14.29 4.82
C ASN E 63 -13.81 -14.23 5.65
N GLN E 64 -14.73 -13.36 5.27
CA GLN E 64 -15.99 -13.24 5.99
C GLN E 64 -16.75 -14.56 5.99
N ALA E 65 -16.86 -15.19 4.82
CA ALA E 65 -17.61 -16.43 4.69
C ALA E 65 -16.98 -17.53 5.54
N CYS E 66 -15.67 -17.69 5.44
CA CYS E 66 -15.00 -18.77 6.14
C CYS E 66 -14.99 -18.54 7.65
N TYR E 67 -14.92 -17.28 8.09
CA TYR E 67 -15.12 -16.99 9.51
C TYR E 67 -16.51 -17.41 9.96
N ASP E 68 -17.55 -16.89 9.29
CA ASP E 68 -18.91 -17.23 9.68
C ASP E 68 -19.14 -18.74 9.64
N ARG E 69 -18.37 -19.46 8.81
CA ARG E 69 -18.52 -20.91 8.73
C ARG E 69 -17.76 -21.63 9.82
N ALA E 70 -16.69 -21.03 10.33
CA ALA E 70 -15.87 -21.66 11.36
C ALA E 70 -16.38 -21.32 12.76
N PHE E 71 -16.55 -20.04 13.06
CA PHE E 71 -17.09 -19.60 14.33
C PHE E 71 -18.44 -18.93 14.13
N PRO E 72 -19.52 -19.69 13.99
CA PRO E 72 -20.84 -19.05 13.82
C PRO E 72 -21.24 -18.23 15.02
N ILE E 73 -20.78 -18.59 16.21
CA ILE E 73 -21.10 -17.87 17.43
C ILE E 73 -19.88 -17.93 18.33
N SER E 74 -19.49 -16.78 18.88
CA SER E 74 -18.36 -16.73 19.80
C SER E 74 -18.73 -17.35 21.13
N HIS E 75 -17.73 -17.91 21.80
CA HIS E 75 -17.99 -18.66 23.03
C HIS E 75 -18.53 -17.75 24.12
N ILE E 76 -18.04 -16.51 24.16
CA ILE E 76 -18.30 -15.63 25.29
C ILE E 76 -19.79 -15.31 25.41
N ARG E 77 -20.46 -15.08 24.28
CA ARG E 77 -21.89 -14.80 24.27
C ARG E 77 -22.72 -16.03 24.61
N TYR E 78 -22.31 -17.21 24.14
CA TYR E 78 -22.91 -18.44 24.59
C TYR E 78 -22.87 -18.56 26.11
N TRP E 79 -21.72 -18.25 26.72
CA TRP E 79 -21.60 -18.38 28.16
C TRP E 79 -22.42 -17.32 28.90
N VAL E 80 -22.50 -16.10 28.36
CA VAL E 80 -23.34 -15.07 28.95
C VAL E 80 -24.80 -15.52 28.97
N PHE E 81 -25.30 -15.96 27.81
CA PHE E 81 -26.66 -16.48 27.73
C PHE E 81 -26.87 -17.62 28.71
N GLN E 82 -25.89 -18.53 28.80
CA GLN E 82 -25.96 -19.63 29.76
C GLN E 82 -26.18 -19.10 31.17
N ILE E 83 -25.36 -18.13 31.58
CA ILE E 83 -25.47 -17.56 32.93
C ILE E 83 -26.86 -17.00 33.17
N ILE E 84 -27.35 -16.20 32.23
CA ILE E 84 -28.64 -15.54 32.43
C ILE E 84 -29.76 -16.55 32.55
N MET E 85 -29.80 -17.51 31.62
CA MET E 85 -30.86 -18.50 31.63
C MET E 85 -30.77 -19.42 32.83
N VAL E 86 -29.58 -19.60 33.40
CA VAL E 86 -29.45 -20.44 34.58
C VAL E 86 -29.89 -19.68 35.83
N CYS E 87 -29.70 -18.36 35.85
CA CYS E 87 -30.07 -17.59 37.03
C CYS E 87 -31.53 -17.15 37.03
N THR E 88 -32.21 -17.19 35.89
CA THR E 88 -33.60 -16.74 35.82
C THR E 88 -34.50 -17.36 36.88
N PRO E 89 -34.54 -18.69 37.00
CA PRO E 89 -35.51 -19.32 37.91
C PRO E 89 -35.43 -18.82 39.33
N SER E 90 -34.24 -18.33 39.73
CA SER E 90 -34.10 -17.71 41.04
C SER E 90 -34.54 -16.25 41.04
N LEU E 91 -34.55 -15.61 39.87
CA LEU E 91 -35.06 -14.25 39.78
C LEU E 91 -36.58 -14.23 39.84
N CYS E 92 -37.24 -15.29 39.35
CA CYS E 92 -38.69 -15.33 39.39
C CYS E 92 -39.26 -15.27 40.81
N PHE E 93 -38.42 -15.42 41.83
CA PHE E 93 -38.92 -15.34 43.20
C PHE E 93 -39.36 -13.92 43.55
N ILE E 94 -38.70 -12.90 42.98
CA ILE E 94 -39.13 -11.53 43.20
C ILE E 94 -40.58 -11.36 42.79
N THR E 95 -40.98 -12.02 41.71
CA THR E 95 -42.34 -11.91 41.22
C THR E 95 -43.29 -12.79 42.01
N TYR E 96 -42.84 -13.99 42.39
CA TYR E 96 -43.72 -14.90 43.12
C TYR E 96 -43.97 -14.44 44.56
N SER E 97 -43.10 -13.60 45.12
CA SER E 97 -43.23 -13.23 46.52
C SER E 97 -44.43 -12.32 46.75
N VAL E 98 -44.42 -11.15 46.10
CA VAL E 98 -45.45 -10.14 46.38
C VAL E 98 -46.86 -10.71 46.17
N HIS E 99 -46.99 -11.72 45.32
CA HIS E 99 -48.28 -12.33 45.09
C HIS E 99 -48.95 -12.74 46.40
N GLN E 100 -48.22 -13.50 47.23
CA GLN E 100 -48.77 -13.92 48.51
C GLN E 100 -49.06 -12.73 49.43
N SER E 101 -48.27 -11.67 49.31
CA SER E 101 -48.46 -10.49 50.14
C SER E 101 -49.82 -9.84 49.89
N SER E 196 -43.51 -24.23 48.67
CA SER E 196 -42.44 -25.20 48.49
C SER E 196 -42.42 -25.73 47.07
N ARG E 197 -43.62 -26.00 46.54
CA ARG E 197 -43.81 -26.46 45.17
C ARG E 197 -42.91 -25.68 44.20
N PHE E 198 -42.91 -24.35 44.35
CA PHE E 198 -42.06 -23.51 43.52
C PHE E 198 -40.61 -23.97 43.57
N TYR E 199 -40.15 -24.39 44.74
CA TYR E 199 -38.81 -24.94 44.88
C TYR E 199 -38.60 -26.11 43.92
N ILE E 200 -39.56 -27.04 43.89
CA ILE E 200 -39.45 -28.21 43.04
C ILE E 200 -39.36 -27.79 41.58
N ILE E 201 -40.24 -26.87 41.18
CA ILE E 201 -40.27 -26.44 39.78
C ILE E 201 -38.93 -25.83 39.40
N GLN E 202 -38.45 -24.89 40.22
CA GLN E 202 -37.16 -24.26 39.98
C GLN E 202 -36.07 -25.30 39.81
N VAL E 203 -36.02 -26.27 40.72
CA VAL E 203 -34.96 -27.29 40.68
C VAL E 203 -34.98 -28.02 39.35
N VAL E 204 -36.15 -28.57 38.98
CA VAL E 204 -36.21 -29.39 37.77
C VAL E 204 -35.84 -28.55 36.54
N PHE E 205 -36.32 -27.31 36.48
CA PHE E 205 -36.01 -26.48 35.33
C PHE E 205 -34.51 -26.19 35.24
N ARG E 206 -33.87 -25.97 36.39
CA ARG E 206 -32.43 -25.76 36.40
C ARG E 206 -31.70 -26.99 35.88
N ASN E 207 -32.11 -28.18 36.34
CA ASN E 207 -31.54 -29.41 35.80
C ASN E 207 -31.59 -29.42 34.29
N ALA E 208 -32.79 -29.20 33.75
CA ALA E 208 -32.98 -29.28 32.29
C ALA E 208 -32.08 -28.29 31.57
N LEU E 209 -32.07 -27.03 32.03
CA LEU E 209 -31.30 -26.01 31.33
C LEU E 209 -29.81 -26.33 31.35
N GLU E 210 -29.29 -26.72 32.52
CA GLU E 210 -27.87 -27.03 32.62
C GLU E 210 -27.48 -28.16 31.68
N ILE E 211 -28.24 -29.25 31.70
CA ILE E 211 -27.91 -30.38 30.84
C ILE E 211 -27.95 -29.96 29.37
N GLY E 212 -28.99 -29.24 28.98
CA GLY E 212 -29.11 -28.83 27.60
C GLY E 212 -27.93 -27.98 27.15
N PHE E 213 -27.50 -27.05 28.00
CA PHE E 213 -26.42 -26.15 27.60
C PHE E 213 -25.10 -26.91 27.51
N LEU E 214 -24.86 -27.84 28.44
CA LEU E 214 -23.64 -28.64 28.34
C LEU E 214 -23.61 -29.44 27.05
N VAL E 215 -24.73 -30.09 26.71
CA VAL E 215 -24.77 -30.90 25.49
C VAL E 215 -24.58 -30.02 24.25
N GLY E 216 -25.20 -28.85 24.24
CA GLY E 216 -25.01 -27.94 23.12
C GLY E 216 -23.58 -27.49 22.99
N GLN E 217 -22.91 -27.24 24.13
CA GLN E 217 -21.50 -26.89 24.08
C GLN E 217 -20.67 -28.00 23.48
N TYR E 218 -20.95 -29.25 23.86
CA TYR E 218 -20.24 -30.37 23.26
C TYR E 218 -20.46 -30.40 21.75
N PHE E 219 -21.71 -30.24 21.31
CA PHE E 219 -22.02 -30.45 19.89
C PHE E 219 -21.61 -29.27 19.01
N LEU E 220 -21.43 -28.08 19.57
CA LEU E 220 -21.05 -26.93 18.76
C LEU E 220 -19.54 -26.79 18.59
N TYR E 221 -18.81 -26.68 19.71
CA TYR E 221 -17.40 -26.32 19.68
C TYR E 221 -16.50 -27.54 19.83
N GLY E 222 -16.71 -28.34 20.88
CA GLY E 222 -15.91 -29.52 21.10
C GLY E 222 -15.00 -29.39 22.30
N PHE E 223 -13.77 -29.90 22.17
CA PHE E 223 -12.78 -29.86 23.25
C PHE E 223 -11.54 -29.09 22.87
N SER E 224 -11.44 -28.59 21.63
CA SER E 224 -10.21 -27.98 21.17
C SER E 224 -10.50 -26.92 20.13
N VAL E 225 -9.58 -25.99 19.98
CA VAL E 225 -9.63 -24.96 18.95
C VAL E 225 -8.31 -24.99 18.20
N PRO E 226 -8.27 -25.46 16.96
CA PRO E 226 -7.01 -25.59 16.24
C PRO E 226 -6.64 -24.32 15.49
N GLY E 227 -5.42 -24.30 14.97
CA GLY E 227 -4.89 -23.14 14.29
C GLY E 227 -4.95 -23.24 12.79
N LEU E 228 -5.81 -24.11 12.28
CA LEU E 228 -5.99 -24.29 10.84
C LEU E 228 -7.44 -24.63 10.55
N TYR E 229 -7.92 -24.14 9.41
CA TYR E 229 -9.24 -24.49 8.92
C TYR E 229 -9.19 -24.60 7.41
N GLU E 230 -9.99 -25.51 6.87
CA GLU E 230 -10.12 -25.71 5.43
C GLU E 230 -11.52 -25.26 5.02
N CYS E 231 -11.60 -24.32 4.09
CA CYS E 231 -12.84 -23.66 3.73
C CYS E 231 -13.17 -23.90 2.26
N ASN E 232 -14.41 -24.30 1.99
CA ASN E 232 -14.88 -24.56 0.64
C ASN E 232 -16.27 -23.97 0.43
N ARG E 233 -16.46 -22.74 0.90
CA ARG E 233 -17.71 -22.02 0.73
C ARG E 233 -17.53 -20.89 -0.26
N TYR E 234 -18.51 -20.72 -1.15
CA TYR E 234 -18.49 -19.63 -2.10
C TYR E 234 -18.14 -18.32 -1.38
N PRO E 235 -17.35 -17.44 -1.99
CA PRO E 235 -16.73 -17.45 -3.34
C PRO E 235 -15.38 -18.15 -3.45
N CYS E 236 -14.91 -18.82 -2.39
CA CYS E 236 -13.58 -19.42 -2.43
C CYS E 236 -13.55 -20.58 -3.42
N ILE E 237 -12.40 -20.74 -4.08
CA ILE E 237 -12.26 -21.63 -5.22
C ILE E 237 -11.88 -23.01 -4.71
N LYS E 238 -12.90 -23.81 -4.41
CA LYS E 238 -12.82 -25.26 -4.24
C LYS E 238 -12.10 -25.70 -2.97
N GLU E 239 -11.28 -24.83 -2.39
CA GLU E 239 -10.73 -25.04 -1.06
C GLU E 239 -9.74 -23.91 -0.76
N VAL E 240 -9.54 -23.58 0.52
CA VAL E 240 -8.49 -22.66 0.93
C VAL E 240 -8.14 -22.95 2.38
N GLU E 241 -6.92 -22.58 2.75
CA GLU E 241 -6.39 -22.79 4.10
C GLU E 241 -6.43 -21.46 4.83
N CYS E 242 -7.11 -21.44 5.97
CA CYS E 242 -7.31 -20.23 6.76
C CYS E 242 -6.72 -20.44 8.15
N TYR E 243 -6.18 -19.37 8.72
CA TYR E 243 -5.42 -19.43 9.96
C TYR E 243 -6.14 -18.67 11.06
N VAL E 244 -5.91 -19.09 12.30
CA VAL E 244 -6.65 -18.63 13.45
C VAL E 244 -5.70 -17.92 14.41
N SER E 245 -6.26 -17.08 15.26
CA SER E 245 -5.52 -16.31 16.24
C SER E 245 -5.74 -16.85 17.64
N ARG E 246 -4.69 -16.76 18.47
CA ARG E 246 -4.69 -17.22 19.85
C ARG E 246 -5.47 -18.53 20.01
N PRO E 247 -5.01 -19.62 19.41
CA PRO E 247 -5.72 -20.90 19.52
C PRO E 247 -5.38 -21.73 20.76
N THR E 248 -4.56 -21.21 21.67
CA THR E 248 -4.21 -21.90 22.90
C THR E 248 -4.79 -21.24 24.14
N GLU E 249 -5.20 -19.98 24.05
CA GLU E 249 -5.82 -19.29 25.16
C GLU E 249 -7.32 -19.52 25.25
N LYS E 250 -7.92 -20.11 24.24
CA LYS E 250 -9.35 -20.41 24.22
C LYS E 250 -9.66 -21.85 24.60
N THR E 251 -8.75 -22.77 24.27
CA THR E 251 -8.91 -24.16 24.69
C THR E 251 -8.98 -24.26 26.22
N VAL E 252 -8.15 -23.47 26.91
CA VAL E 252 -8.16 -23.47 28.36
C VAL E 252 -9.53 -23.04 28.89
N PHE E 253 -10.07 -21.96 28.32
CA PHE E 253 -11.40 -21.50 28.69
C PHE E 253 -12.43 -22.61 28.48
N LEU E 254 -12.40 -23.24 27.30
CA LEU E 254 -13.33 -24.31 26.99
C LEU E 254 -13.29 -25.40 28.06
N VAL E 255 -12.08 -25.88 28.37
CA VAL E 255 -11.94 -26.98 29.31
C VAL E 255 -12.44 -26.58 30.70
N PHE E 256 -12.01 -25.40 31.16
CA PHE E 256 -12.44 -24.93 32.48
C PHE E 256 -13.96 -24.85 32.57
N MET E 257 -14.60 -24.33 31.53
CA MET E 257 -16.05 -24.18 31.56
C MET E 257 -16.75 -25.52 31.52
N PHE E 258 -16.25 -26.45 30.71
CA PHE E 258 -16.80 -27.81 30.71
C PHE E 258 -16.75 -28.41 32.11
N ALA E 259 -15.61 -28.25 32.79
CA ALA E 259 -15.49 -28.81 34.14
C ALA E 259 -16.51 -28.19 35.09
N VAL E 260 -16.62 -26.86 35.08
CA VAL E 260 -17.57 -26.20 35.98
C VAL E 260 -18.99 -26.68 35.70
N SER E 261 -19.36 -26.77 34.42
CA SER E 261 -20.70 -27.23 34.08
C SER E 261 -20.94 -28.64 34.59
N GLY E 262 -19.95 -29.52 34.43
CA GLY E 262 -20.10 -30.87 34.96
C GLY E 262 -20.34 -30.88 36.46
N ILE E 263 -19.56 -30.08 37.19
CA ILE E 263 -19.73 -30.02 38.63
C ILE E 263 -21.13 -29.54 39.00
N CYS E 264 -21.62 -28.52 38.29
CA CYS E 264 -22.94 -27.97 38.62
C CYS E 264 -24.04 -28.99 38.31
N VAL E 265 -23.91 -29.73 37.21
CA VAL E 265 -24.87 -30.78 36.90
C VAL E 265 -24.89 -31.82 38.02
N VAL E 266 -23.70 -32.23 38.47
CA VAL E 266 -23.62 -33.20 39.56
C VAL E 266 -24.35 -32.69 40.78
N LEU E 267 -24.10 -31.43 41.15
CA LEU E 267 -24.73 -30.89 42.35
C LEU E 267 -26.24 -30.81 42.20
N ASN E 268 -26.72 -30.45 41.00
CA ASN E 268 -28.16 -30.38 40.79
C ASN E 268 -28.80 -31.75 40.94
N LEU E 269 -28.20 -32.78 40.33
CA LEU E 269 -28.73 -34.12 40.49
C LEU E 269 -28.70 -34.57 41.94
N ALA E 270 -27.64 -34.21 42.67
CA ALA E 270 -27.57 -34.53 44.10
C ALA E 270 -28.72 -33.90 44.86
N GLU E 271 -29.00 -32.63 44.59
CA GLU E 271 -30.13 -31.98 45.25
C GLU E 271 -31.44 -32.62 44.86
N LEU E 272 -31.52 -33.16 43.65
CA LEU E 272 -32.74 -33.84 43.22
C LEU E 272 -32.96 -35.12 44.02
N ASN E 273 -31.96 -36.01 44.03
CA ASN E 273 -32.10 -37.27 44.76
C ASN E 273 -32.42 -37.07 46.22
N HIS E 274 -32.15 -35.89 46.77
CA HIS E 274 -32.45 -35.57 48.16
C HIS E 274 -33.90 -35.12 48.36
N LEU E 275 -34.75 -35.38 47.38
CA LEU E 275 -36.11 -34.85 47.38
C LEU E 275 -37.17 -35.94 47.36
N GLY E 276 -36.99 -36.99 46.57
CA GLY E 276 -37.95 -38.07 46.49
C GLY E 276 -38.49 -38.26 45.08
N GLY F 2 -23.28 3.01 27.14
CA GLY F 2 -24.38 3.88 27.54
C GLY F 2 -24.58 3.94 29.05
N GLU F 3 -25.59 4.67 29.48
CA GLU F 3 -25.91 4.85 30.90
C GLU F 3 -27.28 4.25 31.15
N TRP F 4 -27.32 2.97 31.51
CA TRP F 4 -28.57 2.26 31.74
C TRP F 4 -29.03 2.31 33.19
N THR F 5 -28.33 3.06 34.05
CA THR F 5 -28.72 3.13 35.45
C THR F 5 -29.85 4.12 35.67
N ILE F 6 -29.90 5.18 34.87
CA ILE F 6 -30.99 6.15 34.96
C ILE F 6 -32.32 5.46 34.75
N LEU F 7 -32.41 4.67 33.69
CA LEU F 7 -33.62 3.88 33.44
C LEU F 7 -33.92 2.96 34.61
N GLU F 8 -32.89 2.37 35.20
CA GLU F 8 -33.10 1.47 36.33
C GLU F 8 -33.78 2.20 37.49
N ARG F 9 -33.25 3.37 37.86
CA ARG F 9 -33.82 4.10 38.98
C ARG F 9 -35.24 4.59 38.67
N LEU F 10 -35.44 5.14 37.47
CA LEU F 10 -36.76 5.59 37.09
C LEU F 10 -37.77 4.45 37.18
N LEU F 11 -37.43 3.28 36.63
CA LEU F 11 -38.32 2.14 36.70
C LEU F 11 -38.58 1.73 38.15
N GLU F 12 -37.50 1.53 38.93
CA GLU F 12 -37.66 1.17 40.33
C GLU F 12 -38.60 2.11 41.06
N ALA F 13 -38.68 3.36 40.61
CA ALA F 13 -39.65 4.29 41.19
C ALA F 13 -41.01 4.24 40.51
N ALA F 14 -41.10 3.65 39.32
CA ALA F 14 -42.35 3.58 38.56
C ALA F 14 -43.16 2.33 38.85
N VAL F 15 -42.57 1.29 39.43
CA VAL F 15 -43.27 0.02 39.62
C VAL F 15 -44.01 -0.04 40.95
N GLN F 16 -44.04 1.05 41.71
CA GLN F 16 -44.81 1.09 42.95
C GLN F 16 -46.27 1.37 42.64
N GLN F 17 -46.85 0.55 41.75
CA GLN F 17 -48.19 0.73 41.25
C GLN F 17 -48.98 -0.54 41.44
N HIS F 18 -50.30 -0.41 41.53
CA HIS F 18 -51.17 -1.55 41.69
C HIS F 18 -51.37 -2.23 40.34
N SER F 19 -51.07 -3.53 40.29
CA SER F 19 -51.18 -4.31 39.06
C SER F 19 -51.73 -5.68 39.40
N THR F 20 -51.66 -6.60 38.45
CA THR F 20 -52.09 -7.97 38.62
C THR F 20 -51.03 -8.91 38.08
N MET F 21 -51.26 -10.21 38.31
CA MET F 21 -50.32 -11.25 37.91
C MET F 21 -49.72 -10.99 36.53
N ILE F 22 -50.57 -10.64 35.57
CA ILE F 22 -50.13 -10.59 34.18
C ILE F 22 -49.22 -9.40 33.94
N GLY F 23 -49.50 -8.26 34.57
CA GLY F 23 -48.60 -7.13 34.44
C GLY F 23 -47.22 -7.43 34.99
N ARG F 24 -47.16 -8.11 36.13
CA ARG F 24 -45.88 -8.49 36.71
C ARG F 24 -45.13 -9.47 35.81
N ILE F 25 -45.84 -10.44 35.24
CA ILE F 25 -45.19 -11.37 34.32
C ILE F 25 -44.64 -10.62 33.12
N LEU F 26 -45.42 -9.68 32.58
CA LEU F 26 -44.96 -8.90 31.43
C LEU F 26 -43.71 -8.11 31.78
N LEU F 27 -43.70 -7.48 32.96
CA LEU F 27 -42.52 -6.72 33.38
C LEU F 27 -41.31 -7.63 33.51
N THR F 28 -41.49 -8.79 34.14
CA THR F 28 -40.38 -9.74 34.26
C THR F 28 -39.81 -10.09 32.89
N VAL F 29 -40.69 -10.40 31.93
CA VAL F 29 -40.22 -10.81 30.62
C VAL F 29 -39.48 -9.69 29.93
N VAL F 30 -40.05 -8.48 29.95
CA VAL F 30 -39.39 -7.35 29.28
C VAL F 30 -38.07 -7.03 29.95
N VAL F 31 -37.94 -7.34 31.24
CA VAL F 31 -36.72 -6.95 31.95
C VAL F 31 -35.61 -7.95 31.72
N ILE F 32 -35.92 -9.25 31.72
CA ILE F 32 -34.87 -10.26 31.63
C ILE F 32 -34.48 -10.50 30.18
N PHE F 33 -35.42 -10.94 29.36
CA PHE F 33 -35.11 -11.41 28.02
C PHE F 33 -34.90 -10.30 27.01
N ARG F 34 -35.11 -9.05 27.38
CA ARG F 34 -35.02 -7.94 26.43
C ARG F 34 -33.98 -6.90 26.81
N ILE F 35 -33.89 -6.53 28.08
CA ILE F 35 -32.97 -5.47 28.49
C ILE F 35 -31.57 -6.02 28.72
N LEU F 36 -31.46 -7.08 29.52
CA LEU F 36 -30.14 -7.62 29.86
C LEU F 36 -29.42 -8.20 28.65
N ILE F 37 -30.16 -8.59 27.61
CA ILE F 37 -29.52 -9.10 26.40
C ILE F 37 -28.99 -7.94 25.56
N VAL F 38 -29.71 -6.82 25.53
CA VAL F 38 -29.31 -5.69 24.70
C VAL F 38 -28.18 -4.91 25.36
N ALA F 39 -28.20 -4.80 26.68
CA ALA F 39 -27.20 -4.02 27.38
C ALA F 39 -25.82 -4.66 27.25
N ILE F 40 -25.76 -5.98 27.36
CA ILE F 40 -24.49 -6.69 27.52
C ILE F 40 -23.99 -7.22 26.18
N VAL F 41 -24.78 -8.08 25.54
CA VAL F 41 -24.34 -8.79 24.34
C VAL F 41 -24.46 -7.98 23.06
N GLY F 42 -25.17 -6.86 23.09
CA GLY F 42 -25.57 -6.21 21.85
C GLY F 42 -24.55 -5.31 21.20
N GLU F 43 -24.07 -4.31 21.95
CA GLU F 43 -23.26 -3.26 21.36
C GLU F 43 -22.02 -3.80 20.63
N THR F 44 -21.58 -5.02 20.92
CA THR F 44 -20.30 -5.50 20.43
C THR F 44 -20.39 -6.29 19.13
N VAL F 45 -21.59 -6.74 18.75
CA VAL F 45 -21.73 -7.48 17.49
C VAL F 45 -21.74 -6.54 16.30
N TYR F 46 -22.39 -5.38 16.45
CA TYR F 46 -22.59 -4.43 15.36
C TYR F 46 -21.58 -3.29 15.41
N ASP F 47 -20.35 -3.57 15.83
CA ASP F 47 -19.30 -2.56 15.90
C ASP F 47 -18.42 -2.54 14.67
N ASP F 48 -18.37 -3.63 13.90
CA ASP F 48 -17.56 -3.72 12.70
C ASP F 48 -18.42 -3.99 11.48
N GLU F 49 -19.53 -3.25 11.36
CA GLU F 49 -20.51 -3.53 10.31
C GLU F 49 -20.22 -2.76 9.03
N GLN F 50 -19.61 -1.59 9.12
CA GLN F 50 -19.23 -0.82 7.94
C GLN F 50 -17.78 -1.00 7.57
N THR F 51 -16.96 -1.53 8.47
CA THR F 51 -15.54 -1.70 8.22
C THR F 51 -15.22 -3.01 7.52
N MET F 52 -16.04 -4.04 7.72
CA MET F 52 -15.86 -5.34 7.09
C MET F 52 -16.85 -5.58 5.96
N PHE F 53 -17.55 -4.55 5.52
CA PHE F 53 -18.46 -4.62 4.39
C PHE F 53 -17.72 -4.11 3.15
N VAL F 54 -17.49 -5.00 2.19
CA VAL F 54 -16.68 -4.68 1.02
C VAL F 54 -17.42 -5.11 -0.24
N CYS F 55 -17.35 -4.29 -1.27
CA CYS F 55 -17.90 -4.60 -2.58
C CYS F 55 -16.76 -4.81 -3.57
N ASN F 56 -17.10 -5.44 -4.69
CA ASN F 56 -16.12 -5.82 -5.70
C ASN F 56 -16.10 -4.75 -6.80
N THR F 57 -15.32 -3.70 -6.56
CA THR F 57 -15.21 -2.60 -7.50
C THR F 57 -14.14 -1.64 -7.00
N LEU F 58 -13.70 -0.77 -7.91
CA LEU F 58 -12.72 0.27 -7.61
C LEU F 58 -13.35 1.65 -7.47
N GLN F 59 -14.62 1.80 -7.81
CA GLN F 59 -15.27 3.09 -7.79
C GLN F 59 -15.36 3.63 -6.37
N PRO F 60 -14.82 4.81 -6.08
CA PRO F 60 -15.03 5.41 -4.75
C PRO F 60 -16.47 5.82 -4.57
N GLY F 61 -17.06 5.37 -3.46
CA GLY F 61 -18.42 5.73 -3.11
C GLY F 61 -19.47 4.67 -3.34
N CYS F 62 -19.07 3.43 -3.65
CA CYS F 62 -20.03 2.36 -3.82
C CYS F 62 -20.34 1.66 -2.50
N ASN F 63 -19.34 1.50 -1.63
CA ASN F 63 -19.56 0.81 -0.36
C ASN F 63 -20.53 1.59 0.51
N GLN F 64 -20.33 2.89 0.65
CA GLN F 64 -21.20 3.70 1.48
C GLN F 64 -22.65 3.63 0.99
N ALA F 65 -22.85 3.82 -0.31
CA ALA F 65 -24.19 3.82 -0.86
C ALA F 65 -24.86 2.45 -0.69
N CYS F 66 -24.14 1.39 -1.03
CA CYS F 66 -24.73 0.07 -0.96
C CYS F 66 -25.02 -0.35 0.49
N TYR F 67 -24.17 0.06 1.44
CA TYR F 67 -24.48 -0.15 2.84
C TYR F 67 -25.76 0.58 3.23
N ASP F 68 -25.80 1.89 3.04
CA ASP F 68 -26.98 2.66 3.38
C ASP F 68 -28.23 2.10 2.70
N ARG F 69 -28.09 1.44 1.57
CA ARG F 69 -29.24 0.87 0.90
C ARG F 69 -29.61 -0.50 1.46
N ALA F 70 -28.64 -1.22 2.03
CA ALA F 70 -28.89 -2.55 2.56
C ALA F 70 -29.36 -2.50 4.02
N PHE F 71 -28.63 -1.78 4.87
CA PHE F 71 -28.97 -1.62 6.28
C PHE F 71 -29.23 -0.14 6.55
N PRO F 72 -30.42 0.36 6.22
CA PRO F 72 -30.70 1.77 6.51
C PRO F 72 -30.68 2.08 7.99
N ILE F 73 -31.00 1.11 8.84
CA ILE F 73 -31.00 1.28 10.28
C ILE F 73 -30.55 -0.03 10.91
N SER F 74 -29.63 0.06 11.86
CA SER F 74 -29.15 -1.13 12.55
C SER F 74 -30.21 -1.64 13.52
N HIS F 75 -30.22 -2.96 13.71
CA HIS F 75 -31.28 -3.58 14.51
C HIS F 75 -31.23 -3.09 15.95
N ILE F 76 -30.02 -2.87 16.48
CA ILE F 76 -29.86 -2.63 17.91
C ILE F 76 -30.55 -1.35 18.33
N ARG F 77 -30.48 -0.31 17.51
CA ARG F 77 -31.13 0.96 17.82
C ARG F 77 -32.64 0.88 17.68
N TYR F 78 -33.13 0.14 16.70
CA TYR F 78 -34.55 -0.17 16.63
C TYR F 78 -35.04 -0.82 17.91
N TRP F 79 -34.27 -1.79 18.45
CA TRP F 79 -34.70 -2.47 19.67
C TRP F 79 -34.63 -1.55 20.88
N VAL F 80 -33.61 -0.69 20.95
CA VAL F 80 -33.52 0.28 22.04
C VAL F 80 -34.75 1.19 22.03
N PHE F 81 -35.05 1.78 20.88
CA PHE F 81 -36.24 2.61 20.75
C PHE F 81 -37.50 1.84 21.15
N GLN F 82 -37.59 0.59 20.72
CA GLN F 82 -38.72 -0.26 21.10
C GLN F 82 -38.86 -0.34 22.61
N ILE F 83 -37.76 -0.64 23.30
CA ILE F 83 -37.77 -0.75 24.75
C ILE F 83 -38.27 0.54 25.38
N ILE F 84 -37.71 1.67 24.96
CA ILE F 84 -38.06 2.94 25.59
C ILE F 84 -39.53 3.25 25.39
N MET F 85 -40.01 3.16 24.14
CA MET F 85 -41.40 3.48 23.86
C MET F 85 -42.36 2.50 24.50
N VAL F 86 -41.92 1.28 24.78
CA VAL F 86 -42.80 0.32 25.44
C VAL F 86 -42.86 0.59 26.94
N CYS F 87 -41.76 1.07 27.53
CA CYS F 87 -41.75 1.34 28.96
C CYS F 87 -42.30 2.72 29.32
N THR F 88 -42.45 3.61 28.35
CA THR F 88 -42.94 4.96 28.65
C THR F 88 -44.24 4.97 29.44
N PRO F 89 -45.31 4.30 28.96
CA PRO F 89 -46.62 4.43 29.61
C PRO F 89 -46.59 4.12 31.09
N SER F 90 -45.61 3.34 31.54
CA SER F 90 -45.43 3.08 32.95
C SER F 90 -44.61 4.16 33.63
N LEU F 91 -43.72 4.82 32.89
CA LEU F 91 -43.00 5.97 33.43
C LEU F 91 -43.93 7.15 33.66
N CYS F 92 -44.99 7.25 32.88
CA CYS F 92 -45.93 8.36 33.02
C CYS F 92 -46.79 8.27 34.28
N PHE F 93 -46.54 7.32 35.20
CA PHE F 93 -47.34 7.22 36.41
C PHE F 93 -46.84 8.17 37.50
N ILE F 94 -45.55 8.50 37.47
CA ILE F 94 -44.99 9.43 38.45
C ILE F 94 -45.76 10.75 38.42
N THR F 95 -45.98 11.27 37.22
CA THR F 95 -46.65 12.57 37.08
C THR F 95 -48.08 12.50 37.62
N TYR F 96 -48.81 11.47 37.25
CA TYR F 96 -50.18 11.33 37.73
C TYR F 96 -50.22 11.21 39.26
N SER F 97 -49.26 10.47 39.82
CA SER F 97 -49.18 10.33 41.27
C SER F 97 -48.98 11.68 41.94
N VAL F 98 -47.96 12.41 41.52
CA VAL F 98 -47.71 13.73 42.12
C VAL F 98 -48.88 14.65 41.87
N HIS F 99 -49.64 14.42 40.79
CA HIS F 99 -50.81 15.26 40.53
C HIS F 99 -51.90 15.02 41.56
N GLN F 100 -52.30 13.76 41.74
CA GLN F 100 -53.38 13.46 42.67
C GLN F 100 -53.03 13.80 44.12
N SER F 101 -51.77 14.13 44.40
CA SER F 101 -51.37 14.52 45.75
C SER F 101 -51.80 15.95 46.06
N SER F 196 -58.04 4.44 38.08
CA SER F 196 -58.11 3.17 37.37
C SER F 196 -58.11 3.39 35.86
N ARG F 197 -58.89 4.36 35.42
CA ARG F 197 -58.96 4.76 34.03
C ARG F 197 -57.58 4.81 33.39
N PHE F 198 -56.64 5.44 34.10
CA PHE F 198 -55.25 5.49 33.65
C PHE F 198 -54.74 4.10 33.28
N TYR F 199 -55.11 3.10 34.07
CA TYR F 199 -54.75 1.71 33.76
C TYR F 199 -55.23 1.33 32.36
N ILE F 200 -56.49 1.65 32.06
CA ILE F 200 -57.06 1.30 30.76
C ILE F 200 -56.27 1.97 29.64
N ILE F 201 -56.00 3.26 29.82
CA ILE F 201 -55.29 4.01 28.77
C ILE F 201 -53.92 3.39 28.54
N GLN F 202 -53.18 3.14 29.62
CA GLN F 202 -51.86 2.53 29.52
C GLN F 202 -51.93 1.22 28.76
N VAL F 203 -52.88 0.36 29.12
CA VAL F 203 -52.98 -0.95 28.47
C VAL F 203 -53.20 -0.78 26.98
N VAL F 204 -54.16 0.07 26.60
CA VAL F 204 -54.47 0.26 25.18
C VAL F 204 -53.22 0.70 24.43
N PHE F 205 -52.54 1.73 24.94
CA PHE F 205 -51.39 2.26 24.22
C PHE F 205 -50.28 1.23 24.12
N ARG F 206 -50.10 0.41 25.16
CA ARG F 206 -49.09 -0.64 25.09
C ARG F 206 -49.42 -1.64 24.00
N ASN F 207 -50.68 -2.09 23.93
CA ASN F 207 -51.10 -2.94 22.83
C ASN F 207 -50.68 -2.35 21.50
N ALA F 208 -51.07 -1.10 21.27
CA ALA F 208 -50.83 -0.47 19.97
C ALA F 208 -49.35 -0.43 19.65
N LEU F 209 -48.52 0.03 20.59
CA LEU F 209 -47.10 0.17 20.32
C LEU F 209 -46.46 -1.17 20.03
N GLU F 210 -46.77 -2.19 20.83
CA GLU F 210 -46.17 -3.51 20.61
C GLU F 210 -46.51 -4.03 19.23
N ILE F 211 -47.80 -4.00 18.86
CA ILE F 211 -48.19 -4.51 17.55
C ILE F 211 -47.49 -3.75 16.44
N GLY F 212 -47.47 -2.42 16.55
CA GLY F 212 -46.85 -1.62 15.51
C GLY F 212 -45.38 -1.95 15.33
N PHE F 213 -44.67 -2.14 16.43
CA PHE F 213 -43.24 -2.41 16.34
C PHE F 213 -42.97 -3.79 15.77
N LEU F 214 -43.78 -4.78 16.15
CA LEU F 214 -43.62 -6.11 15.55
C LEU F 214 -43.83 -6.07 14.04
N VAL F 215 -44.88 -5.38 13.60
CA VAL F 215 -45.16 -5.30 12.17
C VAL F 215 -44.05 -4.57 11.44
N GLY F 216 -43.55 -3.48 12.02
CA GLY F 216 -42.43 -2.77 11.41
C GLY F 216 -41.20 -3.65 11.30
N GLN F 217 -40.95 -4.47 12.32
CA GLN F 217 -39.83 -5.40 12.25
C GLN F 217 -40.01 -6.38 11.10
N TYR F 218 -41.22 -6.91 10.94
CA TYR F 218 -41.49 -7.82 9.82
C TYR F 218 -41.21 -7.11 8.50
N PHE F 219 -41.66 -5.87 8.35
CA PHE F 219 -41.59 -5.22 7.04
C PHE F 219 -40.22 -4.63 6.72
N LEU F 220 -39.38 -4.39 7.73
CA LEU F 220 -38.06 -3.81 7.47
C LEU F 220 -36.99 -4.87 7.21
N TYR F 221 -36.80 -5.78 8.15
CA TYR F 221 -35.67 -6.70 8.11
C TYR F 221 -36.06 -8.08 7.61
N GLY F 222 -37.09 -8.69 8.21
CA GLY F 222 -37.54 -10.00 7.79
C GLY F 222 -37.25 -11.09 8.80
N PHE F 223 -36.85 -12.26 8.31
CA PHE F 223 -36.54 -13.41 9.16
C PHE F 223 -35.09 -13.87 9.02
N SER F 224 -34.30 -13.19 8.19
CA SER F 224 -32.97 -13.68 7.88
C SER F 224 -32.07 -12.53 7.48
N VAL F 225 -30.76 -12.80 7.52
CA VAL F 225 -29.74 -11.85 7.07
C VAL F 225 -28.75 -12.63 6.22
N PRO F 226 -28.73 -12.45 4.91
CA PRO F 226 -27.85 -13.25 4.06
C PRO F 226 -26.48 -12.61 3.88
N GLY F 227 -25.57 -13.39 3.32
CA GLY F 227 -24.20 -12.97 3.15
C GLY F 227 -23.88 -12.45 1.77
N LEU F 228 -24.91 -12.03 1.04
CA LEU F 228 -24.74 -11.49 -0.30
C LEU F 228 -25.79 -10.42 -0.54
N TYR F 229 -25.40 -9.36 -1.23
CA TYR F 229 -26.33 -8.32 -1.66
C TYR F 229 -25.94 -7.86 -3.06
N GLU F 230 -26.95 -7.51 -3.86
CA GLU F 230 -26.75 -6.99 -5.20
C GLU F 230 -27.16 -5.52 -5.21
N CYS F 231 -26.22 -4.66 -5.58
CA CYS F 231 -26.38 -3.21 -5.46
C CYS F 231 -26.36 -2.58 -6.84
N ASN F 232 -27.36 -1.73 -7.11
CA ASN F 232 -27.49 -1.04 -8.39
C ASN F 232 -27.83 0.43 -8.16
N ARG F 233 -27.12 1.07 -7.25
CA ARG F 233 -27.33 2.47 -6.93
C ARG F 233 -26.09 3.28 -7.30
N TYR F 234 -26.32 4.46 -7.85
CA TYR F 234 -25.23 5.35 -8.21
C TYR F 234 -24.27 5.48 -7.03
N PRO F 235 -22.95 5.55 -7.26
CA PRO F 235 -22.20 5.53 -8.52
C PRO F 235 -21.86 4.16 -9.10
N CYS F 236 -22.36 3.08 -8.48
CA CYS F 236 -21.98 1.74 -8.91
C CYS F 236 -22.56 1.45 -10.29
N ILE F 237 -21.76 0.76 -11.11
CA ILE F 237 -22.08 0.58 -12.53
C ILE F 237 -22.99 -0.62 -12.76
N LYS F 238 -24.30 -0.36 -12.72
CA LYS F 238 -25.35 -1.24 -13.23
C LYS F 238 -25.59 -2.49 -12.39
N GLU F 239 -24.61 -2.90 -11.59
CA GLU F 239 -24.80 -3.91 -10.56
C GLU F 239 -23.46 -4.25 -9.92
N VAL F 240 -23.46 -4.69 -8.67
CA VAL F 240 -22.25 -5.21 -8.03
C VAL F 240 -22.67 -6.14 -6.90
N GLU F 241 -21.80 -7.11 -6.61
CA GLU F 241 -21.97 -7.96 -5.45
C GLU F 241 -21.25 -7.35 -4.26
N CYS F 242 -21.93 -7.36 -3.11
CA CYS F 242 -21.40 -6.82 -1.87
C CYS F 242 -21.60 -7.85 -0.78
N TYR F 243 -20.57 -8.06 0.04
CA TYR F 243 -20.53 -9.13 1.01
C TYR F 243 -20.70 -8.58 2.42
N VAL F 244 -21.24 -9.42 3.29
CA VAL F 244 -21.68 -9.01 4.62
C VAL F 244 -20.84 -9.75 5.67
N SER F 245 -20.80 -9.19 6.87
CA SER F 245 -20.05 -9.74 7.98
C SER F 245 -20.98 -10.34 9.02
N ARG F 246 -20.52 -11.43 9.65
CA ARG F 246 -21.26 -12.16 10.67
C ARG F 246 -22.74 -12.26 10.33
N PRO F 247 -23.10 -12.95 9.25
CA PRO F 247 -24.51 -13.08 8.87
C PRO F 247 -25.27 -14.20 9.58
N THR F 248 -24.64 -14.91 10.51
CA THR F 248 -25.31 -15.97 11.26
C THR F 248 -25.50 -15.64 12.73
N GLU F 249 -24.79 -14.64 13.25
CA GLU F 249 -24.96 -14.20 14.62
C GLU F 249 -26.08 -13.18 14.79
N LYS F 250 -26.60 -12.65 13.69
CA LYS F 250 -27.69 -11.67 13.73
C LYS F 250 -29.05 -12.30 13.46
N THR F 251 -29.09 -13.35 12.65
CA THR F 251 -30.33 -14.08 12.44
C THR F 251 -30.86 -14.62 13.76
N VAL F 252 -29.98 -15.12 14.63
CA VAL F 252 -30.39 -15.63 15.93
C VAL F 252 -31.06 -14.52 16.74
N PHE F 253 -30.42 -13.35 16.79
CA PHE F 253 -31.01 -12.21 17.48
C PHE F 253 -32.39 -11.89 16.93
N LEU F 254 -32.49 -11.81 15.60
CA LEU F 254 -33.77 -11.52 14.96
C LEU F 254 -34.85 -12.48 15.44
N VAL F 255 -34.56 -13.77 15.37
CA VAL F 255 -35.57 -14.78 15.70
C VAL F 255 -35.95 -14.69 17.17
N PHE F 256 -34.95 -14.59 18.05
CA PHE F 256 -35.23 -14.48 19.48
C PHE F 256 -36.12 -13.30 19.78
N MET F 257 -35.84 -12.15 19.17
CA MET F 257 -36.61 -10.94 19.44
C MET F 257 -38.03 -11.07 18.90
N PHE F 258 -38.18 -11.65 17.70
CA PHE F 258 -39.50 -11.92 17.18
C PHE F 258 -40.32 -12.76 18.15
N ALA F 259 -39.72 -13.80 18.70
CA ALA F 259 -40.43 -14.66 19.64
C ALA F 259 -40.86 -13.90 20.88
N VAL F 260 -39.93 -13.13 21.47
CA VAL F 260 -40.26 -12.38 22.67
C VAL F 260 -41.40 -11.40 22.39
N SER F 261 -41.35 -10.70 21.26
CA SER F 261 -42.40 -9.76 20.92
C SER F 261 -43.74 -10.47 20.77
N GLY F 262 -43.76 -11.62 20.13
CA GLY F 262 -45.00 -12.38 20.02
C GLY F 262 -45.58 -12.72 21.38
N ILE F 263 -44.71 -13.19 22.29
CA ILE F 263 -45.19 -13.56 23.62
C ILE F 263 -45.77 -12.35 24.33
N CYS F 264 -45.11 -11.20 24.20
CA CYS F 264 -45.58 -10.00 24.90
C CYS F 264 -46.92 -9.54 24.33
N VAL F 265 -47.08 -9.62 23.01
CA VAL F 265 -48.37 -9.28 22.40
C VAL F 265 -49.46 -10.19 22.93
N VAL F 266 -49.17 -11.49 23.01
CA VAL F 266 -50.16 -12.43 23.53
C VAL F 266 -50.57 -12.05 24.94
N LEU F 267 -49.59 -11.75 25.79
CA LEU F 267 -49.90 -11.41 27.18
C LEU F 267 -50.71 -10.12 27.27
N ASN F 268 -50.38 -9.14 26.43
CA ASN F 268 -51.12 -7.88 26.44
C ASN F 268 -52.58 -8.11 26.06
N LEU F 269 -52.82 -8.88 25.00
CA LEU F 269 -54.19 -9.18 24.62
C LEU F 269 -54.91 -9.95 25.72
N ALA F 270 -54.22 -10.88 26.38
CA ALA F 270 -54.83 -11.60 27.49
C ALA F 270 -55.26 -10.65 28.59
N GLU F 271 -54.40 -9.69 28.95
CA GLU F 271 -54.78 -8.71 29.96
C GLU F 271 -55.92 -7.83 29.49
N LEU F 272 -56.03 -7.60 28.17
CA LEU F 272 -57.13 -6.80 27.65
C LEU F 272 -58.46 -7.54 27.82
N ASN F 273 -58.54 -8.79 27.37
CA ASN F 273 -59.78 -9.53 27.47
C ASN F 273 -60.25 -9.71 28.91
N HIS F 274 -59.39 -9.44 29.89
CA HIS F 274 -59.73 -9.65 31.29
C HIS F 274 -60.59 -8.53 31.87
N LEU F 275 -60.92 -7.50 31.08
CA LEU F 275 -61.66 -6.35 31.58
C LEU F 275 -63.04 -6.24 30.96
N GLY F 276 -63.13 -6.25 29.63
CA GLY F 276 -64.42 -6.12 28.96
C GLY F 276 -64.35 -5.25 27.72
N SER G 19 35.66 -42.46 -44.87
CA SER G 19 35.66 -41.93 -43.52
C SER G 19 36.75 -40.90 -43.32
N THR G 20 37.11 -40.20 -44.40
CA THR G 20 38.12 -39.16 -44.36
C THR G 20 37.69 -37.88 -45.06
N MET G 21 36.51 -37.86 -45.66
CA MET G 21 36.00 -36.69 -46.38
C MET G 21 34.76 -36.11 -45.72
N ILE G 22 33.74 -36.94 -45.46
CA ILE G 22 32.48 -36.45 -44.91
C ILE G 22 32.65 -35.84 -43.53
N GLY G 23 33.71 -36.22 -42.81
CA GLY G 23 33.93 -35.64 -41.49
C GLY G 23 33.99 -34.13 -41.52
N ARG G 24 34.68 -33.56 -42.51
CA ARG G 24 34.81 -32.10 -42.59
C ARG G 24 33.45 -31.45 -42.79
N ILE G 25 32.62 -32.05 -43.66
CA ILE G 25 31.28 -31.51 -43.89
C ILE G 25 30.45 -31.56 -42.62
N LEU G 26 30.46 -32.72 -41.96
CA LEU G 26 29.71 -32.85 -40.72
C LEU G 26 30.15 -31.81 -39.69
N LEU G 27 31.46 -31.61 -39.56
CA LEU G 27 31.97 -30.68 -38.58
C LEU G 27 31.54 -29.25 -38.89
N THR G 28 31.74 -28.81 -40.13
CA THR G 28 31.34 -27.45 -40.51
C THR G 28 29.84 -27.24 -40.28
N VAL G 29 29.03 -28.21 -40.68
CA VAL G 29 27.59 -28.06 -40.56
C VAL G 29 27.18 -27.99 -39.09
N VAL G 30 27.79 -28.83 -38.25
CA VAL G 30 27.52 -28.77 -36.82
C VAL G 30 27.87 -27.40 -36.25
N VAL G 31 29.03 -26.87 -36.65
CA VAL G 31 29.46 -25.57 -36.14
C VAL G 31 28.44 -24.50 -36.50
N ILE G 32 27.99 -24.48 -37.76
CA ILE G 32 27.06 -23.44 -38.18
C ILE G 32 25.70 -23.64 -37.50
N PHE G 33 25.27 -24.89 -37.35
CA PHE G 33 24.06 -25.19 -36.59
C PHE G 33 24.12 -24.57 -35.20
N ARG G 34 25.24 -24.77 -34.52
CA ARG G 34 25.42 -24.24 -33.18
C ARG G 34 25.39 -22.73 -33.17
N ILE G 35 26.15 -22.10 -34.05
CA ILE G 35 26.14 -20.64 -34.18
C ILE G 35 24.71 -20.14 -34.30
N LEU G 36 23.97 -20.71 -35.25
CA LEU G 36 22.63 -20.21 -35.55
C LEU G 36 21.70 -20.36 -34.34
N ILE G 37 21.70 -21.53 -33.72
CA ILE G 37 20.85 -21.74 -32.55
C ILE G 37 21.18 -20.72 -31.47
N VAL G 38 22.46 -20.64 -31.09
CA VAL G 38 22.87 -19.77 -29.99
C VAL G 38 22.47 -18.33 -30.29
N ALA G 39 22.62 -17.91 -31.54
CA ALA G 39 22.34 -16.51 -31.86
C ALA G 39 20.85 -16.22 -31.88
N ILE G 40 20.06 -17.10 -32.49
CA ILE G 40 18.65 -16.80 -32.70
C ILE G 40 17.86 -16.97 -31.41
N VAL G 41 18.10 -18.04 -30.67
CA VAL G 41 17.19 -18.45 -29.61
C VAL G 41 17.65 -17.94 -28.25
N GLY G 42 18.87 -18.30 -27.85
CA GLY G 42 19.28 -18.17 -26.47
C GLY G 42 19.69 -16.78 -26.02
N GLU G 43 19.02 -15.75 -26.52
CA GLU G 43 19.23 -14.39 -26.04
C GLU G 43 18.01 -13.83 -25.31
N THR G 44 16.85 -14.46 -25.45
CA THR G 44 15.63 -14.01 -24.80
C THR G 44 15.13 -14.94 -23.72
N VAL G 45 15.57 -16.20 -23.71
CA VAL G 45 15.27 -17.09 -22.59
C VAL G 45 15.83 -16.52 -21.30
N TYR G 46 17.03 -15.94 -21.37
CA TYR G 46 17.74 -15.40 -20.22
C TYR G 46 17.57 -13.90 -20.10
N ASP G 47 16.40 -13.38 -20.48
CA ASP G 47 16.12 -11.96 -20.35
C ASP G 47 15.45 -11.62 -19.03
N ASP G 48 14.70 -12.55 -18.45
CA ASP G 48 13.96 -12.35 -17.22
C ASP G 48 14.49 -13.24 -16.11
N GLU G 49 15.82 -13.35 -16.01
CA GLU G 49 16.42 -14.23 -15.02
C GLU G 49 16.57 -13.58 -13.65
N GLN G 50 16.57 -12.26 -13.58
CA GLN G 50 16.71 -11.55 -12.32
C GLN G 50 15.45 -10.84 -11.87
N THR G 51 14.54 -10.52 -12.79
CA THR G 51 13.29 -9.87 -12.40
C THR G 51 12.30 -10.87 -11.80
N MET G 52 12.33 -12.12 -12.26
CA MET G 52 11.42 -13.14 -11.75
C MET G 52 12.11 -14.11 -10.80
N PHE G 53 13.33 -13.80 -10.35
CA PHE G 53 13.98 -14.56 -9.29
C PHE G 53 13.61 -13.91 -7.97
N VAL G 54 12.75 -14.57 -7.21
CA VAL G 54 12.14 -14.01 -6.02
C VAL G 54 12.42 -14.93 -4.84
N CYS G 55 12.76 -14.32 -3.70
CA CYS G 55 13.00 -15.05 -2.46
C CYS G 55 11.90 -14.71 -1.45
N ASN G 56 11.88 -15.49 -0.37
CA ASN G 56 10.85 -15.37 0.67
C ASN G 56 11.46 -14.67 1.89
N THR G 57 11.45 -13.35 1.86
CA THR G 57 12.00 -12.55 2.95
C THR G 57 11.71 -11.08 2.67
N LEU G 58 11.94 -10.25 3.68
CA LEU G 58 11.75 -8.82 3.59
C LEU G 58 13.06 -8.04 3.56
N GLN G 59 14.18 -8.70 3.81
CA GLN G 59 15.47 -8.03 3.85
C GLN G 59 15.82 -7.41 2.50
N PRO G 60 16.26 -6.16 2.45
CA PRO G 60 16.82 -5.64 1.20
C PRO G 60 18.25 -6.09 0.98
N GLY G 61 18.45 -7.01 0.03
CA GLY G 61 19.80 -7.44 -0.30
C GLY G 61 19.98 -8.95 -0.35
N CYS G 62 18.89 -9.70 -0.19
CA CYS G 62 18.97 -11.15 -0.22
C CYS G 62 18.80 -11.70 -1.64
N ASN G 63 17.91 -11.10 -2.43
CA ASN G 63 17.68 -11.58 -3.79
C ASN G 63 18.95 -11.48 -4.62
N GLN G 64 19.61 -10.32 -4.57
CA GLN G 64 20.81 -10.12 -5.37
C GLN G 64 21.90 -11.11 -4.98
N ALA G 65 22.14 -11.27 -3.69
CA ALA G 65 23.20 -12.15 -3.22
C ALA G 65 22.91 -13.61 -3.57
N CYS G 66 21.68 -14.05 -3.32
CA CYS G 66 21.36 -15.44 -3.61
C CYS G 66 21.40 -15.73 -5.10
N TYR G 67 21.03 -14.75 -5.93
CA TYR G 67 21.18 -14.91 -7.37
C TYR G 67 22.65 -15.03 -7.75
N ASP G 68 23.46 -14.06 -7.34
CA ASP G 68 24.88 -14.09 -7.67
C ASP G 68 25.53 -15.39 -7.25
N ARG G 69 25.12 -15.96 -6.11
CA ARG G 69 25.70 -17.21 -5.66
C ARG G 69 25.15 -18.40 -6.43
N ALA G 70 23.91 -18.34 -6.88
CA ALA G 70 23.35 -19.44 -7.67
C ALA G 70 23.96 -19.48 -9.05
N PHE G 71 23.80 -18.41 -9.82
CA PHE G 71 24.30 -18.31 -11.19
C PHE G 71 25.37 -17.23 -11.26
N PRO G 72 26.63 -17.53 -10.95
CA PRO G 72 27.68 -16.51 -11.04
C PRO G 72 27.94 -16.07 -12.46
N ILE G 73 28.17 -17.04 -13.34
CA ILE G 73 28.44 -16.79 -14.75
C ILE G 73 27.34 -17.47 -15.55
N SER G 74 26.49 -16.66 -16.18
CA SER G 74 25.38 -17.20 -16.94
C SER G 74 25.88 -18.14 -18.04
N HIS G 75 24.94 -18.93 -18.55
CA HIS G 75 25.28 -19.99 -19.50
C HIS G 75 25.67 -19.41 -20.84
N ILE G 76 24.87 -18.47 -21.35
CA ILE G 76 24.98 -18.06 -22.74
C ILE G 76 26.27 -17.30 -22.98
N ARG G 77 26.79 -16.60 -21.98
CA ARG G 77 28.05 -15.90 -22.14
C ARG G 77 29.22 -16.88 -22.15
N TYR G 78 29.16 -17.91 -21.30
CA TYR G 78 30.11 -19.00 -21.40
C TYR G 78 30.14 -19.57 -22.81
N TRP G 79 28.96 -19.78 -23.40
CA TRP G 79 28.91 -20.42 -24.71
C TRP G 79 29.36 -19.48 -25.84
N VAL G 80 29.09 -18.17 -25.71
CA VAL G 80 29.61 -17.22 -26.68
C VAL G 80 31.14 -17.20 -26.62
N PHE G 81 31.69 -17.13 -25.41
CA PHE G 81 33.15 -17.17 -25.26
C PHE G 81 33.71 -18.44 -25.86
N GLN G 82 33.07 -19.58 -25.60
CA GLN G 82 33.50 -20.84 -26.21
C GLN G 82 33.54 -20.72 -27.72
N ILE G 83 32.42 -20.31 -28.33
CA ILE G 83 32.34 -20.18 -29.78
C ILE G 83 33.51 -19.38 -30.31
N ILE G 84 33.71 -18.17 -29.76
CA ILE G 84 34.78 -17.32 -30.27
C ILE G 84 36.13 -17.99 -30.10
N MET G 85 36.49 -18.33 -28.87
CA MET G 85 37.82 -18.86 -28.59
C MET G 85 38.07 -20.23 -29.21
N VAL G 86 37.09 -20.83 -29.88
CA VAL G 86 37.32 -22.08 -30.59
C VAL G 86 37.68 -21.86 -32.06
N CYS G 87 37.47 -20.66 -32.59
CA CYS G 87 37.70 -20.37 -33.99
C CYS G 87 38.95 -19.53 -34.24
N THR G 88 39.69 -19.15 -33.20
CA THR G 88 40.86 -18.29 -33.39
C THR G 88 41.93 -18.94 -34.26
N PRO G 89 42.21 -20.24 -34.17
CA PRO G 89 43.26 -20.81 -35.04
C PRO G 89 42.95 -20.66 -36.51
N SER G 90 41.68 -20.77 -36.89
CA SER G 90 41.31 -20.57 -38.28
C SER G 90 41.59 -19.13 -38.72
N LEU G 91 41.34 -18.16 -37.84
CA LEU G 91 41.64 -16.77 -38.19
C LEU G 91 43.13 -16.54 -38.33
N CYS G 92 43.93 -17.14 -37.43
CA CYS G 92 45.37 -17.04 -37.56
C CYS G 92 45.85 -17.64 -38.88
N PHE G 93 45.34 -18.82 -39.22
CA PHE G 93 45.67 -19.43 -40.50
C PHE G 93 45.29 -18.50 -41.66
N ILE G 94 44.11 -17.91 -41.59
CA ILE G 94 43.65 -17.02 -42.65
C ILE G 94 44.64 -15.87 -42.84
N THR G 95 44.97 -15.17 -41.76
CA THR G 95 45.82 -14.00 -41.90
C THR G 95 47.25 -14.38 -42.27
N TYR G 96 47.70 -15.57 -41.86
CA TYR G 96 49.04 -16.00 -42.25
C TYR G 96 49.09 -16.41 -43.71
N SER G 97 47.98 -16.92 -44.25
CA SER G 97 47.92 -17.25 -45.66
C SER G 97 47.69 -16.03 -46.54
N VAL G 98 47.09 -14.97 -46.00
CA VAL G 98 46.94 -13.73 -46.76
C VAL G 98 48.25 -12.96 -46.79
N HIS G 99 49.11 -13.14 -45.78
CA HIS G 99 50.37 -12.41 -45.67
C HIS G 99 51.54 -13.19 -46.29
N GLN G 100 51.26 -14.04 -47.27
CA GLN G 100 52.31 -14.83 -47.90
C GLN G 100 51.79 -15.50 -49.17
N GLY G 194 56.66 -25.95 -42.26
CA GLY G 194 56.53 -24.58 -42.69
C GLY G 194 55.08 -24.15 -42.84
N ILE G 195 54.27 -25.02 -43.43
CA ILE G 195 52.85 -24.75 -43.63
C ILE G 195 52.03 -25.85 -42.97
N SER G 196 52.33 -27.10 -43.32
CA SER G 196 51.62 -28.22 -42.72
C SER G 196 51.75 -28.19 -41.21
N ARG G 197 52.94 -27.89 -40.70
CA ARG G 197 53.20 -27.71 -39.28
C ARG G 197 52.12 -26.85 -38.64
N PHE G 198 51.74 -25.78 -39.35
CA PHE G 198 50.65 -24.92 -38.89
C PHE G 198 49.36 -25.70 -38.72
N TYR G 199 48.98 -26.45 -39.75
CA TYR G 199 47.79 -27.30 -39.68
C TYR G 199 47.83 -28.18 -38.45
N ILE G 200 48.97 -28.82 -38.21
CA ILE G 200 49.08 -29.77 -37.09
C ILE G 200 48.84 -29.05 -35.77
N ILE G 201 49.57 -27.94 -35.56
CA ILE G 201 49.50 -27.27 -34.27
C ILE G 201 48.10 -26.72 -34.03
N GLN G 202 47.45 -26.20 -35.07
CA GLN G 202 46.13 -25.62 -34.85
C GLN G 202 45.09 -26.70 -34.60
N VAL G 203 45.20 -27.84 -35.27
CA VAL G 203 44.35 -28.98 -34.94
C VAL G 203 44.50 -29.35 -33.47
N VAL G 204 45.75 -29.47 -33.00
CA VAL G 204 45.99 -29.84 -31.62
C VAL G 204 45.32 -28.84 -30.67
N PHE G 205 45.54 -27.55 -30.92
CA PHE G 205 44.98 -26.54 -30.04
C PHE G 205 43.45 -26.56 -30.06
N ARG G 206 42.86 -26.83 -31.23
CA ARG G 206 41.42 -26.94 -31.33
C ARG G 206 40.90 -28.05 -30.43
N ASN G 207 41.51 -29.24 -30.54
CA ASN G 207 41.08 -30.37 -29.72
C ASN G 207 41.19 -30.02 -28.24
N ALA G 208 42.32 -29.45 -27.84
CA ALA G 208 42.53 -29.13 -26.43
C ALA G 208 41.47 -28.16 -25.93
N LEU G 209 41.22 -27.08 -26.68
CA LEU G 209 40.24 -26.09 -26.25
C LEU G 209 38.86 -26.72 -26.11
N GLU G 210 38.46 -27.53 -27.09
CA GLU G 210 37.14 -28.14 -27.04
C GLU G 210 36.99 -29.02 -25.80
N ILE G 211 37.99 -29.88 -25.54
CA ILE G 211 37.91 -30.78 -24.39
C ILE G 211 37.83 -29.98 -23.10
N GLY G 212 38.69 -28.96 -22.98
CA GLY G 212 38.69 -28.14 -21.77
C GLY G 212 37.35 -27.49 -21.52
N PHE G 213 36.74 -26.92 -22.58
CA PHE G 213 35.48 -26.24 -22.40
C PHE G 213 34.37 -27.21 -22.04
N LEU G 214 34.36 -28.41 -22.63
CA LEU G 214 33.36 -29.40 -22.24
C LEU G 214 33.49 -29.78 -20.78
N VAL G 215 34.71 -30.06 -20.33
CA VAL G 215 34.91 -30.45 -18.94
C VAL G 215 34.49 -29.32 -17.99
N GLY G 216 34.87 -28.09 -18.34
CA GLY G 216 34.44 -26.95 -17.52
C GLY G 216 32.93 -26.83 -17.47
N GLN G 217 32.27 -27.05 -18.59
CA GLN G 217 30.81 -26.99 -18.62
C GLN G 217 30.22 -28.02 -17.68
N TYR G 218 30.81 -29.21 -17.63
CA TYR G 218 30.29 -30.20 -16.68
C TYR G 218 30.53 -29.76 -15.25
N PHE G 219 31.69 -29.16 -14.97
CA PHE G 219 32.07 -28.89 -13.59
C PHE G 219 31.34 -27.70 -12.99
N LEU G 220 31.06 -26.66 -13.79
CA LEU G 220 30.42 -25.47 -13.23
C LEU G 220 28.93 -25.68 -13.02
N TYR G 221 28.19 -25.94 -14.10
CA TYR G 221 26.73 -25.95 -14.03
C TYR G 221 26.19 -27.34 -13.70
N GLY G 222 26.49 -28.34 -14.52
CA GLY G 222 26.03 -29.68 -14.29
C GLY G 222 25.19 -30.23 -15.41
N PHE G 223 24.18 -31.02 -15.06
CA PHE G 223 23.28 -31.64 -16.04
C PHE G 223 21.84 -31.16 -15.93
N SER G 224 21.48 -30.45 -14.87
CA SER G 224 20.10 -30.04 -14.68
C SER G 224 20.06 -28.67 -13.99
N VAL G 225 18.87 -28.10 -13.94
CA VAL G 225 18.62 -26.83 -13.28
C VAL G 225 17.37 -26.98 -12.42
N PRO G 226 17.48 -26.99 -11.11
CA PRO G 226 16.32 -27.23 -10.25
C PRO G 226 15.47 -25.97 -10.10
N GLY G 227 14.38 -26.09 -9.35
CA GLY G 227 13.48 -24.99 -9.10
C GLY G 227 13.52 -24.44 -7.69
N LEU G 228 14.50 -24.83 -6.87
CA LEU G 228 14.60 -24.33 -5.51
C LEU G 228 16.07 -24.25 -5.13
N TYR G 229 16.47 -23.13 -4.54
CA TYR G 229 17.82 -22.95 -4.04
C TYR G 229 17.78 -22.40 -2.63
N GLU G 230 18.51 -23.04 -1.73
CA GLU G 230 18.64 -22.58 -0.35
C GLU G 230 19.95 -21.82 -0.21
N CYS G 231 19.87 -20.56 0.19
CA CYS G 231 21.03 -19.71 0.35
C CYS G 231 21.17 -19.26 1.80
N ASN G 232 22.42 -19.08 2.23
CA ASN G 232 22.74 -18.67 3.59
C ASN G 232 23.70 -17.48 3.62
N ARG G 233 23.78 -16.73 2.53
CA ARG G 233 24.70 -15.61 2.45
C ARG G 233 24.19 -14.42 3.25
N TYR G 234 25.13 -13.60 3.69
CA TYR G 234 24.77 -12.32 4.28
C TYR G 234 24.23 -11.40 3.19
N PRO G 235 23.20 -10.58 3.49
CA PRO G 235 22.49 -10.29 4.74
C PRO G 235 21.38 -11.28 5.11
N CYS G 236 21.20 -12.33 4.32
CA CYS G 236 20.07 -13.22 4.56
C CYS G 236 20.22 -13.93 5.90
N ILE G 237 19.10 -14.06 6.60
CA ILE G 237 19.03 -14.83 7.84
C ILE G 237 19.18 -16.30 7.50
N LYS G 238 19.32 -17.14 8.52
CA LYS G 238 19.70 -18.53 8.35
C LYS G 238 18.84 -19.24 7.33
N GLU G 239 19.47 -19.67 6.23
CA GLU G 239 18.90 -20.66 5.32
C GLU G 239 17.55 -20.20 4.74
N VAL G 240 17.64 -19.16 3.94
CA VAL G 240 16.49 -18.68 3.18
C VAL G 240 16.30 -19.53 1.94
N GLU G 241 15.05 -19.60 1.47
CA GLU G 241 14.67 -20.33 0.27
C GLU G 241 14.39 -19.35 -0.87
N CYS G 242 14.73 -19.77 -2.09
CA CYS G 242 14.59 -18.90 -3.25
C CYS G 242 14.19 -19.74 -4.45
N TYR G 243 13.40 -19.14 -5.33
CA TYR G 243 12.81 -19.84 -6.48
C TYR G 243 13.48 -19.39 -7.77
N VAL G 244 13.03 -19.98 -8.89
CA VAL G 244 13.69 -19.87 -10.17
C VAL G 244 12.66 -19.79 -11.28
N SER G 245 13.09 -19.34 -12.45
CA SER G 245 12.24 -19.15 -13.61
C SER G 245 12.75 -19.98 -14.79
N ARG G 246 11.81 -20.54 -15.55
CA ARG G 246 12.08 -21.31 -16.76
C ARG G 246 13.22 -22.30 -16.55
N PRO G 247 13.07 -23.30 -15.69
CA PRO G 247 14.13 -24.29 -15.49
C PRO G 247 14.22 -25.33 -16.61
N THR G 248 13.07 -25.71 -17.16
CA THR G 248 13.04 -26.84 -18.09
C THR G 248 13.69 -26.49 -19.42
N GLU G 249 13.38 -25.31 -19.97
CA GLU G 249 14.04 -24.88 -21.21
C GLU G 249 15.55 -24.85 -21.03
N LYS G 250 16.01 -24.39 -19.87
CA LYS G 250 17.44 -24.29 -19.63
C LYS G 250 18.08 -25.68 -19.54
N THR G 251 17.40 -26.61 -18.88
CA THR G 251 17.87 -28.01 -18.88
C THR G 251 18.01 -28.53 -20.31
N VAL G 252 16.99 -28.32 -21.12
CA VAL G 252 17.00 -28.83 -22.49
C VAL G 252 18.17 -28.23 -23.27
N PHE G 253 18.36 -26.92 -23.12
CA PHE G 253 19.42 -26.23 -23.85
C PHE G 253 20.79 -26.75 -23.42
N LEU G 254 20.98 -26.92 -22.11
CA LEU G 254 22.19 -27.54 -21.58
C LEU G 254 22.48 -28.86 -22.28
N VAL G 255 21.51 -29.77 -22.25
CA VAL G 255 21.73 -31.12 -22.78
C VAL G 255 22.07 -31.05 -24.27
N PHE G 256 21.32 -30.23 -25.02
CA PHE G 256 21.56 -30.13 -26.46
C PHE G 256 22.99 -29.68 -26.75
N MET G 257 23.45 -28.63 -26.06
CA MET G 257 24.79 -28.12 -26.36
C MET G 257 25.86 -29.13 -25.93
N PHE G 258 25.63 -29.82 -24.81
CA PHE G 258 26.54 -30.88 -24.41
C PHE G 258 26.69 -31.92 -25.52
N ALA G 259 25.56 -32.35 -26.08
CA ALA G 259 25.61 -33.37 -27.14
C ALA G 259 26.38 -32.86 -28.36
N VAL G 260 26.10 -31.62 -28.77
CA VAL G 260 26.77 -31.08 -29.95
C VAL G 260 28.29 -31.03 -29.73
N SER G 261 28.70 -30.52 -28.57
CA SER G 261 30.13 -30.44 -28.27
C SER G 261 30.76 -31.83 -28.26
N GLY G 262 30.04 -32.83 -27.72
CA GLY G 262 30.57 -34.18 -27.75
C GLY G 262 30.78 -34.70 -29.16
N ILE G 263 29.83 -34.42 -30.05
CA ILE G 263 29.98 -34.81 -31.45
C ILE G 263 31.24 -34.19 -32.04
N CYS G 264 31.42 -32.89 -31.81
CA CYS G 264 32.61 -32.21 -32.34
C CYS G 264 33.88 -32.84 -31.80
N VAL G 265 33.90 -33.17 -30.51
CA VAL G 265 35.05 -33.82 -29.91
C VAL G 265 35.37 -35.12 -30.65
N VAL G 266 34.34 -35.94 -30.85
CA VAL G 266 34.56 -37.24 -31.50
C VAL G 266 35.14 -37.05 -32.89
N LEU G 267 34.58 -36.11 -33.66
CA LEU G 267 35.06 -35.91 -35.03
C LEU G 267 36.52 -35.46 -35.02
N ASN G 268 36.87 -34.52 -34.15
CA ASN G 268 38.25 -34.04 -34.11
C ASN G 268 39.19 -35.17 -33.71
N LEU G 269 38.78 -36.02 -32.76
CA LEU G 269 39.63 -37.14 -32.36
C LEU G 269 39.86 -38.08 -33.53
N ALA G 270 38.79 -38.42 -34.25
CA ALA G 270 38.94 -39.32 -35.39
C ALA G 270 39.88 -38.73 -36.43
N GLU G 271 39.77 -37.43 -36.69
CA GLU G 271 40.67 -36.80 -37.65
C GLU G 271 42.12 -36.89 -37.18
N LEU G 272 42.37 -36.51 -35.93
CA LEU G 272 43.73 -36.55 -35.41
C LEU G 272 44.32 -37.95 -35.54
N ASN G 273 43.54 -38.97 -35.17
CA ASN G 273 44.03 -40.34 -35.28
C ASN G 273 44.33 -40.69 -36.74
N HIS G 274 43.40 -40.39 -37.65
CA HIS G 274 43.61 -40.70 -39.06
C HIS G 274 44.89 -40.04 -39.58
N LEU G 275 45.26 -38.89 -39.02
CA LEU G 275 46.43 -38.16 -39.50
C LEU G 275 47.68 -38.39 -38.64
N GLY G 276 47.52 -38.89 -37.42
CA GLY G 276 48.59 -38.83 -36.46
C GLY G 276 49.54 -40.02 -36.49
N TRP G 277 50.73 -39.80 -35.91
CA TRP G 277 51.72 -40.84 -35.72
C TRP G 277 51.79 -41.34 -34.28
N ARG G 278 51.18 -40.64 -33.34
CA ARG G 278 51.25 -41.00 -31.93
C ARG G 278 50.03 -40.44 -31.19
N SER H 19 2.45 -32.27 -63.81
CA SER H 19 2.39 -32.45 -62.36
C SER H 19 3.64 -33.15 -61.84
N THR H 20 4.77 -32.92 -62.51
CA THR H 20 6.03 -33.52 -62.13
C THR H 20 7.11 -32.50 -61.80
N MET H 21 6.88 -31.23 -62.10
CA MET H 21 7.86 -30.17 -61.87
C MET H 21 7.39 -29.12 -60.87
N ILE H 22 6.10 -28.75 -60.90
CA ILE H 22 5.60 -27.68 -60.04
C ILE H 22 5.74 -28.03 -58.56
N GLY H 23 5.97 -29.31 -58.24
CA GLY H 23 6.20 -29.67 -56.86
C GLY H 23 7.32 -28.87 -56.22
N ARG H 24 8.43 -28.72 -56.93
CA ARG H 24 9.55 -27.92 -56.42
C ARG H 24 9.11 -26.50 -56.14
N ILE H 25 8.35 -25.91 -57.07
CA ILE H 25 7.84 -24.55 -56.91
C ILE H 25 7.06 -24.45 -55.61
N LEU H 26 6.05 -25.31 -55.46
CA LEU H 26 5.18 -25.24 -54.29
C LEU H 26 5.98 -25.44 -53.01
N LEU H 27 6.93 -26.38 -53.02
CA LEU H 27 7.70 -26.66 -51.81
C LEU H 27 8.54 -25.46 -51.41
N THR H 28 9.31 -24.91 -52.34
CA THR H 28 10.14 -23.75 -52.03
C THR H 28 9.28 -22.59 -51.54
N VAL H 29 8.18 -22.33 -52.22
CA VAL H 29 7.34 -21.18 -51.85
C VAL H 29 6.75 -21.38 -50.46
N VAL H 30 6.32 -22.60 -50.15
CA VAL H 30 5.77 -22.89 -48.82
C VAL H 30 6.83 -22.67 -47.77
N VAL H 31 8.06 -23.15 -48.02
CA VAL H 31 9.12 -23.01 -47.03
C VAL H 31 9.39 -21.52 -46.74
N ILE H 32 9.48 -20.72 -47.81
CA ILE H 32 9.79 -19.30 -47.60
C ILE H 32 8.62 -18.60 -46.91
N PHE H 33 7.39 -18.94 -47.31
CA PHE H 33 6.20 -18.44 -46.63
C PHE H 33 6.29 -18.70 -45.13
N ARG H 34 6.61 -19.93 -44.75
CA ARG H 34 6.68 -20.30 -43.35
C ARG H 34 7.76 -19.51 -42.62
N ILE H 35 8.96 -19.45 -43.21
CA ILE H 35 10.06 -18.72 -42.58
C ILE H 35 9.67 -17.27 -42.34
N LEU H 36 9.05 -16.64 -43.35
CA LEU H 36 8.66 -15.24 -43.22
C LEU H 36 7.64 -15.06 -42.11
N ILE H 37 6.59 -15.87 -42.11
CA ILE H 37 5.57 -15.73 -41.07
C ILE H 37 6.16 -15.95 -39.68
N VAL H 38 7.15 -16.83 -39.57
CA VAL H 38 7.71 -17.11 -38.26
C VAL H 38 8.64 -16.00 -37.81
N ALA H 39 9.32 -15.34 -38.74
CA ALA H 39 10.29 -14.31 -38.36
C ALA H 39 9.67 -12.93 -38.21
N ILE H 40 8.58 -12.64 -38.90
CA ILE H 40 8.01 -11.29 -38.86
C ILE H 40 7.06 -11.15 -37.67
N VAL H 41 6.25 -12.17 -37.41
CA VAL H 41 5.12 -12.06 -36.49
C VAL H 41 5.43 -12.72 -35.16
N GLY H 42 5.74 -14.02 -35.20
CA GLY H 42 5.84 -14.81 -33.99
C GLY H 42 7.05 -14.52 -33.12
N GLU H 43 7.23 -13.27 -32.74
CA GLU H 43 8.22 -12.92 -31.73
C GLU H 43 7.72 -11.90 -30.73
N THR H 44 6.60 -11.22 -30.99
CA THR H 44 6.00 -10.28 -30.06
C THR H 44 4.70 -10.78 -29.45
N VAL H 45 4.06 -11.77 -30.08
CA VAL H 45 2.91 -12.43 -29.44
C VAL H 45 3.34 -13.05 -28.12
N TYR H 46 4.50 -13.70 -28.10
CA TYR H 46 5.03 -14.40 -26.94
C TYR H 46 6.01 -13.54 -26.15
N ASP H 47 5.80 -12.23 -26.15
CA ASP H 47 6.63 -11.32 -25.37
C ASP H 47 6.12 -11.13 -23.96
N ASP H 48 4.80 -11.19 -23.77
CA ASP H 48 4.16 -10.96 -22.49
C ASP H 48 3.49 -12.23 -21.98
N GLU H 49 4.19 -13.36 -22.09
CA GLU H 49 3.63 -14.64 -21.69
C GLU H 49 3.79 -14.92 -20.20
N GLN H 50 4.76 -14.28 -19.54
CA GLN H 50 5.01 -14.51 -18.13
C GLN H 50 4.64 -13.34 -17.26
N THR H 51 4.59 -12.12 -17.80
CA THR H 51 4.21 -10.96 -17.01
C THR H 51 2.70 -10.90 -16.80
N MET H 52 1.93 -11.36 -17.77
CA MET H 52 0.47 -11.36 -17.68
C MET H 52 -0.10 -12.74 -17.36
N PHE H 53 0.74 -13.68 -16.94
CA PHE H 53 0.29 -14.96 -16.43
C PHE H 53 0.16 -14.82 -14.91
N VAL H 54 -1.07 -14.78 -14.42
CA VAL H 54 -1.34 -14.46 -13.03
C VAL H 54 -2.23 -15.54 -12.44
N CYS H 55 -1.89 -15.98 -11.23
CA CYS H 55 -2.66 -16.95 -10.48
C CYS H 55 -3.33 -16.27 -9.29
N ASN H 56 -4.20 -17.03 -8.63
CA ASN H 56 -5.00 -16.52 -7.52
C ASN H 56 -4.46 -17.09 -6.21
N THR H 57 -3.48 -16.40 -5.65
CA THR H 57 -2.87 -16.83 -4.40
C THR H 57 -1.87 -15.78 -3.97
N LEU H 58 -1.43 -15.88 -2.71
CA LEU H 58 -0.44 -14.99 -2.14
C LEU H 58 0.93 -15.62 -1.99
N GLN H 59 1.05 -16.93 -2.20
CA GLN H 59 2.33 -17.59 -2.00
C GLN H 59 3.36 -17.04 -2.99
N PRO H 60 4.59 -16.76 -2.55
CA PRO H 60 5.67 -16.46 -3.49
C PRO H 60 6.27 -17.74 -4.05
N GLY H 61 6.02 -17.99 -5.34
CA GLY H 61 6.61 -19.13 -6.00
C GLY H 61 5.62 -20.04 -6.68
N CYS H 62 4.38 -19.58 -6.86
CA CYS H 62 3.36 -20.38 -7.51
C CYS H 62 3.24 -20.05 -8.99
N ASN H 63 3.36 -18.77 -9.36
CA ASN H 63 3.25 -18.38 -10.76
C ASN H 63 4.34 -19.04 -11.59
N GLN H 64 5.59 -18.98 -11.12
CA GLN H 64 6.69 -19.56 -11.86
C GLN H 64 6.49 -21.04 -12.09
N ALA H 65 6.11 -21.77 -11.03
CA ALA H 65 5.96 -23.21 -11.13
C ALA H 65 4.79 -23.57 -12.06
N CYS H 66 3.65 -22.91 -11.88
CA CYS H 66 2.50 -23.26 -12.71
C CYS H 66 2.75 -22.90 -14.17
N TYR H 67 3.51 -21.83 -14.43
CA TYR H 67 3.89 -21.53 -15.80
C TYR H 67 4.80 -22.62 -16.37
N ASP H 68 5.92 -22.87 -15.69
CA ASP H 68 6.85 -23.90 -16.15
C ASP H 68 6.15 -25.23 -16.41
N ARG H 69 5.12 -25.55 -15.63
CA ARG H 69 4.43 -26.81 -15.85
C ARG H 69 3.42 -26.72 -17.00
N ALA H 70 2.80 -25.56 -17.19
CA ALA H 70 1.86 -25.41 -18.30
C ALA H 70 2.59 -25.40 -19.63
N PHE H 71 3.49 -24.43 -19.82
CA PHE H 71 4.28 -24.28 -21.05
C PHE H 71 5.74 -24.54 -20.76
N PRO H 72 6.21 -25.79 -20.83
CA PRO H 72 7.64 -26.04 -20.59
C PRO H 72 8.52 -25.56 -21.74
N ILE H 73 8.01 -25.59 -22.96
CA ILE H 73 8.78 -25.18 -24.13
C ILE H 73 7.88 -24.35 -25.04
N SER H 74 8.11 -23.05 -25.06
CA SER H 74 7.30 -22.17 -25.90
C SER H 74 7.30 -22.63 -27.35
N HIS H 75 6.14 -22.47 -27.99
CA HIS H 75 5.95 -22.99 -29.34
C HIS H 75 7.02 -22.49 -30.30
N ILE H 76 7.39 -21.22 -30.19
CA ILE H 76 8.15 -20.57 -31.23
C ILE H 76 9.57 -21.12 -31.30
N ARG H 77 10.12 -21.55 -30.17
CA ARG H 77 11.46 -22.12 -30.18
C ARG H 77 11.45 -23.52 -30.78
N TYR H 78 10.41 -24.29 -30.47
CA TYR H 78 10.18 -25.54 -31.18
C TYR H 78 10.15 -25.34 -32.68
N TRP H 79 9.46 -24.29 -33.14
CA TRP H 79 9.32 -24.08 -34.57
C TRP H 79 10.61 -23.57 -35.21
N VAL H 80 11.38 -22.74 -34.50
CA VAL H 80 12.69 -22.34 -35.01
C VAL H 80 13.59 -23.55 -35.16
N PHE H 81 13.65 -24.39 -34.13
CA PHE H 81 14.42 -25.63 -34.21
C PHE H 81 13.95 -26.48 -35.39
N GLN H 82 12.64 -26.62 -35.57
CA GLN H 82 12.10 -27.36 -36.69
C GLN H 82 12.61 -26.80 -38.01
N ILE H 83 12.58 -25.48 -38.16
CA ILE H 83 13.02 -24.86 -39.40
C ILE H 83 14.48 -25.19 -39.67
N ILE H 84 15.35 -24.95 -38.68
CA ILE H 84 16.77 -25.15 -38.89
C ILE H 84 17.06 -26.61 -39.21
N MET H 85 16.64 -27.51 -38.32
CA MET H 85 17.00 -28.93 -38.45
C MET H 85 16.33 -29.61 -39.64
N VAL H 86 15.56 -28.88 -40.47
CA VAL H 86 14.98 -29.45 -41.68
C VAL H 86 15.76 -29.08 -42.92
N CYS H 87 16.61 -28.05 -42.86
CA CYS H 87 17.38 -27.59 -44.00
C CYS H 87 18.82 -28.11 -44.00
N THR H 88 19.24 -28.82 -42.95
CA THR H 88 20.63 -29.26 -42.89
C THR H 88 21.02 -30.14 -44.06
N PRO H 89 20.18 -31.02 -44.59
CA PRO H 89 20.61 -31.83 -45.74
C PRO H 89 20.97 -31.00 -46.95
N SER H 90 20.22 -29.93 -47.21
CA SER H 90 20.56 -29.05 -48.32
C SER H 90 21.91 -28.40 -48.11
N LEU H 91 22.22 -28.02 -46.86
CA LEU H 91 23.53 -27.43 -46.58
C LEU H 91 24.64 -28.45 -46.81
N CYS H 92 24.44 -29.69 -46.34
CA CYS H 92 25.44 -30.72 -46.57
C CYS H 92 25.64 -30.96 -48.06
N PHE H 93 24.56 -30.92 -48.83
CA PHE H 93 24.66 -31.08 -50.28
C PHE H 93 25.46 -29.95 -50.88
N ILE H 94 25.12 -28.71 -50.53
CA ILE H 94 25.87 -27.55 -51.01
C ILE H 94 27.36 -27.74 -50.74
N THR H 95 27.69 -28.14 -49.52
CA THR H 95 29.09 -28.28 -49.14
C THR H 95 29.77 -29.38 -49.97
N TYR H 96 29.22 -30.58 -49.93
CA TYR H 96 29.82 -31.69 -50.68
C TYR H 96 29.93 -31.38 -52.16
N SER H 97 29.09 -30.48 -52.67
CA SER H 97 29.21 -30.08 -54.07
C SER H 97 30.35 -29.09 -54.27
N VAL H 98 30.47 -28.10 -53.38
CA VAL H 98 31.56 -27.14 -53.49
C VAL H 98 32.90 -27.85 -53.38
N HIS H 99 32.97 -28.92 -52.59
CA HIS H 99 34.20 -29.63 -52.34
C HIS H 99 34.45 -30.74 -53.35
N GLN H 100 33.82 -30.67 -54.52
CA GLN H 100 34.02 -31.67 -55.56
C GLN H 100 33.43 -31.19 -56.89
N GLY H 194 26.98 -42.35 -56.09
CA GLY H 194 28.04 -41.39 -55.89
C GLY H 194 27.53 -39.99 -55.64
N ILE H 195 26.56 -39.56 -56.44
CA ILE H 195 25.96 -38.24 -56.32
C ILE H 195 24.46 -38.39 -56.12
N SER H 196 23.80 -39.10 -57.03
CA SER H 196 22.37 -39.35 -56.88
C SER H 196 22.05 -39.99 -55.54
N ARG H 197 22.87 -40.97 -55.13
CA ARG H 197 22.74 -41.59 -53.81
C ARG H 197 22.56 -40.53 -52.73
N PHE H 198 23.33 -39.44 -52.83
CA PHE H 198 23.19 -38.33 -51.88
C PHE H 198 21.78 -37.77 -51.92
N TYR H 199 21.28 -37.48 -53.13
CA TYR H 199 19.92 -36.99 -53.29
C TYR H 199 18.92 -37.91 -52.59
N ILE H 200 19.06 -39.22 -52.80
CA ILE H 200 18.11 -40.17 -52.23
C ILE H 200 18.14 -40.12 -50.71
N ILE H 201 19.34 -40.20 -50.14
CA ILE H 201 19.44 -40.26 -48.68
C ILE H 201 18.93 -38.98 -48.05
N GLN H 202 19.22 -37.83 -48.68
CA GLN H 202 18.79 -36.57 -48.08
C GLN H 202 17.27 -36.40 -48.18
N VAL H 203 16.68 -36.85 -49.29
CA VAL H 203 15.22 -36.86 -49.38
C VAL H 203 14.62 -37.70 -48.26
N VAL H 204 15.17 -38.90 -48.05
CA VAL H 204 14.65 -39.77 -47.00
C VAL H 204 14.72 -39.09 -45.65
N PHE H 205 15.87 -38.50 -45.34
CA PHE H 205 16.04 -37.86 -44.03
C PHE H 205 15.10 -36.67 -43.88
N ARG H 206 14.88 -35.92 -44.95
CA ARG H 206 13.93 -34.81 -44.91
C ARG H 206 12.55 -35.30 -44.54
N ASN H 207 12.06 -36.33 -45.24
CA ASN H 207 10.74 -36.87 -44.95
C ASN H 207 10.64 -37.30 -43.50
N ALA H 208 11.64 -38.05 -43.02
CA ALA H 208 11.61 -38.57 -41.66
C ALA H 208 11.54 -37.43 -40.64
N LEU H 209 12.40 -36.41 -40.82
CA LEU H 209 12.42 -35.30 -39.88
C LEU H 209 11.07 -34.59 -39.85
N GLU H 210 10.50 -34.32 -41.03
CA GLU H 210 9.23 -33.62 -41.09
C GLU H 210 8.14 -34.40 -40.35
N ILE H 211 8.04 -35.70 -40.63
CA ILE H 211 7.01 -36.51 -39.99
C ILE H 211 7.19 -36.50 -38.48
N GLY H 212 8.43 -36.70 -38.03
CA GLY H 212 8.69 -36.72 -36.60
C GLY H 212 8.30 -35.43 -35.92
N PHE H 213 8.64 -34.30 -36.54
CA PHE H 213 8.34 -33.02 -35.91
C PHE H 213 6.84 -32.77 -35.87
N LEU H 214 6.12 -33.15 -36.93
CA LEU H 214 4.66 -33.00 -36.91
C LEU H 214 4.04 -33.82 -35.78
N VAL H 215 4.45 -35.09 -35.65
CA VAL H 215 3.88 -35.94 -34.61
C VAL H 215 4.20 -35.38 -33.23
N GLY H 216 5.45 -34.94 -33.04
CA GLY H 216 5.80 -34.34 -31.76
C GLY H 216 4.98 -33.10 -31.45
N GLN H 217 4.72 -32.28 -32.47
CA GLN H 217 3.91 -31.09 -32.28
C GLN H 217 2.51 -31.48 -31.83
N TYR H 218 1.96 -32.55 -32.39
CA TYR H 218 0.64 -32.99 -31.91
C TYR H 218 0.71 -33.48 -30.47
N PHE H 219 1.79 -34.20 -30.12
CA PHE H 219 1.81 -34.86 -28.83
C PHE H 219 2.07 -33.90 -27.68
N LEU H 220 2.94 -32.91 -27.87
CA LEU H 220 3.28 -32.02 -26.77
C LEU H 220 2.14 -31.02 -26.49
N TYR H 221 1.78 -30.21 -27.48
CA TYR H 221 0.88 -29.09 -27.26
C TYR H 221 -0.58 -29.47 -27.49
N GLY H 222 -0.92 -29.90 -28.70
CA GLY H 222 -2.28 -30.27 -29.02
C GLY H 222 -2.87 -29.44 -30.14
N PHE H 223 -4.18 -29.19 -30.08
CA PHE H 223 -4.88 -28.43 -31.11
C PHE H 223 -5.43 -27.11 -30.61
N SER H 224 -5.40 -26.85 -29.31
CA SER H 224 -5.99 -25.62 -28.78
C SER H 224 -5.20 -25.17 -27.56
N VAL H 225 -5.51 -23.95 -27.11
CA VAL H 225 -4.89 -23.35 -25.93
C VAL H 225 -6.00 -22.76 -25.08
N PRO H 226 -6.34 -23.35 -23.94
CA PRO H 226 -7.45 -22.85 -23.13
C PRO H 226 -7.05 -21.61 -22.33
N GLY H 227 -8.04 -21.05 -21.64
CA GLY H 227 -7.83 -19.88 -20.81
C GLY H 227 -7.82 -20.13 -19.33
N LEU H 228 -7.72 -21.38 -18.89
CA LEU H 228 -7.72 -21.70 -17.47
C LEU H 228 -6.87 -22.95 -17.25
N TYR H 229 -5.90 -22.86 -16.38
CA TYR H 229 -5.11 -24.01 -15.96
C TYR H 229 -5.25 -24.21 -14.46
N GLU H 230 -5.05 -25.45 -14.02
CA GLU H 230 -5.19 -25.83 -12.63
C GLU H 230 -3.93 -26.57 -12.20
N CYS H 231 -3.16 -25.94 -11.33
CA CYS H 231 -1.90 -26.50 -10.87
C CYS H 231 -1.97 -26.91 -9.41
N ASN H 232 -1.24 -27.97 -9.08
CA ASN H 232 -1.13 -28.50 -7.73
C ASN H 232 0.33 -28.66 -7.30
N ARG H 233 1.25 -28.02 -8.01
CA ARG H 233 2.66 -28.17 -7.72
C ARG H 233 3.02 -27.48 -6.40
N TYR H 234 4.15 -27.90 -5.84
CA TYR H 234 4.73 -27.19 -4.72
C TYR H 234 5.41 -25.92 -5.22
N PRO H 235 5.29 -24.79 -4.49
CA PRO H 235 4.65 -24.54 -3.19
C PRO H 235 3.14 -24.33 -3.24
N CYS H 236 2.54 -24.33 -4.42
CA CYS H 236 1.12 -24.04 -4.51
C CYS H 236 0.33 -25.01 -3.67
N ILE H 237 -0.48 -24.46 -2.76
CA ILE H 237 -1.39 -25.28 -1.96
C ILE H 237 -2.42 -25.86 -2.92
N LYS H 238 -3.15 -26.87 -2.46
CA LYS H 238 -3.91 -27.75 -3.33
C LYS H 238 -4.73 -27.03 -4.40
N GLU H 239 -4.38 -27.28 -5.67
CA GLU H 239 -5.28 -27.07 -6.80
C GLU H 239 -5.75 -25.61 -6.89
N VAL H 240 -4.81 -24.74 -7.24
CA VAL H 240 -5.14 -23.34 -7.47
C VAL H 240 -5.39 -23.11 -8.95
N GLU H 241 -6.03 -21.98 -9.27
CA GLU H 241 -6.42 -21.64 -10.63
C GLU H 241 -5.49 -20.57 -11.19
N CYS H 242 -5.21 -20.66 -12.49
CA CYS H 242 -4.29 -19.75 -13.15
C CYS H 242 -4.83 -19.39 -14.53
N TYR H 243 -4.62 -18.15 -14.93
CA TYR H 243 -5.21 -17.60 -16.15
C TYR H 243 -4.14 -17.29 -17.19
N VAL H 244 -4.50 -17.44 -18.46
CA VAL H 244 -3.57 -17.33 -19.57
C VAL H 244 -3.84 -16.05 -20.33
N SER H 245 -2.91 -15.68 -21.21
CA SER H 245 -3.00 -14.48 -22.02
C SER H 245 -2.96 -14.84 -23.51
N ARG H 246 -3.72 -14.08 -24.30
CA ARG H 246 -3.78 -14.23 -25.75
C ARG H 246 -3.90 -15.69 -26.16
N PRO H 247 -4.98 -16.36 -25.83
CA PRO H 247 -5.13 -17.76 -26.23
C PRO H 247 -5.53 -17.95 -27.69
N THR H 248 -6.36 -17.04 -28.21
CA THR H 248 -6.95 -17.26 -29.53
C THR H 248 -5.92 -17.12 -30.64
N GLU H 249 -5.07 -16.10 -30.58
CA GLU H 249 -4.01 -15.96 -31.57
C GLU H 249 -3.12 -17.20 -31.59
N LYS H 250 -2.80 -17.74 -30.40
CA LYS H 250 -1.94 -18.90 -30.33
C LYS H 250 -2.61 -20.12 -30.93
N THR H 251 -3.90 -20.30 -30.67
CA THR H 251 -4.65 -21.36 -31.34
C THR H 251 -4.56 -21.23 -32.85
N VAL H 252 -4.81 -20.03 -33.36
CA VAL H 252 -4.81 -19.80 -34.80
C VAL H 252 -3.43 -20.16 -35.38
N PHE H 253 -2.38 -19.72 -34.70
CA PHE H 253 -1.03 -19.92 -35.21
C PHE H 253 -0.68 -21.41 -35.21
N LEU H 254 -1.06 -22.12 -34.13
CA LEU H 254 -0.94 -23.57 -34.10
C LEU H 254 -1.55 -24.20 -35.34
N VAL H 255 -2.83 -23.91 -35.58
CA VAL H 255 -3.55 -24.56 -36.68
C VAL H 255 -2.87 -24.26 -38.01
N PHE H 256 -2.49 -23.00 -38.21
CA PHE H 256 -1.87 -22.62 -39.48
C PHE H 256 -0.58 -23.39 -39.72
N MET H 257 0.29 -23.46 -38.71
CA MET H 257 1.56 -24.15 -38.92
C MET H 257 1.35 -25.65 -39.12
N PHE H 258 0.39 -26.23 -38.39
CA PHE H 258 0.03 -27.62 -38.62
C PHE H 258 -0.33 -27.85 -40.08
N ALA H 259 -1.18 -26.99 -40.64
CA ALA H 259 -1.60 -27.15 -42.02
C ALA H 259 -0.41 -27.07 -42.97
N VAL H 260 0.45 -26.07 -42.78
CA VAL H 260 1.60 -25.90 -43.67
C VAL H 260 2.49 -27.15 -43.63
N SER H 261 2.80 -27.63 -42.44
CA SER H 261 3.62 -28.82 -42.31
C SER H 261 2.97 -30.02 -42.98
N GLY H 262 1.65 -30.14 -42.87
CA GLY H 262 0.97 -31.23 -43.56
C GLY H 262 1.13 -31.15 -45.06
N ILE H 263 1.01 -29.94 -45.61
CA ILE H 263 1.20 -29.76 -47.05
C ILE H 263 2.60 -30.21 -47.46
N CYS H 264 3.60 -29.79 -46.69
CA CYS H 264 4.97 -30.20 -47.01
C CYS H 264 5.13 -31.71 -46.96
N VAL H 265 4.52 -32.35 -45.96
CA VAL H 265 4.56 -33.81 -45.87
C VAL H 265 4.01 -34.43 -47.13
N VAL H 266 2.83 -33.96 -47.56
CA VAL H 266 2.19 -34.55 -48.73
C VAL H 266 3.07 -34.41 -49.96
N LEU H 267 3.63 -33.21 -50.17
CA LEU H 267 4.48 -33.01 -51.34
C LEU H 267 5.69 -33.93 -51.33
N ASN H 268 6.35 -34.04 -50.17
CA ASN H 268 7.52 -34.91 -50.09
C ASN H 268 7.15 -36.36 -50.36
N LEU H 269 6.00 -36.80 -49.85
CA LEU H 269 5.56 -38.17 -50.10
C LEU H 269 5.33 -38.41 -51.58
N ALA H 270 4.65 -37.47 -52.23
CA ALA H 270 4.39 -37.63 -53.67
C ALA H 270 5.69 -37.69 -54.45
N GLU H 271 6.67 -36.86 -54.08
CA GLU H 271 7.96 -36.91 -54.76
C GLU H 271 8.63 -38.26 -54.57
N LEU H 272 8.69 -38.73 -53.32
CA LEU H 272 9.33 -40.02 -53.05
C LEU H 272 8.68 -41.13 -53.85
N ASN H 273 7.35 -41.13 -53.94
CA ASN H 273 6.66 -42.14 -54.73
C ASN H 273 7.04 -42.02 -56.21
N HIS H 274 6.97 -40.81 -56.75
CA HIS H 274 7.30 -40.62 -58.16
C HIS H 274 8.71 -41.10 -58.47
N LEU H 275 9.62 -41.02 -57.51
CA LEU H 275 11.00 -41.41 -57.72
C LEU H 275 11.31 -42.82 -57.23
N GLY H 276 10.40 -43.46 -56.50
CA GLY H 276 10.74 -44.66 -55.77
C GLY H 276 10.51 -45.95 -56.54
N TRP H 277 11.03 -47.04 -55.95
CA TRP H 277 10.80 -48.39 -56.45
C TRP H 277 10.22 -49.33 -55.41
N ARG H 278 10.26 -48.98 -54.12
CA ARG H 278 9.76 -49.84 -53.06
C ARG H 278 9.57 -49.03 -51.79
N SER I 19 -4.88 3.90 -71.23
CA SER I 19 -5.46 3.34 -70.02
C SER I 19 -5.15 1.85 -69.90
N THR I 20 -3.97 1.46 -70.38
CA THR I 20 -3.52 0.07 -70.29
C THR I 20 -2.09 -0.07 -69.78
N MET I 21 -1.37 1.03 -69.58
CA MET I 21 -0.02 1.00 -69.03
C MET I 21 0.08 1.60 -67.64
N ILE I 22 -0.53 2.76 -67.42
CA ILE I 22 -0.41 3.44 -66.14
C ILE I 22 -0.99 2.61 -64.99
N GLY I 23 -1.88 1.68 -65.30
CA GLY I 23 -2.41 0.81 -64.26
C GLY I 23 -1.31 0.08 -63.50
N ARG I 24 -0.34 -0.46 -64.23
CA ARG I 24 0.74 -1.19 -63.59
C ARG I 24 1.54 -0.29 -62.65
N ILE I 25 1.84 0.93 -63.10
CA ILE I 25 2.56 1.89 -62.27
C ILE I 25 1.77 2.16 -61.00
N LEU I 26 0.50 2.53 -61.15
CA LEU I 26 -0.31 2.85 -59.97
C LEU I 26 -0.37 1.68 -59.00
N LEU I 27 -0.51 0.46 -59.54
CA LEU I 27 -0.64 -0.71 -58.67
C LEU I 27 0.64 -0.96 -57.90
N THR I 28 1.78 -1.05 -58.59
CA THR I 28 3.04 -1.25 -57.90
C THR I 28 3.28 -0.16 -56.87
N VAL I 29 2.94 1.08 -57.22
CA VAL I 29 3.21 2.20 -56.33
C VAL I 29 2.37 2.11 -55.06
N VAL I 30 1.08 1.78 -55.20
CA VAL I 30 0.24 1.67 -54.01
C VAL I 30 0.71 0.49 -53.17
N VAL I 31 1.16 -0.60 -53.80
CA VAL I 31 1.66 -1.74 -53.04
C VAL I 31 2.83 -1.33 -52.17
N ILE I 32 3.82 -0.66 -52.78
CA ILE I 32 5.00 -0.27 -52.01
C ILE I 32 4.64 0.76 -50.94
N PHE I 33 3.75 1.68 -51.29
CA PHE I 33 3.26 2.67 -50.32
C PHE I 33 2.67 1.97 -49.09
N ARG I 34 1.84 0.96 -49.33
CA ARG I 34 1.21 0.24 -48.23
C ARG I 34 2.24 -0.49 -47.38
N ILE I 35 3.14 -1.23 -48.03
CA ILE I 35 4.18 -1.95 -47.29
C ILE I 35 4.96 -0.99 -46.42
N LEU I 36 5.39 0.14 -46.99
CA LEU I 36 6.19 1.10 -46.23
C LEU I 36 5.43 1.63 -45.03
N ILE I 37 4.21 2.10 -45.26
CA ILE I 37 3.41 2.62 -44.14
C ILE I 37 3.31 1.58 -43.04
N VAL I 38 2.85 0.38 -43.39
CA VAL I 38 2.68 -0.68 -42.39
C VAL I 38 3.96 -0.84 -41.59
N ALA I 39 5.05 -1.20 -42.28
CA ALA I 39 6.28 -1.54 -41.58
C ALA I 39 6.76 -0.39 -40.70
N ILE I 40 6.80 0.83 -41.25
CA ILE I 40 7.40 1.94 -40.53
C ILE I 40 6.57 2.31 -39.30
N VAL I 41 5.25 2.33 -39.43
CA VAL I 41 4.42 2.93 -38.40
C VAL I 41 3.79 1.87 -37.49
N GLY I 42 3.05 0.95 -38.08
CA GLY I 42 2.10 0.15 -37.31
C GLY I 42 2.71 -0.62 -36.15
N GLU I 43 4.02 -0.87 -36.18
CA GLU I 43 4.60 -1.77 -35.19
C GLU I 43 4.59 -1.18 -33.78
N THR I 44 4.41 0.13 -33.63
CA THR I 44 4.51 0.77 -32.33
C THR I 44 3.20 1.35 -31.81
N VAL I 45 2.22 1.60 -32.68
CA VAL I 45 0.90 2.01 -32.20
C VAL I 45 0.31 0.93 -31.31
N TYR I 46 0.54 -0.33 -31.66
CA TYR I 46 -0.02 -1.48 -30.95
C TYR I 46 0.97 -2.10 -29.98
N ASP I 47 1.82 -1.28 -29.37
CA ASP I 47 2.77 -1.77 -28.39
C ASP I 47 2.20 -1.79 -26.98
N ASP I 48 1.31 -0.86 -26.67
CA ASP I 48 0.73 -0.71 -25.34
C ASP I 48 -0.76 -1.04 -25.35
N GLU I 49 -1.16 -2.08 -26.07
CA GLU I 49 -2.56 -2.43 -26.20
C GLU I 49 -3.08 -3.23 -25.01
N GLN I 50 -2.20 -3.90 -24.27
CA GLN I 50 -2.61 -4.72 -23.15
C GLN I 50 -2.21 -4.15 -21.79
N THR I 51 -1.17 -3.31 -21.76
CA THR I 51 -0.76 -2.70 -20.49
C THR I 51 -1.69 -1.56 -20.08
N MET I 52 -2.25 -0.84 -21.05
CA MET I 52 -3.16 0.26 -20.77
C MET I 52 -4.62 -0.10 -21.00
N PHE I 53 -4.92 -1.38 -21.17
CA PHE I 53 -6.30 -1.86 -21.22
C PHE I 53 -6.69 -2.24 -19.79
N VAL I 54 -7.56 -1.43 -19.18
CA VAL I 54 -7.87 -1.54 -17.77
C VAL I 54 -9.38 -1.64 -17.61
N CYS I 55 -9.81 -2.54 -16.72
CA CYS I 55 -11.21 -2.73 -16.39
C CYS I 55 -11.48 -2.27 -14.96
N ASN I 56 -12.76 -2.16 -14.64
CA ASN I 56 -13.20 -1.67 -13.33
C ASN I 56 -13.67 -2.85 -12.48
N THR I 57 -12.72 -3.48 -11.80
CA THR I 57 -13.01 -4.63 -10.95
C THR I 57 -11.74 -5.03 -10.22
N LEU I 58 -11.91 -5.91 -9.24
CA LEU I 58 -10.80 -6.43 -8.45
C LEU I 58 -10.47 -7.88 -8.77
N GLN I 59 -11.31 -8.58 -9.52
CA GLN I 59 -11.08 -9.98 -9.80
C GLN I 59 -9.78 -10.15 -10.59
N PRO I 60 -8.94 -11.14 -10.22
CA PRO I 60 -7.81 -11.49 -11.09
C PRO I 60 -8.24 -12.40 -12.22
N GLY I 61 -8.24 -11.88 -13.44
CA GLY I 61 -8.56 -12.68 -14.60
C GLY I 61 -9.56 -12.06 -15.54
N CYS I 62 -10.03 -10.85 -15.22
CA CYS I 62 -11.03 -10.19 -16.06
C CYS I 62 -10.41 -9.39 -17.19
N ASN I 63 -9.28 -8.72 -16.93
CA ASN I 63 -8.66 -7.92 -17.98
C ASN I 63 -8.25 -8.80 -19.15
N GLN I 64 -7.58 -9.92 -18.87
CA GLN I 64 -7.12 -10.80 -19.93
C GLN I 64 -8.28 -11.32 -20.77
N ALA I 65 -9.34 -11.79 -20.11
CA ALA I 65 -10.47 -12.36 -20.82
C ALA I 65 -11.17 -11.31 -21.67
N CYS I 66 -11.44 -10.14 -21.08
CA CYS I 66 -12.15 -9.11 -21.82
C CYS I 66 -11.33 -8.60 -22.99
N TYR I 67 -10.00 -8.54 -22.84
CA TYR I 67 -9.15 -8.20 -23.97
C TYR I 67 -9.24 -9.25 -25.06
N ASP I 68 -8.99 -10.51 -24.71
CA ASP I 68 -9.04 -11.59 -25.70
C ASP I 68 -10.38 -11.60 -26.45
N ARG I 69 -11.46 -11.27 -25.76
CA ARG I 69 -12.76 -11.28 -26.43
C ARG I 69 -12.99 -10.04 -27.26
N ALA I 70 -12.41 -8.90 -26.86
CA ALA I 70 -12.56 -7.69 -27.66
C ALA I 70 -11.74 -7.79 -28.95
N PHE I 71 -10.43 -7.96 -28.82
CA PHE I 71 -9.51 -8.05 -29.95
C PHE I 71 -8.90 -9.44 -30.01
N PRO I 72 -9.57 -10.42 -30.62
CA PRO I 72 -8.99 -11.76 -30.70
C PRO I 72 -7.74 -11.80 -31.57
N ILE I 73 -7.85 -11.27 -32.78
CA ILE I 73 -6.75 -11.22 -33.74
C ILE I 73 -6.48 -9.76 -34.03
N SER I 74 -5.32 -9.27 -33.60
CA SER I 74 -4.97 -7.88 -33.77
C SER I 74 -4.96 -7.51 -35.25
N HIS I 75 -4.96 -6.21 -35.50
CA HIS I 75 -5.10 -5.69 -36.86
C HIS I 75 -3.83 -5.93 -37.67
N ILE I 76 -2.69 -5.57 -37.09
CA ILE I 76 -1.45 -5.48 -37.84
C ILE I 76 -0.99 -6.85 -38.32
N ARG I 77 -1.33 -7.91 -37.59
CA ARG I 77 -0.94 -9.25 -38.00
C ARG I 77 -1.82 -9.73 -39.15
N TYR I 78 -3.11 -9.43 -39.08
CA TYR I 78 -3.99 -9.64 -40.22
C TYR I 78 -3.44 -8.96 -41.46
N TRP I 79 -2.95 -7.73 -41.32
CA TRP I 79 -2.49 -7.00 -42.49
C TRP I 79 -1.13 -7.51 -43.00
N VAL I 80 -0.25 -7.97 -42.10
CA VAL I 80 0.98 -8.61 -42.56
C VAL I 80 0.66 -9.88 -43.36
N PHE I 81 -0.22 -10.72 -42.82
CA PHE I 81 -0.66 -11.91 -43.54
C PHE I 81 -1.24 -11.54 -44.90
N GLN I 82 -2.09 -10.51 -44.94
CA GLN I 82 -2.65 -10.05 -46.19
C GLN I 82 -1.54 -9.69 -47.18
N ILE I 83 -0.57 -8.90 -46.73
CA ILE I 83 0.52 -8.49 -47.62
C ILE I 83 1.21 -9.71 -48.20
N ILE I 84 1.54 -10.68 -47.35
CA ILE I 84 2.30 -11.84 -47.82
C ILE I 84 1.49 -12.64 -48.82
N MET I 85 0.28 -13.06 -48.42
CA MET I 85 -0.50 -13.99 -49.24
C MET I 85 -0.95 -13.37 -50.55
N VAL I 86 -0.67 -12.09 -50.78
CA VAL I 86 -1.03 -11.44 -52.03
C VAL I 86 0.11 -11.44 -53.03
N CYS I 87 1.33 -11.70 -52.59
CA CYS I 87 2.50 -11.70 -53.46
C CYS I 87 2.97 -13.10 -53.87
N THR I 88 2.40 -14.15 -53.28
CA THR I 88 2.87 -15.50 -53.59
C THR I 88 2.80 -15.84 -55.08
N PRO I 89 1.76 -15.46 -55.82
CA PRO I 89 1.75 -15.80 -57.25
C PRO I 89 2.91 -15.19 -58.01
N SER I 90 3.29 -13.97 -57.67
CA SER I 90 4.44 -13.35 -58.32
C SER I 90 5.72 -14.11 -58.01
N LEU I 91 5.88 -14.57 -56.77
CA LEU I 91 7.05 -15.37 -56.43
C LEU I 91 7.09 -16.67 -57.22
N CYS I 92 5.93 -17.34 -57.31
CA CYS I 92 5.85 -18.56 -58.10
C CYS I 92 6.23 -18.30 -59.55
N PHE I 93 5.68 -17.24 -60.13
CA PHE I 93 6.01 -16.88 -61.51
C PHE I 93 7.50 -16.64 -61.66
N ILE I 94 8.10 -15.91 -60.73
CA ILE I 94 9.53 -15.61 -60.81
C ILE I 94 10.34 -16.89 -60.81
N THR I 95 10.06 -17.77 -59.84
CA THR I 95 10.87 -18.99 -59.74
C THR I 95 10.65 -19.91 -60.93
N TYR I 96 9.43 -19.95 -61.47
CA TYR I 96 9.18 -20.80 -62.64
C TYR I 96 9.84 -20.24 -63.88
N SER I 97 9.93 -18.90 -63.99
CA SER I 97 10.66 -18.29 -65.10
C SER I 97 12.16 -18.42 -64.93
N VAL I 98 12.64 -18.63 -63.70
CA VAL I 98 14.05 -18.90 -63.50
C VAL I 98 14.38 -20.35 -63.82
N HIS I 99 13.41 -21.26 -63.61
CA HIS I 99 13.63 -22.69 -63.79
C HIS I 99 13.22 -23.16 -65.19
N GLN I 100 13.26 -22.28 -66.18
CA GLN I 100 12.93 -22.65 -67.56
C GLN I 100 13.32 -21.54 -68.52
N GLY I 194 1.07 -21.98 -71.41
CA GLY I 194 2.41 -21.64 -70.99
C GLY I 194 2.46 -20.36 -70.16
N ILE I 195 3.37 -19.45 -70.54
CA ILE I 195 3.50 -18.19 -69.82
C ILE I 195 2.16 -17.48 -69.72
N SER I 196 1.37 -17.51 -70.80
CA SER I 196 0.09 -16.81 -70.80
C SER I 196 -0.89 -17.46 -69.84
N ARG I 197 -1.03 -18.78 -69.89
CA ARG I 197 -1.89 -19.50 -68.96
C ARG I 197 -1.52 -19.17 -67.52
N PHE I 198 -0.22 -19.17 -67.22
CA PHE I 198 0.25 -18.84 -65.87
C PHE I 198 -0.16 -17.43 -65.47
N TYR I 199 0.14 -16.46 -66.34
CA TYR I 199 -0.26 -15.08 -66.09
C TYR I 199 -1.74 -14.98 -65.76
N ILE I 200 -2.56 -15.69 -66.54
CA ILE I 200 -4.01 -15.59 -66.37
C ILE I 200 -4.43 -16.15 -65.02
N ILE I 201 -3.96 -17.35 -64.70
CA ILE I 201 -4.39 -17.98 -63.45
C ILE I 201 -3.92 -17.17 -62.25
N GLN I 202 -2.71 -16.60 -62.33
CA GLN I 202 -2.21 -15.84 -61.18
C GLN I 202 -2.98 -14.53 -61.02
N VAL I 203 -3.34 -13.88 -62.12
CA VAL I 203 -4.22 -12.71 -62.04
C VAL I 203 -5.53 -13.08 -61.33
N VAL I 204 -6.15 -14.18 -61.76
CA VAL I 204 -7.41 -14.59 -61.15
C VAL I 204 -7.25 -14.78 -59.65
N PHE I 205 -6.20 -15.50 -59.25
CA PHE I 205 -6.00 -15.78 -57.83
C PHE I 205 -5.74 -14.50 -57.05
N ARG I 206 -5.02 -13.55 -57.65
CA ARG I 206 -4.78 -12.27 -57.00
C ARG I 206 -6.08 -11.56 -56.71
N ASN I 207 -6.94 -11.46 -57.74
CA ASN I 207 -8.24 -10.80 -57.55
C ASN I 207 -9.02 -11.46 -56.44
N ALA I 208 -9.12 -12.80 -56.47
CA ALA I 208 -9.89 -13.51 -55.48
C ALA I 208 -9.37 -13.24 -54.06
N LEU I 209 -8.04 -13.29 -53.90
CA LEU I 209 -7.47 -13.08 -52.58
C LEU I 209 -7.76 -11.68 -52.07
N GLU I 210 -7.59 -10.67 -52.92
CA GLU I 210 -7.87 -9.30 -52.50
C GLU I 210 -9.31 -9.15 -52.05
N ILE I 211 -10.26 -9.65 -52.85
CA ILE I 211 -11.66 -9.50 -52.50
C ILE I 211 -11.95 -10.19 -51.18
N GLY I 212 -11.46 -11.41 -51.02
CA GLY I 212 -11.71 -12.15 -49.79
C GLY I 212 -11.19 -11.43 -48.58
N PHE I 213 -9.96 -10.91 -48.66
CA PHE I 213 -9.37 -10.25 -47.51
C PHE I 213 -10.10 -8.96 -47.17
N LEU I 214 -10.55 -8.22 -48.18
CA LEU I 214 -11.32 -7.01 -47.91
C LEU I 214 -12.63 -7.34 -47.19
N VAL I 215 -13.36 -8.34 -47.69
CA VAL I 215 -14.63 -8.70 -47.06
C VAL I 215 -14.40 -9.16 -45.63
N GLY I 216 -13.36 -9.97 -45.42
CA GLY I 216 -13.05 -10.41 -44.07
C GLY I 216 -12.72 -9.25 -43.16
N GLN I 217 -11.97 -8.27 -43.66
CA GLN I 217 -11.65 -7.09 -42.87
C GLN I 217 -12.91 -6.36 -42.46
N TYR I 218 -13.90 -6.28 -43.35
CA TYR I 218 -15.15 -5.64 -42.96
C TYR I 218 -15.88 -6.46 -41.90
N PHE I 219 -15.84 -7.79 -42.03
CA PHE I 219 -16.68 -8.62 -41.17
C PHE I 219 -16.12 -8.75 -39.76
N LEU I 220 -14.80 -8.82 -39.61
CA LEU I 220 -14.24 -9.02 -38.28
C LEU I 220 -14.25 -7.74 -37.45
N TYR I 221 -13.57 -6.70 -37.93
CA TYR I 221 -13.36 -5.50 -37.12
C TYR I 221 -14.45 -4.47 -37.32
N GLY I 222 -14.64 -4.01 -38.55
CA GLY I 222 -15.66 -3.01 -38.83
C GLY I 222 -15.09 -1.73 -39.41
N PHE I 223 -15.75 -0.60 -39.09
CA PHE I 223 -15.32 0.70 -39.58
C PHE I 223 -14.81 1.63 -38.49
N SER I 224 -14.99 1.28 -37.22
CA SER I 224 -14.58 2.15 -36.13
C SER I 224 -14.10 1.32 -34.95
N VAL I 225 -13.51 2.01 -33.98
CA VAL I 225 -13.02 1.40 -32.75
C VAL I 225 -13.49 2.26 -31.59
N PRO I 226 -14.45 1.81 -30.78
CA PRO I 226 -14.99 2.65 -29.71
C PRO I 226 -14.04 2.68 -28.52
N GLY I 227 -14.42 3.49 -27.53
CA GLY I 227 -13.66 3.62 -26.30
C GLY I 227 -14.27 2.96 -25.09
N LEU I 228 -15.28 2.11 -25.26
CA LEU I 228 -15.91 1.43 -24.14
C LEU I 228 -16.40 0.07 -24.60
N TYR I 229 -15.97 -0.97 -23.91
CA TYR I 229 -16.46 -2.32 -24.14
C TYR I 229 -17.11 -2.86 -22.86
N GLU I 230 -17.99 -3.84 -23.05
CA GLU I 230 -18.75 -4.42 -21.95
C GLU I 230 -18.64 -5.94 -22.05
N CYS I 231 -18.00 -6.56 -21.07
CA CYS I 231 -17.80 -8.00 -21.07
C CYS I 231 -18.56 -8.65 -19.93
N ASN I 232 -18.98 -9.89 -20.18
CA ASN I 232 -19.75 -10.71 -19.24
C ASN I 232 -19.16 -12.10 -19.13
N ARG I 233 -17.88 -12.24 -19.43
CA ARG I 233 -17.20 -13.53 -19.44
C ARG I 233 -16.79 -13.94 -18.04
N TYR I 234 -16.59 -15.25 -17.88
CA TYR I 234 -15.99 -15.77 -16.67
C TYR I 234 -14.50 -15.46 -16.67
N PRO I 235 -13.92 -15.04 -15.53
CA PRO I 235 -14.47 -14.88 -14.18
C PRO I 235 -15.24 -13.58 -13.95
N CYS I 236 -15.30 -12.69 -14.92
CA CYS I 236 -15.93 -11.40 -14.70
C CYS I 236 -17.37 -11.57 -14.27
N ILE I 237 -17.70 -10.99 -13.12
CA ILE I 237 -19.09 -10.98 -12.65
C ILE I 237 -19.87 -10.13 -13.63
N LYS I 238 -21.20 -10.22 -13.57
CA LYS I 238 -22.07 -9.77 -14.65
C LYS I 238 -21.73 -8.38 -15.18
N GLU I 239 -21.35 -8.33 -16.46
CA GLU I 239 -21.42 -7.10 -17.27
C GLU I 239 -20.61 -5.96 -16.63
N VAL I 240 -19.29 -6.14 -16.67
CA VAL I 240 -18.39 -5.08 -16.22
C VAL I 240 -17.96 -4.25 -17.41
N GLU I 241 -17.42 -3.06 -17.15
CA GLU I 241 -17.04 -2.11 -18.18
C GLU I 241 -15.52 -2.04 -18.29
N CYS I 242 -15.03 -1.94 -19.52
CA CYS I 242 -13.60 -1.97 -19.80
C CYS I 242 -13.27 -0.90 -20.82
N TYR I 243 -12.13 -0.24 -20.62
CA TYR I 243 -11.74 0.89 -21.44
C TYR I 243 -10.64 0.49 -22.43
N VAL I 244 -10.23 1.46 -23.26
CA VAL I 244 -9.40 1.20 -24.43
C VAL I 244 -8.39 2.33 -24.57
N SER I 245 -7.34 2.07 -25.35
CA SER I 245 -6.26 3.02 -25.58
C SER I 245 -6.12 3.35 -27.06
N ARG I 246 -5.82 4.60 -27.36
CA ARG I 246 -5.59 5.10 -28.71
C ARG I 246 -6.62 4.58 -29.69
N PRO I 247 -7.89 4.96 -29.54
CA PRO I 247 -8.91 4.52 -30.51
C PRO I 247 -8.89 5.25 -31.83
N THR I 248 -8.58 6.55 -31.80
CA THR I 248 -8.72 7.38 -32.98
C THR I 248 -7.67 7.05 -34.04
N GLU I 249 -6.41 6.89 -33.61
CA GLU I 249 -5.38 6.48 -34.55
C GLU I 249 -5.73 5.16 -35.22
N LYS I 250 -6.30 4.23 -34.47
CA LYS I 250 -6.64 2.94 -35.03
C LYS I 250 -7.79 3.05 -36.03
N THR I 251 -8.79 3.88 -35.72
CA THR I 251 -9.84 4.16 -36.68
C THR I 251 -9.26 4.70 -37.99
N VAL I 252 -8.36 5.68 -37.87
CA VAL I 252 -7.78 6.30 -39.06
C VAL I 252 -7.04 5.27 -39.88
N PHE I 253 -6.25 4.43 -39.21
CA PHE I 253 -5.45 3.42 -39.92
C PHE I 253 -6.36 2.42 -40.62
N LEU I 254 -7.42 1.99 -39.94
CA LEU I 254 -8.43 1.14 -40.55
C LEU I 254 -8.92 1.73 -41.86
N VAL I 255 -9.42 2.97 -41.79
CA VAL I 255 -10.03 3.59 -42.97
C VAL I 255 -9.01 3.69 -44.10
N PHE I 256 -7.80 4.11 -43.78
CA PHE I 256 -6.77 4.28 -44.81
C PHE I 256 -6.50 2.96 -45.53
N MET I 257 -6.32 1.88 -44.78
CA MET I 257 -6.01 0.60 -45.42
C MET I 257 -7.20 0.10 -46.23
N PHE I 258 -8.41 0.29 -45.71
CA PHE I 258 -9.61 -0.04 -46.49
C PHE I 258 -9.57 0.64 -47.85
N ALA I 259 -9.31 1.95 -47.86
CA ALA I 259 -9.29 2.69 -49.12
C ALA I 259 -8.23 2.15 -50.07
N VAL I 260 -7.03 1.91 -49.57
CA VAL I 260 -5.95 1.42 -50.43
C VAL I 260 -6.34 0.09 -51.06
N SER I 261 -6.83 -0.84 -50.24
CA SER I 261 -7.23 -2.14 -50.77
C SER I 261 -8.35 -2.01 -51.80
N GLY I 262 -9.28 -1.09 -51.58
CA GLY I 262 -10.32 -0.87 -52.58
C GLY I 262 -9.75 -0.39 -53.92
N ILE I 263 -8.78 0.52 -53.85
CA ILE I 263 -8.12 0.99 -55.07
C ILE I 263 -7.49 -0.19 -55.81
N CYS I 264 -6.79 -1.04 -55.06
CA CYS I 264 -6.15 -2.20 -55.70
C CYS I 264 -7.17 -3.10 -56.36
N VAL I 265 -8.29 -3.34 -55.67
CA VAL I 265 -9.38 -4.14 -56.25
C VAL I 265 -9.80 -3.54 -57.59
N VAL I 266 -10.07 -2.24 -57.60
CA VAL I 266 -10.58 -1.60 -58.81
C VAL I 266 -9.58 -1.77 -59.95
N LEU I 267 -8.30 -1.55 -59.68
CA LEU I 267 -7.29 -1.65 -60.74
C LEU I 267 -7.23 -3.08 -61.28
N ASN I 268 -7.18 -4.07 -60.39
CA ASN I 268 -7.10 -5.45 -60.85
C ASN I 268 -8.32 -5.81 -61.69
N LEU I 269 -9.50 -5.33 -61.30
CA LEU I 269 -10.70 -5.66 -62.06
C LEU I 269 -10.70 -5.01 -63.43
N ALA I 270 -10.30 -3.75 -63.50
CA ALA I 270 -10.19 -3.09 -64.81
C ALA I 270 -9.22 -3.84 -65.71
N GLU I 271 -8.10 -4.31 -65.15
CA GLU I 271 -7.16 -5.08 -65.96
C GLU I 271 -7.80 -6.36 -66.46
N LEU I 272 -8.44 -7.12 -65.56
CA LEU I 272 -9.08 -8.37 -65.96
C LEU I 272 -10.06 -8.14 -67.09
N ASN I 273 -10.88 -7.09 -66.98
CA ASN I 273 -11.83 -6.78 -68.04
C ASN I 273 -11.11 -6.46 -69.34
N HIS I 274 -10.12 -5.57 -69.29
CA HIS I 274 -9.38 -5.22 -70.49
C HIS I 274 -8.79 -6.43 -71.18
N LEU I 275 -8.46 -7.47 -70.41
CA LEU I 275 -7.84 -8.66 -70.97
C LEU I 275 -8.82 -9.79 -71.25
N GLY I 276 -9.95 -9.82 -70.55
CA GLY I 276 -10.79 -11.00 -70.55
C GLY I 276 -11.54 -11.20 -71.86
N TRP I 277 -12.15 -12.39 -71.96
CA TRP I 277 -13.02 -12.74 -73.08
C TRP I 277 -14.48 -12.85 -72.68
N ARG I 278 -14.76 -13.31 -71.47
CA ARG I 278 -16.14 -13.48 -71.00
C ARG I 278 -16.20 -13.37 -69.48
N SER J 19 19.70 31.66 -60.64
CA SER J 19 18.51 31.41 -59.83
C SER J 19 17.63 30.35 -60.47
N THR J 20 18.24 29.45 -61.25
CA THR J 20 17.52 28.37 -61.89
C THR J 20 18.22 27.02 -61.79
N MET J 21 19.39 26.96 -61.16
CA MET J 21 20.13 25.71 -60.99
C MET J 21 20.28 25.32 -59.52
N ILE J 22 20.70 26.26 -58.67
CA ILE J 22 20.96 25.96 -57.27
C ILE J 22 19.69 25.56 -56.53
N GLY J 23 18.52 25.93 -57.05
CA GLY J 23 17.28 25.55 -56.40
C GLY J 23 17.14 24.06 -56.22
N ARG J 24 17.49 23.28 -57.25
CA ARG J 24 17.38 21.83 -57.16
C ARG J 24 18.28 21.28 -56.05
N ILE J 25 19.50 21.82 -55.96
CA ILE J 25 20.42 21.38 -54.92
C ILE J 25 19.84 21.69 -53.54
N LEU J 26 19.41 22.93 -53.34
CA LEU J 26 18.85 23.30 -52.05
C LEU J 26 17.67 22.42 -51.68
N LEU J 27 16.81 22.11 -52.67
CA LEU J 27 15.63 21.30 -52.41
C LEU J 27 16.01 19.89 -51.99
N THR J 28 16.84 19.23 -52.80
CA THR J 28 17.28 17.87 -52.45
C THR J 28 17.94 17.85 -51.07
N VAL J 29 18.74 18.88 -50.78
CA VAL J 29 19.49 18.87 -49.53
C VAL J 29 18.55 19.03 -48.35
N VAL J 30 17.59 19.95 -48.43
CA VAL J 30 16.65 20.10 -47.32
C VAL J 30 15.81 18.84 -47.18
N VAL J 31 15.49 18.17 -48.28
CA VAL J 31 14.72 16.94 -48.20
C VAL J 31 15.47 15.88 -47.42
N ILE J 32 16.73 15.65 -47.76
CA ILE J 32 17.50 14.62 -47.06
C ILE J 32 17.73 15.03 -45.61
N PHE J 33 17.99 16.32 -45.38
CA PHE J 33 18.12 16.86 -44.04
C PHE J 33 16.89 16.52 -43.19
N ARG J 34 15.70 16.72 -43.77
CA ARG J 34 14.46 16.41 -43.06
C ARG J 34 14.34 14.91 -42.80
N ILE J 35 14.59 14.09 -43.82
CA ILE J 35 14.56 12.65 -43.64
C ILE J 35 15.40 12.25 -42.43
N LEU J 36 16.64 12.73 -42.39
CA LEU J 36 17.55 12.32 -41.33
C LEU J 36 17.06 12.79 -39.96
N ILE J 37 16.71 14.08 -39.85
CA ILE J 37 16.28 14.58 -38.55
C ILE J 37 15.02 13.87 -38.07
N VAL J 38 14.21 13.36 -38.99
CA VAL J 38 13.00 12.67 -38.55
C VAL J 38 13.29 11.22 -38.18
N ALA J 39 14.27 10.59 -38.84
CA ALA J 39 14.52 9.17 -38.62
C ALA J 39 15.54 8.89 -37.53
N ILE J 40 16.30 9.91 -37.10
CA ILE J 40 17.39 9.66 -36.15
C ILE J 40 16.94 9.85 -34.70
N VAL J 41 16.22 10.94 -34.42
CA VAL J 41 15.92 11.33 -33.06
C VAL J 41 14.43 11.34 -32.77
N GLY J 42 13.62 11.84 -33.71
CA GLY J 42 12.21 12.07 -33.47
C GLY J 42 11.42 10.87 -32.98
N GLU J 43 12.03 9.68 -32.97
CA GLU J 43 11.31 8.47 -32.60
C GLU J 43 11.36 8.18 -31.11
N THR J 44 12.27 8.81 -30.36
CA THR J 44 12.42 8.55 -28.94
C THR J 44 11.91 9.67 -28.05
N VAL J 45 11.75 10.88 -28.59
CA VAL J 45 11.10 11.94 -27.83
C VAL J 45 9.69 11.53 -27.45
N TYR J 46 8.99 10.85 -28.36
CA TYR J 46 7.60 10.45 -28.19
C TYR J 46 7.48 9.01 -27.73
N ASP J 47 8.41 8.53 -26.92
CA ASP J 47 8.36 7.18 -26.39
C ASP J 47 7.63 7.10 -25.06
N ASP J 48 7.67 8.18 -24.26
CA ASP J 48 7.07 8.23 -22.94
C ASP J 48 5.94 9.25 -22.90
N GLU J 49 5.09 9.24 -23.93
CA GLU J 49 4.02 10.22 -24.02
C GLU J 49 2.77 9.79 -23.26
N GLN J 50 2.58 8.49 -23.04
CA GLN J 50 1.41 7.99 -22.33
C GLN J 50 1.72 7.48 -20.94
N THR J 51 2.96 7.09 -20.66
CA THR J 51 3.31 6.62 -19.33
C THR J 51 3.46 7.77 -18.35
N MET J 52 3.94 8.92 -18.80
CA MET J 52 4.12 10.09 -17.96
C MET J 52 3.04 11.14 -18.15
N PHE J 53 1.96 10.81 -18.83
CA PHE J 53 0.78 11.66 -18.90
C PHE J 53 -0.14 11.27 -17.75
N VAL J 54 -0.21 12.12 -16.74
CA VAL J 54 -0.89 11.80 -15.48
C VAL J 54 -1.91 12.89 -15.19
N CYS J 55 -3.10 12.47 -14.77
CA CYS J 55 -4.16 13.36 -14.37
C CYS J 55 -4.37 13.30 -12.86
N ASN J 56 -5.23 14.18 -12.35
CA ASN J 56 -5.48 14.31 -10.93
C ASN J 56 -6.89 13.78 -10.64
N THR J 57 -6.98 12.47 -10.41
CA THR J 57 -8.26 11.83 -10.14
C THR J 57 -7.99 10.36 -9.83
N LEU J 58 -9.03 9.69 -9.32
CA LEU J 58 -8.96 8.27 -9.00
C LEU J 58 -9.76 7.40 -9.96
N GLN J 59 -10.57 7.99 -10.83
CA GLN J 59 -11.39 7.21 -11.74
C GLN J 59 -10.51 6.38 -12.66
N PRO J 60 -10.83 5.10 -12.89
CA PRO J 60 -10.17 4.34 -13.94
C PRO J 60 -10.79 4.64 -15.31
N GLY J 61 -10.04 5.34 -16.15
CA GLY J 61 -10.49 5.61 -17.50
C GLY J 61 -10.46 7.06 -17.90
N CYS J 62 -9.86 7.91 -17.07
CA CYS J 62 -9.76 9.34 -17.39
C CYS J 62 -8.47 9.67 -18.13
N ASN J 63 -7.36 9.01 -17.78
CA ASN J 63 -6.10 9.29 -18.44
C ASN J 63 -6.17 8.95 -19.93
N GLN J 64 -6.67 7.76 -20.25
CA GLN J 64 -6.74 7.34 -21.65
C GLN J 64 -7.61 8.30 -22.46
N ALA J 65 -8.77 8.67 -21.93
CA ALA J 65 -9.68 9.53 -22.67
C ALA J 65 -9.10 10.92 -22.85
N CYS J 66 -8.56 11.50 -21.79
CA CYS J 66 -8.02 12.85 -21.90
C CYS J 66 -6.81 12.88 -22.82
N TYR J 67 -6.01 11.81 -22.84
CA TYR J 67 -4.91 11.73 -23.78
C TYR J 67 -5.43 11.67 -25.21
N ASP J 68 -6.29 10.68 -25.50
CA ASP J 68 -6.85 10.55 -26.84
C ASP J 68 -7.47 11.85 -27.33
N ARG J 69 -8.08 12.63 -26.44
CA ARG J 69 -8.68 13.88 -26.87
C ARG J 69 -7.65 14.98 -27.04
N ALA J 70 -6.57 14.96 -26.26
CA ALA J 70 -5.53 15.96 -26.42
C ALA J 70 -4.73 15.73 -27.70
N PHE J 71 -4.10 14.56 -27.82
CA PHE J 71 -3.29 14.19 -28.98
C PHE J 71 -3.95 13.03 -29.71
N PRO J 72 -4.90 13.28 -30.61
CA PRO J 72 -5.53 12.18 -31.34
C PRO J 72 -4.56 11.49 -32.28
N ILE J 73 -3.89 12.28 -33.11
CA ILE J 73 -2.91 11.78 -34.08
C ILE J 73 -1.58 12.41 -33.73
N SER J 74 -0.64 11.60 -33.30
CA SER J 74 0.66 12.10 -32.88
C SER J 74 1.35 12.82 -34.04
N HIS J 75 2.41 13.55 -33.69
CA HIS J 75 3.09 14.41 -34.65
C HIS J 75 3.91 13.60 -35.63
N ILE J 76 4.71 12.67 -35.09
CA ILE J 76 5.75 12.02 -35.89
C ILE J 76 5.14 11.14 -36.97
N ARG J 77 3.96 10.58 -36.71
CA ARG J 77 3.31 9.75 -37.73
C ARG J 77 2.73 10.61 -38.83
N TYR J 78 2.14 11.76 -38.48
CA TYR J 78 1.77 12.74 -39.48
C TYR J 78 2.93 13.08 -40.38
N TRP J 79 4.12 13.28 -39.80
CA TRP J 79 5.26 13.70 -40.60
C TRP J 79 5.85 12.57 -41.42
N VAL J 80 5.80 11.33 -40.93
CA VAL J 80 6.20 10.19 -41.75
C VAL J 80 5.28 10.06 -42.95
N PHE J 81 3.97 10.12 -42.71
CA PHE J 81 3.02 10.07 -43.81
C PHE J 81 3.28 11.18 -44.83
N GLN J 82 3.55 12.39 -44.33
CA GLN J 82 3.90 13.49 -45.23
C GLN J 82 5.10 13.13 -46.09
N ILE J 83 6.20 12.73 -45.45
CA ILE J 83 7.42 12.39 -46.17
C ILE J 83 7.11 11.41 -47.30
N ILE J 84 6.44 10.30 -46.96
CA ILE J 84 6.16 9.29 -47.97
C ILE J 84 5.30 9.87 -49.09
N MET J 85 4.12 10.38 -48.75
CA MET J 85 3.17 10.83 -49.76
C MET J 85 3.62 12.06 -50.52
N VAL J 86 4.79 12.63 -50.20
CA VAL J 86 5.34 13.73 -51.00
C VAL J 86 6.32 13.23 -52.07
N CYS J 87 6.80 11.99 -51.96
CA CYS J 87 7.78 11.46 -52.90
C CYS J 87 7.19 10.52 -53.94
N THR J 88 5.89 10.23 -53.87
CA THR J 88 5.30 9.27 -54.80
C THR J 88 5.44 9.69 -56.26
N PRO J 89 5.31 10.98 -56.63
CA PRO J 89 5.46 11.33 -58.05
C PRO J 89 6.82 10.97 -58.60
N SER J 90 7.89 11.15 -57.81
CA SER J 90 9.22 10.76 -58.25
C SER J 90 9.30 9.26 -58.50
N LEU J 91 8.63 8.47 -57.65
CA LEU J 91 8.61 7.02 -57.85
C LEU J 91 7.89 6.66 -59.13
N CYS J 92 6.74 7.29 -59.38
CA CYS J 92 6.00 7.02 -60.61
C CYS J 92 6.84 7.40 -61.83
N PHE J 93 7.57 8.52 -61.74
CA PHE J 93 8.45 8.94 -62.83
C PHE J 93 9.55 7.90 -63.06
N ILE J 94 10.19 7.46 -61.98
CA ILE J 94 11.21 6.43 -62.08
C ILE J 94 10.66 5.21 -62.81
N THR J 95 9.47 4.77 -62.40
CA THR J 95 8.88 3.59 -63.01
C THR J 95 8.63 3.82 -64.50
N TYR J 96 7.86 4.86 -64.84
CA TYR J 96 7.54 5.12 -66.24
C TYR J 96 8.79 5.35 -67.08
N SER J 97 9.90 5.74 -66.47
CA SER J 97 11.15 5.91 -67.20
C SER J 97 11.92 4.62 -67.35
N VAL J 98 11.76 3.67 -66.43
CA VAL J 98 12.37 2.35 -66.60
C VAL J 98 11.74 1.60 -67.76
N HIS J 99 10.51 1.98 -68.16
CA HIS J 99 9.82 1.25 -69.21
C HIS J 99 10.54 1.35 -70.55
N GLN J 100 11.11 2.52 -70.86
CA GLN J 100 11.81 2.72 -72.12
C GLN J 100 13.27 3.11 -71.88
N GLY J 194 4.13 14.04 -73.86
CA GLY J 194 4.44 12.63 -73.76
C GLY J 194 5.35 12.30 -72.61
N ILE J 195 6.38 13.14 -72.41
CA ILE J 195 7.34 12.94 -71.32
C ILE J 195 7.35 14.20 -70.45
N SER J 196 7.58 15.36 -71.09
CA SER J 196 7.56 16.62 -70.35
C SER J 196 6.25 16.81 -69.62
N ARG J 197 5.13 16.50 -70.30
CA ARG J 197 3.82 16.54 -69.66
C ARG J 197 3.84 15.85 -68.29
N PHE J 198 4.53 14.72 -68.21
CA PHE J 198 4.69 14.03 -66.93
C PHE J 198 5.36 14.93 -65.91
N TYR J 199 6.47 15.55 -66.29
CA TYR J 199 7.18 16.45 -65.39
C TYR J 199 6.25 17.56 -64.89
N ILE J 200 5.46 18.14 -65.79
CA ILE J 200 4.58 19.24 -65.41
C ILE J 200 3.56 18.77 -64.37
N ILE J 201 2.88 17.65 -64.67
CA ILE J 201 1.83 17.20 -63.77
C ILE J 201 2.40 16.81 -62.42
N GLN J 202 3.59 16.20 -62.41
CA GLN J 202 4.17 15.77 -61.15
C GLN J 202 4.60 16.97 -60.31
N VAL J 203 5.16 18.01 -60.95
CA VAL J 203 5.47 19.24 -60.24
C VAL J 203 4.20 19.82 -59.60
N VAL J 204 3.12 19.90 -60.38
CA VAL J 204 1.88 20.46 -59.86
C VAL J 204 1.41 19.69 -58.63
N PHE J 205 1.39 18.35 -58.75
CA PHE J 205 0.90 17.54 -57.63
C PHE J 205 1.81 17.69 -56.41
N ARG J 206 3.12 17.82 -56.63
CA ARG J 206 4.03 18.03 -55.52
C ARG J 206 3.69 19.32 -54.77
N ASN J 207 3.54 20.40 -55.52
CA ASN J 207 3.20 21.68 -54.90
C ASN J 207 1.91 21.57 -54.10
N ALA J 208 0.88 20.97 -54.70
CA ALA J 208 -0.42 20.88 -54.03
C ALA J 208 -0.30 20.09 -52.74
N LEU J 209 0.37 18.93 -52.79
CA LEU J 209 0.51 18.11 -51.59
C LEU J 209 1.23 18.86 -50.48
N GLU J 210 2.32 19.54 -50.83
CA GLU J 210 3.09 20.26 -49.82
C GLU J 210 2.24 21.33 -49.15
N ILE J 211 1.53 22.14 -49.96
CA ILE J 211 0.71 23.20 -49.40
C ILE J 211 -0.36 22.63 -48.49
N GLY J 212 -1.04 21.58 -48.96
CA GLY J 212 -2.08 20.98 -48.15
C GLY J 212 -1.57 20.48 -46.82
N PHE J 213 -0.42 19.81 -46.83
CA PHE J 213 0.11 19.27 -45.58
C PHE J 213 0.52 20.37 -44.63
N LEU J 214 1.10 21.45 -45.15
CA LEU J 214 1.45 22.57 -44.28
C LEU J 214 0.22 23.17 -43.62
N VAL J 215 -0.83 23.42 -44.41
CA VAL J 215 -2.04 24.02 -43.86
C VAL J 215 -2.65 23.09 -42.82
N GLY J 216 -2.71 21.79 -43.12
CA GLY J 216 -3.21 20.85 -42.14
C GLY J 216 -2.40 20.84 -40.86
N GLN J 217 -1.09 20.94 -40.97
CA GLN J 217 -0.24 20.99 -39.79
C GLN J 217 -0.58 22.21 -38.94
N TYR J 218 -0.86 23.35 -39.58
CA TYR J 218 -1.26 24.51 -38.80
C TYR J 218 -2.61 24.28 -38.13
N PHE J 219 -3.54 23.63 -38.82
CA PHE J 219 -4.90 23.56 -38.32
C PHE J 219 -5.06 22.54 -37.20
N LEU J 220 -4.35 21.42 -37.25
CA LEU J 220 -4.53 20.40 -36.24
C LEU J 220 -3.83 20.75 -34.93
N TYR J 221 -2.51 20.91 -34.97
CA TYR J 221 -1.73 21.06 -33.75
C TYR J 221 -1.58 22.52 -33.33
N GLY J 222 -0.99 23.34 -34.21
CA GLY J 222 -0.80 24.74 -33.90
C GLY J 222 0.66 25.16 -33.92
N PHE J 223 1.01 26.10 -33.05
CA PHE J 223 2.37 26.62 -32.97
C PHE J 223 3.07 26.29 -31.65
N SER J 224 2.34 25.78 -30.66
CA SER J 224 2.94 25.52 -29.36
C SER J 224 2.28 24.31 -28.72
N VAL J 225 2.90 23.83 -27.65
CA VAL J 225 2.40 22.71 -26.86
C VAL J 225 2.42 23.12 -25.40
N PRO J 226 1.27 23.32 -24.75
CA PRO J 226 1.27 23.78 -23.37
C PRO J 226 1.52 22.65 -22.39
N GLY J 227 1.55 22.99 -21.10
CA GLY J 227 1.77 22.03 -20.05
C GLY J 227 0.56 21.67 -19.23
N LEU J 228 -0.63 22.13 -19.59
CA LEU J 228 -1.84 21.82 -18.86
C LEU J 228 -3.00 21.68 -19.83
N TYR J 229 -3.80 20.64 -19.64
CA TYR J 229 -5.00 20.42 -20.43
C TYR J 229 -6.16 20.10 -19.51
N GLU J 230 -7.25 20.84 -19.65
CA GLU J 230 -8.47 20.58 -18.90
C GLU J 230 -9.40 19.72 -19.75
N CYS J 231 -9.81 18.57 -19.23
CA CYS J 231 -10.68 17.67 -19.95
C CYS J 231 -11.96 17.42 -19.18
N ASN J 232 -13.05 17.25 -19.94
CA ASN J 232 -14.39 17.06 -19.39
C ASN J 232 -15.07 15.84 -19.98
N ARG J 233 -14.31 14.93 -20.56
CA ARG J 233 -14.88 13.75 -21.21
C ARG J 233 -15.33 12.73 -20.16
N TYR J 234 -16.24 11.87 -20.58
CA TYR J 234 -16.63 10.73 -19.76
C TYR J 234 -15.49 9.72 -19.73
N PRO J 235 -15.22 9.09 -18.58
CA PRO J 235 -15.86 9.17 -17.26
C PRO J 235 -15.37 10.29 -16.35
N CYS J 236 -14.48 11.15 -16.83
CA CYS J 236 -13.93 12.20 -15.97
C CYS J 236 -15.06 13.08 -15.46
N ILE J 237 -15.01 13.38 -14.17
CA ILE J 237 -16.09 14.10 -13.49
C ILE J 237 -15.74 15.59 -13.50
N LYS J 238 -16.41 16.33 -14.39
CA LYS J 238 -16.52 17.79 -14.28
C LYS J 238 -15.15 18.47 -14.34
N GLU J 239 -14.56 18.42 -15.53
CA GLU J 239 -13.45 19.30 -15.90
C GLU J 239 -12.25 19.11 -14.97
N VAL J 240 -11.64 17.93 -15.09
CA VAL J 240 -10.40 17.67 -14.35
C VAL J 240 -9.21 18.21 -15.14
N GLU J 241 -8.07 18.30 -14.47
CA GLU J 241 -6.84 18.82 -15.03
C GLU J 241 -5.84 17.70 -15.27
N CYS J 242 -5.04 17.84 -16.33
CA CYS J 242 -4.10 16.81 -16.74
C CYS J 242 -2.82 17.48 -17.23
N TYR J 243 -1.69 16.84 -16.92
CA TYR J 243 -0.37 17.40 -17.19
C TYR J 243 0.28 16.67 -18.36
N VAL J 244 1.45 17.17 -18.77
CA VAL J 244 2.10 16.77 -20.01
C VAL J 244 3.59 16.58 -19.75
N SER J 245 4.24 15.86 -20.66
CA SER J 245 5.66 15.55 -20.58
C SER J 245 6.40 16.19 -21.74
N ARG J 246 7.64 16.62 -21.48
CA ARG J 246 8.52 17.26 -22.44
C ARG J 246 7.75 18.26 -23.31
N PRO J 247 7.18 19.31 -22.71
CA PRO J 247 6.44 20.30 -23.48
C PRO J 247 7.29 21.39 -24.12
N THR J 248 8.60 21.22 -24.20
CA THR J 248 9.48 22.24 -24.76
C THR J 248 10.36 21.76 -25.89
N GLU J 249 10.63 20.46 -26.02
CA GLU J 249 11.29 19.95 -27.22
C GLU J 249 10.31 19.87 -28.38
N LYS J 250 9.06 19.53 -28.08
CA LYS J 250 8.06 19.36 -29.13
C LYS J 250 7.75 20.68 -29.81
N THR J 251 7.71 21.78 -29.06
CA THR J 251 7.55 23.10 -29.67
C THR J 251 8.66 23.37 -30.67
N VAL J 252 9.91 23.11 -30.26
CA VAL J 252 11.05 23.36 -31.14
C VAL J 252 10.93 22.52 -32.41
N PHE J 253 10.56 21.25 -32.24
CA PHE J 253 10.46 20.35 -33.38
C PHE J 253 9.36 20.83 -34.34
N LEU J 254 8.22 21.23 -33.79
CA LEU J 254 7.15 21.84 -34.58
C LEU J 254 7.66 22.99 -35.41
N VAL J 255 8.25 23.98 -34.75
CA VAL J 255 8.67 25.20 -35.45
C VAL J 255 9.68 24.85 -36.53
N PHE J 256 10.62 23.96 -36.22
CA PHE J 256 11.67 23.60 -37.16
C PHE J 256 11.07 22.99 -38.42
N MET J 257 10.16 22.02 -38.27
CA MET J 257 9.59 21.38 -39.44
C MET J 257 8.71 22.35 -40.23
N PHE J 258 8.00 23.23 -39.53
CA PHE J 258 7.24 24.28 -40.21
C PHE J 258 8.16 25.10 -41.11
N ALA J 259 9.31 25.53 -40.58
CA ALA J 259 10.23 26.34 -41.37
C ALA J 259 10.73 25.57 -42.59
N VAL J 260 11.13 24.33 -42.40
CA VAL J 260 11.66 23.54 -43.52
C VAL J 260 10.60 23.41 -44.62
N SER J 261 9.37 23.07 -44.23
CA SER J 261 8.30 22.93 -45.21
C SER J 261 8.04 24.24 -45.93
N GLY J 262 8.11 25.36 -45.21
CA GLY J 262 7.95 26.65 -45.87
C GLY J 262 9.02 26.90 -46.91
N ILE J 263 10.26 26.55 -46.59
CA ILE J 263 11.35 26.70 -47.55
C ILE J 263 11.06 25.88 -48.81
N CYS J 264 10.65 24.63 -48.62
CA CYS J 264 10.34 23.79 -49.78
C CYS J 264 9.22 24.39 -50.61
N VAL J 265 8.19 24.92 -49.95
CA VAL J 265 7.09 25.57 -50.66
C VAL J 265 7.63 26.70 -51.53
N VAL J 266 8.46 27.56 -50.96
CA VAL J 266 8.98 28.72 -51.69
C VAL J 266 9.76 28.26 -52.91
N LEU J 267 10.63 27.27 -52.73
CA LEU J 267 11.44 26.81 -53.85
C LEU J 267 10.56 26.23 -54.97
N ASN J 268 9.57 25.43 -54.61
CA ASN J 268 8.69 24.86 -55.62
C ASN J 268 7.93 25.95 -56.36
N LEU J 269 7.46 26.97 -55.63
CA LEU J 269 6.74 28.07 -56.28
C LEU J 269 7.64 28.80 -57.27
N ALA J 270 8.87 29.10 -56.86
CA ALA J 270 9.80 29.78 -57.75
C ALA J 270 10.06 28.96 -59.00
N GLU J 271 10.23 27.64 -58.85
CA GLU J 271 10.45 26.80 -60.02
C GLU J 271 9.24 26.84 -60.94
N LEU J 272 8.03 26.65 -60.39
CA LEU J 272 6.84 26.66 -61.22
C LEU J 272 6.72 27.97 -61.99
N ASN J 273 6.96 29.10 -61.32
CA ASN J 273 6.91 30.38 -62.01
C ASN J 273 7.93 30.44 -63.13
N HIS J 274 9.19 30.12 -62.83
CA HIS J 274 10.23 30.17 -63.85
C HIS J 274 9.89 29.29 -65.05
N LEU J 275 9.11 28.24 -64.84
CA LEU J 275 8.80 27.29 -65.90
C LEU J 275 7.44 27.50 -66.54
N GLY J 276 6.50 28.14 -65.83
CA GLY J 276 5.11 28.09 -66.23
C GLY J 276 4.66 29.27 -67.08
N TRP J 277 3.46 29.12 -67.64
CA TRP J 277 2.81 30.16 -68.42
C TRP J 277 1.66 30.84 -67.67
N ARG J 278 1.11 30.20 -66.64
CA ARG J 278 -0.01 30.75 -65.89
C ARG J 278 0.10 30.33 -64.43
N SER K 19 52.76 22.26 -42.79
CA SER K 19 51.60 22.63 -41.98
C SER K 19 50.43 23.06 -42.87
N THR K 20 50.34 22.45 -44.05
CA THR K 20 49.27 22.73 -44.99
C THR K 20 48.62 21.47 -45.55
N MET K 21 49.10 20.29 -45.20
CA MET K 21 48.52 19.02 -45.64
C MET K 21 47.89 18.25 -44.49
N ILE K 22 48.64 18.03 -43.41
CA ILE K 22 48.17 17.20 -42.31
C ILE K 22 46.92 17.75 -41.64
N GLY K 23 46.56 19.01 -41.92
CA GLY K 23 45.31 19.53 -41.40
C GLY K 23 44.11 18.73 -41.85
N ARG K 24 44.09 18.33 -43.12
CA ARG K 24 42.96 17.57 -43.66
C ARG K 24 42.76 16.27 -42.89
N ILE K 25 43.84 15.51 -42.68
CA ILE K 25 43.72 14.22 -42.00
C ILE K 25 43.20 14.43 -40.58
N LEU K 26 43.71 15.45 -39.89
CA LEU K 26 43.28 15.70 -38.52
C LEU K 26 41.81 16.07 -38.48
N LEU K 27 41.37 16.94 -39.38
CA LEU K 27 39.96 17.33 -39.40
C LEU K 27 39.07 16.13 -39.64
N THR K 28 39.36 15.36 -40.69
CA THR K 28 38.53 14.21 -41.02
C THR K 28 38.49 13.21 -39.86
N VAL K 29 39.66 12.93 -39.27
CA VAL K 29 39.73 11.94 -38.21
C VAL K 29 38.96 12.41 -36.98
N VAL K 30 39.09 13.69 -36.63
CA VAL K 30 38.33 14.23 -35.51
C VAL K 30 36.84 14.09 -35.76
N VAL K 31 36.40 14.42 -36.98
CA VAL K 31 34.98 14.35 -37.29
C VAL K 31 34.47 12.92 -37.12
N ILE K 32 35.20 11.96 -37.68
CA ILE K 32 34.74 10.57 -37.62
C ILE K 32 34.78 10.06 -36.18
N PHE K 33 35.82 10.42 -35.43
CA PHE K 33 35.90 10.06 -34.02
C PHE K 33 34.70 10.57 -33.25
N ARG K 34 34.34 11.84 -33.49
CA ARG K 34 33.20 12.44 -32.81
C ARG K 34 31.91 11.70 -33.16
N ILE K 35 31.69 11.45 -34.45
CA ILE K 35 30.48 10.75 -34.87
C ILE K 35 30.40 9.39 -34.21
N LEU K 36 31.51 8.65 -34.21
CA LEU K 36 31.52 7.31 -33.63
C LEU K 36 31.16 7.37 -32.14
N ILE K 37 31.81 8.26 -31.39
CA ILE K 37 31.50 8.39 -29.97
C ILE K 37 30.03 8.69 -29.78
N VAL K 38 29.52 9.68 -30.50
CA VAL K 38 28.14 10.12 -30.29
C VAL K 38 27.16 9.00 -30.62
N ALA K 39 27.50 8.14 -31.58
CA ALA K 39 26.56 7.10 -32.01
C ALA K 39 26.64 5.83 -31.18
N ILE K 40 27.82 5.50 -30.66
CA ILE K 40 27.99 4.23 -29.95
C ILE K 40 27.58 4.34 -28.49
N VAL K 41 27.90 5.46 -27.85
CA VAL K 41 27.79 5.59 -26.40
C VAL K 41 26.59 6.43 -26.01
N GLY K 42 26.52 7.68 -26.47
CA GLY K 42 25.56 8.63 -25.95
C GLY K 42 24.13 8.43 -26.41
N GLU K 43 23.62 7.21 -26.29
CA GLU K 43 22.21 6.94 -26.49
C GLU K 43 21.59 6.14 -25.35
N THR K 44 22.40 5.57 -24.47
CA THR K 44 21.91 4.82 -23.33
C THR K 44 22.21 5.50 -22.00
N VAL K 45 23.18 6.43 -21.97
CA VAL K 45 23.38 7.26 -20.79
C VAL K 45 22.11 8.05 -20.48
N TYR K 46 21.47 8.59 -21.53
CA TYR K 46 20.29 9.42 -21.39
C TYR K 46 19.01 8.63 -21.62
N ASP K 47 19.01 7.36 -21.25
CA ASP K 47 17.82 6.52 -21.36
C ASP K 47 16.95 6.60 -20.11
N ASP K 48 17.55 6.81 -18.94
CA ASP K 48 16.85 6.85 -17.67
C ASP K 48 16.93 8.24 -17.05
N GLU K 49 16.71 9.26 -17.86
CA GLU K 49 16.81 10.64 -17.38
C GLU K 49 15.53 11.13 -16.73
N GLN K 50 14.39 10.53 -17.05
CA GLN K 50 13.11 10.96 -16.50
C GLN K 50 12.52 9.97 -15.52
N THR K 51 12.89 8.69 -15.59
CA THR K 51 12.37 7.71 -14.66
C THR K 51 13.05 7.81 -13.30
N MET K 52 14.33 8.17 -13.28
CA MET K 52 15.08 8.30 -12.05
C MET K 52 15.26 9.75 -11.61
N PHE K 53 14.54 10.67 -12.24
CA PHE K 53 14.49 12.06 -11.78
C PHE K 53 13.30 12.18 -10.81
N VAL K 54 13.61 12.31 -9.52
CA VAL K 54 12.61 12.24 -8.47
C VAL K 54 12.71 13.48 -7.61
N CYS K 55 11.56 14.06 -7.28
CA CYS K 55 11.47 15.21 -6.40
C CYS K 55 10.84 14.78 -5.07
N ASN K 56 10.84 15.71 -4.12
CA ASN K 56 10.37 15.46 -2.76
C ASN K 56 9.05 16.19 -2.56
N THR K 57 7.96 15.52 -2.93
CA THR K 57 6.64 16.09 -2.79
C THR K 57 5.61 15.04 -3.20
N LEU K 58 4.34 15.31 -2.88
CA LEU K 58 3.24 14.43 -3.24
C LEU K 58 2.38 14.97 -4.36
N GLN K 59 2.59 16.21 -4.79
CA GLN K 59 1.76 16.79 -5.84
C GLN K 59 1.95 16.01 -7.13
N PRO K 60 0.86 15.70 -7.85
CA PRO K 60 1.00 15.18 -9.22
C PRO K 60 1.23 16.30 -10.21
N GLY K 61 2.44 16.38 -10.74
CA GLY K 61 2.74 17.36 -11.78
C GLY K 61 3.98 18.18 -11.50
N CYS K 62 4.72 17.86 -10.44
CA CYS K 62 5.92 18.60 -10.11
C CYS K 62 7.15 18.01 -10.78
N ASN K 63 7.25 16.69 -10.87
CA ASN K 63 8.41 16.07 -11.49
C ASN K 63 8.53 16.48 -12.95
N GLN K 64 7.44 16.41 -13.70
CA GLN K 64 7.47 16.74 -15.12
C GLN K 64 7.89 18.19 -15.33
N ALA K 65 7.31 19.10 -14.56
CA ALA K 65 7.60 20.52 -14.74
C ALA K 65 9.04 20.84 -14.36
N CYS K 66 9.49 20.33 -13.21
CA CYS K 66 10.85 20.61 -12.79
C CYS K 66 11.87 20.02 -13.75
N TYR K 67 11.57 18.86 -14.32
CA TYR K 67 12.43 18.30 -15.36
C TYR K 67 12.48 19.20 -16.58
N ASP K 68 11.30 19.48 -17.17
CA ASP K 68 11.25 20.33 -18.35
C ASP K 68 11.97 21.65 -18.14
N ARG K 69 11.93 22.19 -16.92
CA ARG K 69 12.62 23.46 -16.68
C ARG K 69 14.11 23.28 -16.48
N ALA K 70 14.53 22.13 -15.93
CA ALA K 70 15.95 21.88 -15.76
C ALA K 70 16.63 21.60 -17.10
N PHE K 71 16.18 20.55 -17.79
CA PHE K 71 16.73 20.14 -19.08
C PHE K 71 15.68 20.32 -20.16
N PRO K 72 15.59 21.48 -20.81
CA PRO K 72 14.61 21.62 -21.90
C PRO K 72 15.03 20.90 -23.16
N ILE K 73 16.32 20.79 -23.42
CA ILE K 73 16.83 20.15 -24.63
C ILE K 73 18.03 19.28 -24.27
N SER K 74 17.82 17.97 -24.25
CA SER K 74 18.89 17.05 -23.89
C SER K 74 20.12 17.29 -24.76
N HIS K 75 21.29 17.08 -24.17
CA HIS K 75 22.54 17.36 -24.86
C HIS K 75 22.62 16.64 -26.20
N ILE K 76 22.13 15.40 -26.24
CA ILE K 76 22.43 14.53 -27.37
C ILE K 76 21.66 14.96 -28.61
N ARG K 77 20.45 15.49 -28.46
CA ARG K 77 19.73 16.04 -29.61
C ARG K 77 20.49 17.23 -30.17
N TYR K 78 20.96 18.12 -29.28
CA TYR K 78 21.77 19.25 -29.70
C TYR K 78 22.97 18.80 -30.50
N TRP K 79 23.64 17.74 -30.05
CA TRP K 79 24.88 17.33 -30.71
C TRP K 79 24.60 16.60 -32.02
N VAL K 80 23.50 15.86 -32.11
CA VAL K 80 23.12 15.26 -33.39
C VAL K 80 22.83 16.35 -34.41
N PHE K 81 22.04 17.34 -34.00
CA PHE K 81 21.77 18.49 -34.86
C PHE K 81 23.07 19.17 -35.29
N GLN K 82 23.97 19.38 -34.35
CA GLN K 82 25.26 19.99 -34.66
C GLN K 82 26.00 19.19 -35.73
N ILE K 83 26.02 17.86 -35.57
CA ILE K 83 26.73 17.00 -36.52
C ILE K 83 26.14 17.16 -37.91
N ILE K 84 24.81 17.06 -38.01
CA ILE K 84 24.17 17.13 -39.32
C ILE K 84 24.40 18.48 -39.96
N MET K 85 24.01 19.56 -39.27
CA MET K 85 24.02 20.89 -39.87
C MET K 85 25.43 21.43 -40.11
N VAL K 86 26.47 20.66 -39.82
CA VAL K 86 27.84 21.09 -40.13
C VAL K 86 28.38 20.44 -41.40
N CYS K 87 27.75 19.37 -41.88
CA CYS K 87 28.19 18.66 -43.07
C CYS K 87 27.42 19.06 -44.32
N THR K 88 26.38 19.89 -44.19
CA THR K 88 25.56 20.23 -45.36
C THR K 88 26.37 20.87 -46.48
N PRO K 89 27.36 21.72 -46.23
CA PRO K 89 28.11 22.30 -47.35
C PRO K 89 28.82 21.26 -48.19
N SER K 90 29.38 20.23 -47.55
CA SER K 90 30.01 19.14 -48.30
C SER K 90 28.99 18.42 -49.18
N LEU K 91 27.79 18.22 -48.67
CA LEU K 91 26.75 17.58 -49.47
C LEU K 91 26.37 18.44 -50.68
N CYS K 92 26.22 19.75 -50.45
CA CYS K 92 25.91 20.65 -51.56
C CYS K 92 27.02 20.62 -52.60
N PHE K 93 28.28 20.57 -52.14
CA PHE K 93 29.40 20.47 -53.07
C PHE K 93 29.33 19.19 -53.88
N ILE K 94 29.14 18.06 -53.20
CA ILE K 94 29.00 16.77 -53.88
C ILE K 94 27.94 16.88 -54.96
N THR K 95 26.78 17.44 -54.61
CA THR K 95 25.68 17.53 -55.56
C THR K 95 26.06 18.40 -56.75
N TYR K 96 26.43 19.65 -56.49
CA TYR K 96 26.80 20.55 -57.57
C TYR K 96 27.91 20.00 -58.45
N SER K 97 28.73 19.09 -57.92
CA SER K 97 29.75 18.44 -58.73
C SER K 97 29.14 17.35 -59.61
N VAL K 98 28.35 16.46 -59.01
CA VAL K 98 27.71 15.40 -59.79
C VAL K 98 26.85 15.99 -60.89
N HIS K 99 26.32 17.19 -60.69
CA HIS K 99 25.43 17.84 -61.65
C HIS K 99 26.20 18.71 -62.64
N GLN K 100 27.47 18.41 -62.87
CA GLN K 100 28.28 19.18 -63.80
C GLN K 100 29.59 18.47 -64.10
N GLY K 194 33.74 30.44 -59.85
CA GLY K 194 33.02 29.35 -60.49
C GLY K 194 33.01 28.09 -59.65
N ILE K 195 34.19 27.64 -59.23
CA ILE K 195 34.33 26.44 -58.43
C ILE K 195 35.05 26.79 -57.13
N SER K 196 36.24 27.40 -57.25
CA SER K 196 36.96 27.83 -56.07
C SER K 196 36.10 28.75 -55.21
N ARG K 197 35.31 29.61 -55.85
CA ARG K 197 34.34 30.43 -55.12
C ARG K 197 33.47 29.57 -54.22
N PHE K 198 33.03 28.42 -54.73
CA PHE K 198 32.21 27.49 -53.94
C PHE K 198 32.99 27.01 -52.72
N TYR K 199 34.20 26.51 -52.94
CA TYR K 199 35.05 26.06 -51.84
C TYR K 199 35.15 27.12 -50.76
N ILE K 200 35.37 28.38 -51.17
CA ILE K 200 35.60 29.45 -50.21
C ILE K 200 34.35 29.74 -49.41
N ILE K 201 33.21 29.86 -50.09
CA ILE K 201 31.97 30.19 -49.39
C ILE K 201 31.61 29.09 -48.42
N GLN K 202 31.83 27.82 -48.80
CA GLN K 202 31.45 26.74 -47.91
C GLN K 202 32.39 26.65 -46.71
N VAL K 203 33.68 26.94 -46.93
CA VAL K 203 34.60 27.06 -45.79
C VAL K 203 34.10 28.11 -44.81
N VAL K 204 33.73 29.29 -45.33
CA VAL K 204 33.24 30.36 -44.47
C VAL K 204 32.04 29.90 -43.66
N PHE K 205 31.06 29.29 -44.35
CA PHE K 205 29.85 28.85 -43.65
C PHE K 205 30.16 27.81 -42.60
N ARG K 206 31.10 26.90 -42.90
CA ARG K 206 31.51 25.90 -41.93
C ARG K 206 32.05 26.56 -40.66
N ASN K 207 32.98 27.50 -40.84
CA ASN K 207 33.54 28.20 -39.68
C ASN K 207 32.45 28.86 -38.86
N ALA K 208 31.56 29.59 -39.53
CA ALA K 208 30.51 30.31 -38.81
C ALA K 208 29.63 29.35 -38.02
N LEU K 209 29.18 28.26 -38.65
CA LEU K 209 28.32 27.31 -37.97
C LEU K 209 29.01 26.73 -36.75
N GLU K 210 30.28 26.34 -36.90
CA GLU K 210 30.99 25.73 -35.78
C GLU K 210 31.09 26.70 -34.60
N ILE K 211 31.48 27.95 -34.89
CA ILE K 211 31.63 28.93 -33.81
C ILE K 211 30.28 29.16 -33.12
N GLY K 212 29.22 29.32 -33.91
CA GLY K 212 27.91 29.55 -33.33
C GLY K 212 27.48 28.42 -32.43
N PHE K 213 27.69 27.18 -32.87
CA PHE K 213 27.24 26.04 -32.07
C PHE K 213 28.05 25.93 -30.79
N LEU K 214 29.36 26.20 -30.85
CA LEU K 214 30.17 26.17 -29.63
C LEU K 214 29.67 27.21 -28.62
N VAL K 215 29.43 28.44 -29.09
CA VAL K 215 28.99 29.50 -28.18
C VAL K 215 27.63 29.14 -27.59
N GLY K 216 26.72 28.64 -28.42
CA GLY K 216 25.43 28.22 -27.91
C GLY K 216 25.56 27.13 -26.87
N GLN K 217 26.46 26.17 -27.10
CA GLN K 217 26.67 25.11 -26.12
C GLN K 217 27.13 25.67 -24.79
N TYR K 218 28.00 26.69 -24.83
CA TYR K 218 28.39 27.30 -23.57
C TYR K 218 27.22 28.01 -22.90
N PHE K 219 26.39 28.69 -23.69
CA PHE K 219 25.37 29.54 -23.10
C PHE K 219 24.21 28.75 -22.51
N LEU K 220 23.78 27.67 -23.17
CA LEU K 220 22.62 26.94 -22.68
C LEU K 220 22.95 26.11 -21.45
N TYR K 221 23.88 25.15 -21.58
CA TYR K 221 24.12 24.18 -20.53
C TYR K 221 25.18 24.65 -19.54
N GLY K 222 26.40 24.90 -20.02
CA GLY K 222 27.48 25.34 -19.15
C GLY K 222 28.67 24.39 -19.17
N PHE K 223 29.34 24.27 -18.03
CA PHE K 223 30.52 23.43 -17.90
C PHE K 223 30.32 22.24 -16.98
N SER K 224 29.24 22.19 -16.21
CA SER K 224 29.04 21.12 -15.26
C SER K 224 27.55 20.80 -15.15
N VAL K 225 27.27 19.70 -14.46
CA VAL K 225 25.90 19.25 -14.20
C VAL K 225 25.80 18.89 -12.72
N PRO K 226 25.10 19.68 -11.92
CA PRO K 226 25.05 19.41 -10.47
C PRO K 226 24.08 18.28 -10.16
N GLY K 227 24.03 17.92 -8.88
CA GLY K 227 23.15 16.87 -8.41
C GLY K 227 21.95 17.35 -7.64
N LEU K 228 21.66 18.66 -7.64
CA LEU K 228 20.53 19.19 -6.91
C LEU K 228 19.96 20.38 -7.68
N TYR K 229 18.67 20.35 -7.95
CA TYR K 229 17.96 21.47 -8.55
C TYR K 229 16.84 21.92 -7.61
N GLU K 230 16.48 23.19 -7.71
CA GLU K 230 15.44 23.77 -6.88
C GLU K 230 14.43 24.45 -7.80
N CYS K 231 13.19 23.94 -7.79
CA CYS K 231 12.17 24.44 -8.71
C CYS K 231 11.02 25.06 -7.95
N ASN K 232 10.49 26.15 -8.52
CA ASN K 232 9.36 26.87 -7.96
C ASN K 232 8.20 26.95 -8.94
N ARG K 233 8.21 26.17 -10.01
CA ARG K 233 7.17 26.23 -11.00
C ARG K 233 5.84 25.73 -10.43
N TYR K 234 4.76 26.16 -11.08
CA TYR K 234 3.45 25.60 -10.77
C TYR K 234 3.36 24.19 -11.34
N PRO K 235 2.75 23.23 -10.62
CA PRO K 235 2.05 23.31 -9.32
C PRO K 235 2.93 23.19 -8.09
N CYS K 236 4.24 23.06 -8.26
CA CYS K 236 5.12 22.84 -7.11
C CYS K 236 4.97 24.00 -6.12
N ILE K 237 4.76 23.65 -4.86
CA ILE K 237 4.51 24.63 -3.82
C ILE K 237 5.85 25.10 -3.26
N LYS K 238 6.24 26.33 -3.61
CA LYS K 238 7.27 27.05 -2.87
C LYS K 238 8.62 26.35 -2.85
N GLU K 239 9.29 26.28 -4.00
CA GLU K 239 10.70 25.96 -4.04
C GLU K 239 11.03 24.58 -3.49
N VAL K 240 10.57 23.53 -4.16
CA VAL K 240 10.92 22.17 -3.76
C VAL K 240 12.24 21.76 -4.38
N GLU K 241 12.82 20.68 -3.85
CA GLU K 241 14.12 20.16 -4.23
C GLU K 241 13.95 18.93 -5.12
N CYS K 242 14.89 18.73 -6.03
CA CYS K 242 14.83 17.64 -7.00
C CYS K 242 16.23 17.13 -7.28
N TYR K 243 16.36 15.82 -7.46
CA TYR K 243 17.64 15.14 -7.54
C TYR K 243 17.87 14.57 -8.94
N VAL K 244 19.07 14.78 -9.47
CA VAL K 244 19.45 14.36 -10.81
C VAL K 244 20.09 12.98 -10.78
N SER K 245 20.21 12.33 -11.94
CA SER K 245 20.84 11.03 -12.09
C SER K 245 22.06 11.14 -13.00
N ARG K 246 23.06 10.30 -12.72
CA ARG K 246 24.30 10.21 -13.51
C ARG K 246 24.82 11.59 -13.88
N PRO K 247 25.25 12.40 -12.93
CA PRO K 247 25.80 13.72 -13.25
C PRO K 247 27.23 13.69 -13.79
N THR K 248 28.04 12.77 -13.28
CA THR K 248 29.47 12.82 -13.57
C THR K 248 29.77 12.41 -15.00
N GLU K 249 29.15 11.32 -15.49
CA GLU K 249 29.33 10.94 -16.89
C GLU K 249 28.94 12.08 -17.81
N LYS K 250 27.85 12.78 -17.49
CA LYS K 250 27.38 13.87 -18.33
C LYS K 250 28.37 15.03 -18.32
N THR K 251 28.93 15.36 -17.15
CA THR K 251 29.98 16.36 -17.09
C THR K 251 31.15 15.99 -17.99
N VAL K 252 31.61 14.74 -17.88
CA VAL K 252 32.74 14.29 -18.69
C VAL K 252 32.43 14.42 -20.17
N PHE K 253 31.24 14.00 -20.56
CA PHE K 253 30.84 14.06 -21.97
C PHE K 253 30.83 15.51 -22.46
N LEU K 254 30.25 16.41 -21.66
CA LEU K 254 30.26 17.83 -21.97
C LEU K 254 31.67 18.30 -22.27
N VAL K 255 32.59 18.08 -21.32
CA VAL K 255 33.94 18.60 -21.46
C VAL K 255 34.60 18.03 -22.71
N PHE K 256 34.45 16.74 -22.94
CA PHE K 256 35.10 16.11 -24.09
C PHE K 256 34.63 16.73 -25.39
N MET K 257 33.30 16.87 -25.56
CA MET K 257 32.80 17.43 -26.81
C MET K 257 33.21 18.88 -26.98
N PHE K 258 33.22 19.64 -25.88
CA PHE K 258 33.74 21.00 -25.93
C PHE K 258 35.16 21.02 -26.50
N ALA K 259 36.03 20.15 -25.97
CA ALA K 259 37.41 20.13 -26.43
C ALA K 259 37.51 19.80 -27.92
N VAL K 260 36.77 18.78 -28.35
CA VAL K 260 36.82 18.39 -29.76
C VAL K 260 36.39 19.53 -30.67
N SER K 261 35.27 20.17 -30.32
CA SER K 261 34.79 21.30 -31.11
C SER K 261 35.82 22.43 -31.15
N GLY K 262 36.50 22.67 -30.03
CA GLY K 262 37.53 23.69 -30.03
C GLY K 262 38.67 23.35 -30.98
N ILE K 263 39.08 22.09 -31.00
CA ILE K 263 40.13 21.66 -31.93
C ILE K 263 39.69 21.92 -33.36
N CYS K 264 38.46 21.54 -33.69
CA CYS K 264 37.97 21.77 -35.05
C CYS K 264 37.97 23.26 -35.39
N VAL K 265 37.56 24.10 -34.44
CA VAL K 265 37.58 25.55 -34.66
C VAL K 265 38.99 26.00 -35.01
N VAL K 266 39.97 25.57 -34.21
CA VAL K 266 41.35 26.01 -34.43
C VAL K 266 41.83 25.60 -35.82
N LEU K 267 41.57 24.35 -36.19
CA LEU K 267 42.02 23.88 -37.50
C LEU K 267 41.38 24.67 -38.63
N ASN K 268 40.08 24.92 -38.53
CA ASN K 268 39.41 25.69 -39.59
C ASN K 268 39.96 27.11 -39.67
N LEU K 269 40.27 27.72 -38.53
CA LEU K 269 40.83 29.06 -38.53
C LEU K 269 42.18 29.08 -39.22
N ALA K 270 43.04 28.11 -38.89
CA ALA K 270 44.35 28.06 -39.51
C ALA K 270 44.22 27.85 -41.02
N GLU K 271 43.29 27.01 -41.44
CA GLU K 271 43.09 26.80 -42.87
C GLU K 271 42.63 28.09 -43.55
N LEU K 272 41.68 28.79 -42.94
CA LEU K 272 41.20 30.04 -43.53
C LEU K 272 42.33 31.05 -43.66
N ASN K 273 43.19 31.15 -42.64
CA ASN K 273 44.30 32.10 -42.70
C ASN K 273 45.28 31.71 -43.80
N HIS K 274 45.64 30.43 -43.88
CA HIS K 274 46.60 29.98 -44.89
C HIS K 274 46.16 30.34 -46.30
N LEU K 275 44.86 30.54 -46.50
CA LEU K 275 44.29 30.74 -47.83
C LEU K 275 43.79 32.16 -48.07
N GLY K 276 43.71 32.99 -47.02
CA GLY K 276 42.99 34.24 -47.12
C GLY K 276 43.85 35.43 -47.53
N TRP K 277 43.16 36.55 -47.76
CA TRP K 277 43.79 37.83 -48.06
C TRP K 277 43.37 38.95 -47.14
N ARG K 278 42.32 38.76 -46.34
CA ARG K 278 41.80 39.81 -45.47
C ARG K 278 40.80 39.21 -44.48
N SER L 19 60.72 -14.62 -34.85
CA SER L 19 60.01 -13.86 -33.83
C SER L 19 59.81 -12.42 -34.27
N THR L 20 59.61 -12.23 -35.57
CA THR L 20 59.36 -10.91 -36.13
C THR L 20 58.17 -10.88 -37.09
N MET L 21 57.51 -12.01 -37.31
CA MET L 21 56.37 -12.10 -38.21
C MET L 21 55.07 -12.45 -37.49
N ILE L 22 55.11 -13.47 -36.63
CA ILE L 22 53.89 -13.93 -35.96
C ILE L 22 53.34 -12.89 -34.99
N GLY L 23 54.18 -11.98 -34.52
CA GLY L 23 53.70 -10.94 -33.62
C GLY L 23 52.54 -10.15 -34.19
N ARG L 24 52.62 -9.80 -35.47
CA ARG L 24 51.55 -9.02 -36.10
C ARG L 24 50.26 -9.82 -36.13
N ILE L 25 50.35 -11.11 -36.46
CA ILE L 25 49.17 -11.98 -36.44
C ILE L 25 48.56 -11.98 -35.05
N LEU L 26 49.36 -12.26 -34.02
CA LEU L 26 48.83 -12.34 -32.67
C LEU L 26 48.18 -11.02 -32.26
N LEU L 27 48.80 -9.90 -32.63
CA LEU L 27 48.27 -8.60 -32.25
C LEU L 27 46.92 -8.34 -32.90
N THR L 28 46.85 -8.47 -34.23
CA THR L 28 45.57 -8.27 -34.92
C THR L 28 44.50 -9.20 -34.35
N VAL L 29 44.88 -10.45 -34.07
CA VAL L 29 43.89 -11.43 -33.63
C VAL L 29 43.35 -11.06 -32.26
N VAL L 30 44.23 -10.67 -31.33
CA VAL L 30 43.75 -10.27 -30.01
C VAL L 30 42.91 -9.02 -30.10
N VAL L 31 43.26 -8.10 -31.01
CA VAL L 31 42.45 -6.89 -31.17
C VAL L 31 41.03 -7.25 -31.59
N ILE L 32 40.89 -8.11 -32.59
CA ILE L 32 39.55 -8.47 -33.05
C ILE L 32 38.81 -9.27 -31.99
N PHE L 33 39.52 -10.17 -31.31
CA PHE L 33 38.95 -10.90 -30.18
C PHE L 33 38.35 -9.94 -29.17
N ARG L 34 39.10 -8.90 -28.80
CA ARG L 34 38.65 -7.94 -27.81
C ARG L 34 37.42 -7.18 -28.31
N ILE L 35 37.48 -6.68 -29.55
CA ILE L 35 36.35 -5.94 -30.10
C ILE L 35 35.09 -6.80 -30.07
N LEU L 36 35.21 -8.06 -30.49
CA LEU L 36 34.04 -8.94 -30.53
C LEU L 36 33.48 -9.17 -29.13
N ILE L 37 34.36 -9.52 -28.18
CA ILE L 37 33.88 -9.79 -26.83
C ILE L 37 33.25 -8.54 -26.22
N VAL L 38 33.70 -7.36 -26.61
CA VAL L 38 33.13 -6.15 -26.04
C VAL L 38 31.80 -5.81 -26.68
N ALA L 39 31.62 -6.13 -27.97
CA ALA L 39 30.40 -5.76 -28.66
C ALA L 39 29.28 -6.77 -28.49
N ILE L 40 29.60 -8.05 -28.28
CA ILE L 40 28.56 -9.07 -28.24
C ILE L 40 27.95 -9.23 -26.85
N VAL L 41 28.71 -8.96 -25.79
CA VAL L 41 28.33 -9.38 -24.45
C VAL L 41 28.10 -8.19 -23.54
N GLY L 42 29.12 -7.34 -23.37
CA GLY L 42 29.09 -6.33 -22.32
C GLY L 42 27.85 -5.46 -22.33
N GLU L 43 27.24 -5.25 -23.49
CA GLU L 43 26.17 -4.26 -23.60
C GLU L 43 24.98 -4.59 -22.73
N THR L 44 24.82 -5.86 -22.31
CA THR L 44 23.65 -6.28 -21.56
C THR L 44 23.93 -6.66 -20.12
N VAL L 45 25.19 -6.96 -19.78
CA VAL L 45 25.53 -7.19 -18.38
C VAL L 45 25.24 -5.94 -17.56
N TYR L 46 25.51 -4.76 -18.13
CA TYR L 46 25.36 -3.49 -17.45
C TYR L 46 24.06 -2.80 -17.82
N ASP L 47 23.00 -3.57 -18.04
CA ASP L 47 21.69 -3.01 -18.34
C ASP L 47 20.87 -2.72 -17.10
N ASP L 48 21.05 -3.52 -16.05
CA ASP L 48 20.29 -3.42 -14.81
C ASP L 48 21.18 -2.98 -13.66
N GLU L 49 22.08 -2.03 -13.91
CA GLU L 49 23.02 -1.59 -12.90
C GLU L 49 22.42 -0.58 -11.93
N GLN L 50 21.37 0.14 -12.35
CA GLN L 50 20.76 1.17 -11.52
C GLN L 50 19.37 0.78 -11.01
N THR L 51 18.68 -0.13 -11.69
CA THR L 51 17.37 -0.55 -11.22
C THR L 51 17.47 -1.52 -10.05
N MET L 52 18.51 -2.35 -10.02
CA MET L 52 18.71 -3.31 -8.95
C MET L 52 19.77 -2.87 -7.95
N PHE L 53 20.21 -1.62 -8.01
CA PHE L 53 21.07 -1.03 -6.98
C PHE L 53 20.16 -0.41 -5.93
N VAL L 54 20.08 -1.04 -4.77
CA VAL L 54 19.13 -0.68 -3.73
C VAL L 54 19.87 -0.43 -2.43
N CYS L 55 19.48 0.64 -1.74
CA CYS L 55 20.04 0.99 -0.44
C CYS L 55 18.99 0.78 0.64
N ASN L 56 19.43 0.87 1.89
CA ASN L 56 18.57 0.63 3.05
C ASN L 56 18.25 1.96 3.72
N THR L 57 17.19 2.60 3.24
CA THR L 57 16.77 3.90 3.77
C THR L 57 15.48 4.29 3.08
N LEU L 58 14.84 5.34 3.62
CA LEU L 58 13.61 5.88 3.07
C LEU L 58 13.80 7.23 2.40
N GLN L 59 14.96 7.86 2.54
CA GLN L 59 15.18 9.16 1.97
C GLN L 59 15.08 9.11 0.45
N PRO L 60 14.39 10.06 -0.19
CA PRO L 60 14.47 10.18 -1.65
C PRO L 60 15.72 10.94 -2.07
N GLY L 61 16.67 10.22 -2.67
CA GLY L 61 17.86 10.85 -3.18
C GLY L 61 19.15 10.18 -2.78
N CYS L 62 19.06 9.08 -2.03
CA CYS L 62 20.26 8.38 -1.57
C CYS L 62 20.76 7.36 -2.59
N ASN L 63 19.85 6.65 -3.25
CA ASN L 63 20.27 5.64 -4.22
C ASN L 63 21.07 6.28 -5.35
N GLN L 64 20.55 7.38 -5.91
CA GLN L 64 21.22 8.03 -7.03
C GLN L 64 22.61 8.50 -6.63
N ALA L 65 22.72 9.15 -5.47
CA ALA L 65 24.01 9.69 -5.04
C ALA L 65 25.00 8.59 -4.75
N CYS L 66 24.58 7.56 -4.02
CA CYS L 66 25.51 6.48 -3.69
C CYS L 66 25.95 5.73 -4.94
N TYR L 67 25.06 5.59 -5.92
CA TYR L 67 25.47 5.00 -7.19
C TYR L 67 26.51 5.88 -7.89
N ASP L 68 26.16 7.15 -8.14
CA ASP L 68 27.09 8.05 -8.81
C ASP L 68 28.45 8.08 -8.13
N ARG L 69 28.49 7.92 -6.80
CA ARG L 69 29.78 7.94 -6.13
C ARG L 69 30.50 6.61 -6.22
N ALA L 70 29.75 5.50 -6.27
CA ALA L 70 30.39 4.20 -6.40
C ALA L 70 30.98 4.01 -7.80
N PHE L 71 30.13 4.09 -8.83
CA PHE L 71 30.54 3.93 -10.22
C PHE L 71 30.35 5.24 -10.97
N PRO L 72 31.32 6.17 -10.93
CA PRO L 72 31.16 7.43 -11.66
C PRO L 72 31.16 7.22 -13.16
N ILE L 73 32.17 6.52 -13.66
CA ILE L 73 32.32 6.22 -15.07
C ILE L 73 32.28 4.70 -15.22
N SER L 74 31.23 4.20 -15.86
CA SER L 74 31.08 2.77 -16.01
C SER L 74 32.25 2.18 -16.78
N HIS L 75 32.34 0.85 -16.74
CA HIS L 75 33.48 0.13 -17.29
C HIS L 75 33.42 0.12 -18.82
N ILE L 76 32.25 -0.23 -19.36
CA ILE L 76 32.15 -0.54 -20.78
C ILE L 76 32.40 0.69 -21.64
N ARG L 77 32.06 1.87 -21.14
CA ARG L 77 32.29 3.09 -21.90
C ARG L 77 33.77 3.46 -21.89
N TYR L 78 34.42 3.27 -20.74
CA TYR L 78 35.88 3.37 -20.70
C TYR L 78 36.53 2.49 -21.75
N TRP L 79 36.05 1.25 -21.86
CA TRP L 79 36.67 0.31 -22.79
C TRP L 79 36.34 0.62 -24.25
N VAL L 80 35.15 1.13 -24.53
CA VAL L 80 34.85 1.59 -25.89
C VAL L 80 35.77 2.74 -26.27
N PHE L 81 35.89 3.72 -25.38
CA PHE L 81 36.80 4.84 -25.62
C PHE L 81 38.22 4.34 -25.87
N GLN L 82 38.67 3.39 -25.06
CA GLN L 82 39.99 2.80 -25.26
C GLN L 82 40.12 2.22 -26.67
N ILE L 83 39.18 1.35 -27.04
CA ILE L 83 39.23 0.73 -28.36
C ILE L 83 39.37 1.77 -29.45
N ILE L 84 38.51 2.80 -29.41
CA ILE L 84 38.55 3.81 -30.46
C ILE L 84 39.89 4.52 -30.46
N MET L 85 40.25 5.15 -29.33
CA MET L 85 41.47 5.95 -29.29
C MET L 85 42.74 5.12 -29.43
N VAL L 86 42.64 3.79 -29.55
CA VAL L 86 43.82 2.97 -29.83
C VAL L 86 44.01 2.70 -31.31
N CYS L 87 43.04 3.07 -32.15
CA CYS L 87 43.11 2.78 -33.58
C CYS L 87 43.26 4.03 -34.43
N THR L 88 43.26 5.23 -33.84
CA THR L 88 43.33 6.45 -34.64
C THR L 88 44.61 6.54 -35.47
N PRO L 89 45.78 6.11 -34.99
CA PRO L 89 46.98 6.22 -35.84
C PRO L 89 46.87 5.42 -37.12
N SER L 90 46.26 4.24 -37.07
CA SER L 90 46.06 3.46 -38.28
C SER L 90 45.16 4.20 -39.26
N LEU L 91 44.13 4.89 -38.77
CA LEU L 91 43.26 5.67 -39.64
C LEU L 91 44.03 6.81 -40.29
N CYS L 92 44.84 7.52 -39.49
CA CYS L 92 45.64 8.60 -40.05
C CYS L 92 46.60 8.08 -41.11
N PHE L 93 47.18 6.90 -40.88
CA PHE L 93 48.06 6.29 -41.87
C PHE L 93 47.29 5.97 -43.15
N ILE L 94 46.15 5.32 -43.00
CA ILE L 94 45.30 5.02 -44.17
C ILE L 94 45.06 6.28 -44.97
N THR L 95 44.66 7.36 -44.30
CA THR L 95 44.34 8.60 -44.99
C THR L 95 45.56 9.16 -45.71
N TYR L 96 46.65 9.39 -44.96
CA TYR L 96 47.85 9.95 -45.57
C TYR L 96 48.37 9.08 -46.70
N SER L 97 48.03 7.80 -46.72
CA SER L 97 48.42 6.94 -47.83
C SER L 97 47.50 7.13 -49.02
N VAL L 98 46.19 7.29 -48.77
CA VAL L 98 45.26 7.52 -49.86
C VAL L 98 45.53 8.86 -50.53
N HIS L 99 45.97 9.85 -49.76
CA HIS L 99 46.20 11.20 -50.25
C HIS L 99 47.61 11.40 -50.79
N GLN L 100 48.28 10.31 -51.17
CA GLN L 100 49.63 10.41 -51.72
C GLN L 100 50.04 9.08 -52.34
N GLY L 194 60.06 10.42 -44.23
CA GLY L 194 58.94 10.83 -45.06
C GLY L 194 57.74 9.91 -44.94
N ILE L 195 58.00 8.61 -44.92
CA ILE L 195 56.96 7.60 -44.81
C ILE L 195 57.23 6.73 -43.59
N SER L 196 58.44 6.16 -43.52
CA SER L 196 58.82 5.34 -42.38
C SER L 196 58.66 6.12 -41.08
N ARG L 197 59.10 7.38 -41.07
CA ARG L 197 58.94 8.29 -39.94
C ARG L 197 57.52 8.20 -39.39
N PHE L 198 56.54 8.15 -40.29
CA PHE L 198 55.15 7.99 -39.88
C PHE L 198 54.95 6.72 -39.08
N TYR L 199 55.45 5.60 -39.61
CA TYR L 199 55.35 4.32 -38.92
C TYR L 199 55.94 4.42 -37.51
N ILE L 200 57.11 5.05 -37.41
CA ILE L 200 57.79 5.17 -36.11
C ILE L 200 56.91 5.93 -35.12
N ILE L 201 56.45 7.11 -35.53
CA ILE L 201 55.70 7.96 -34.60
C ILE L 201 54.39 7.28 -34.21
N GLN L 202 53.73 6.59 -35.15
CA GLN L 202 52.45 5.97 -34.83
C GLN L 202 52.65 4.79 -33.88
N VAL L 203 53.72 4.01 -34.08
CA VAL L 203 54.06 2.95 -33.12
C VAL L 203 54.25 3.53 -31.72
N VAL L 204 55.04 4.61 -31.64
CA VAL L 204 55.30 5.22 -30.33
C VAL L 204 53.99 5.63 -29.66
N PHE L 205 53.12 6.32 -30.41
CA PHE L 205 51.87 6.79 -29.83
C PHE L 205 50.99 5.62 -29.41
N ARG L 206 50.99 4.54 -30.18
CA ARG L 206 50.21 3.36 -29.82
C ARG L 206 50.68 2.81 -28.47
N ASN L 207 51.99 2.64 -28.33
CA ASN L 207 52.53 2.12 -27.06
C ASN L 207 52.13 3.03 -25.90
N ALA L 208 52.31 4.34 -26.07
CA ALA L 208 52.00 5.27 -24.99
C ALA L 208 50.53 5.17 -24.59
N LEU L 209 49.63 5.13 -25.58
CA LEU L 209 48.21 5.07 -25.28
C LEU L 209 47.87 3.79 -24.53
N GLU L 210 48.39 2.65 -24.99
CA GLU L 210 48.13 1.40 -24.29
C GLU L 210 48.54 1.47 -22.84
N ILE L 211 49.78 1.93 -22.59
CA ILE L 211 50.28 1.96 -21.22
C ILE L 211 49.42 2.88 -20.36
N GLY L 212 49.11 4.06 -20.88
CA GLY L 212 48.31 5.01 -20.12
C GLY L 212 46.95 4.44 -19.75
N PHE L 213 46.29 3.80 -20.72
CA PHE L 213 44.96 3.28 -20.46
C PHE L 213 44.99 2.13 -19.46
N LEU L 214 46.01 1.28 -19.54
CA LEU L 214 46.13 0.19 -18.57
C LEU L 214 46.32 0.75 -17.16
N VAL L 215 47.23 1.71 -17.00
CA VAL L 215 47.47 2.27 -15.67
C VAL L 215 46.21 2.93 -15.14
N GLY L 216 45.51 3.67 -16.00
CA GLY L 216 44.26 4.29 -15.57
C GLY L 216 43.23 3.26 -15.15
N GLN L 217 43.15 2.16 -15.88
CA GLN L 217 42.21 1.10 -15.51
C GLN L 217 42.54 0.55 -14.14
N TYR L 218 43.82 0.40 -13.83
CA TYR L 218 44.17 -0.06 -12.48
C TYR L 218 43.79 0.99 -11.43
N PHE L 219 43.98 2.27 -11.74
CA PHE L 219 43.83 3.29 -10.71
C PHE L 219 42.37 3.59 -10.40
N LEU L 220 41.50 3.59 -11.41
CA LEU L 220 40.11 3.96 -11.16
C LEU L 220 39.33 2.83 -10.49
N TYR L 221 39.25 1.67 -11.14
CA TYR L 221 38.37 0.60 -10.67
C TYR L 221 39.08 -0.35 -9.72
N GLY L 222 40.14 -0.99 -10.18
CA GLY L 222 40.88 -1.92 -9.35
C GLY L 222 40.92 -3.32 -9.91
N PHE L 223 40.94 -4.33 -9.04
CA PHE L 223 40.99 -5.72 -9.44
C PHE L 223 39.73 -6.51 -9.10
N SER L 224 38.81 -5.93 -8.32
CA SER L 224 37.62 -6.66 -7.91
C SER L 224 36.45 -5.69 -7.79
N VAL L 225 35.28 -6.27 -7.59
CA VAL L 225 34.03 -5.52 -7.40
C VAL L 225 33.27 -6.15 -6.23
N PRO L 226 33.22 -5.50 -5.07
CA PRO L 226 32.58 -6.11 -3.91
C PRO L 226 31.06 -6.03 -4.01
N GLY L 227 30.40 -6.63 -3.02
CA GLY L 227 28.95 -6.63 -2.94
C GLY L 227 28.38 -5.74 -1.87
N LEU L 228 29.17 -4.85 -1.29
CA LEU L 228 28.68 -3.94 -0.24
C LEU L 228 29.45 -2.64 -0.32
N TYR L 229 28.73 -1.54 -0.44
CA TYR L 229 29.30 -0.20 -0.38
C TYR L 229 28.68 0.56 0.78
N GLU L 230 29.40 1.55 1.27
CA GLU L 230 28.98 2.36 2.41
C GLU L 230 29.12 3.82 2.01
N CYS L 231 27.99 4.53 1.95
CA CYS L 231 28.01 5.92 1.52
C CYS L 231 27.57 6.85 2.65
N ASN L 232 28.18 8.04 2.64
CA ASN L 232 27.93 9.07 3.65
C ASN L 232 27.58 10.41 3.01
N ARG L 233 27.14 10.40 1.76
CA ARG L 233 26.87 11.62 1.03
C ARG L 233 25.53 12.22 1.43
N TYR L 234 25.37 13.49 1.11
CA TYR L 234 24.08 14.15 1.24
C TYR L 234 23.19 13.73 0.07
N PRO L 235 21.89 13.47 0.31
CA PRO L 235 21.10 13.57 1.54
C PRO L 235 21.24 12.41 2.52
N CYS L 236 22.01 11.38 2.16
CA CYS L 236 22.07 10.20 3.00
C CYS L 236 22.58 10.56 4.39
N ILE L 237 21.79 10.20 5.40
CA ILE L 237 22.19 10.37 6.79
C ILE L 237 23.37 9.43 7.02
N LYS L 238 24.08 9.63 8.12
CA LYS L 238 25.42 9.07 8.31
C LYS L 238 25.55 7.60 7.93
N GLU L 239 26.37 7.33 6.91
CA GLU L 239 26.95 6.02 6.67
C GLU L 239 25.88 4.93 6.54
N VAL L 240 25.14 5.02 5.44
CA VAL L 240 24.18 3.97 5.10
C VAL L 240 24.86 2.95 4.19
N GLU L 241 24.26 1.77 4.13
CA GLU L 241 24.78 0.63 3.39
C GLU L 241 23.99 0.43 2.12
N CYS L 242 24.69 0.02 1.05
CA CYS L 242 24.10 -0.11 -0.27
C CYS L 242 24.65 -1.36 -0.94
N TYR L 243 23.80 -2.06 -1.66
CA TYR L 243 24.13 -3.35 -2.25
C TYR L 243 24.31 -3.21 -3.77
N VAL L 244 24.73 -4.32 -4.39
CA VAL L 244 25.20 -4.31 -5.77
C VAL L 244 24.65 -5.54 -6.48
N SER L 245 24.68 -5.49 -7.82
CA SER L 245 24.18 -6.54 -8.68
C SER L 245 25.30 -7.09 -9.57
N ARG L 246 25.26 -8.40 -9.79
CA ARG L 246 26.19 -9.12 -10.67
C ARG L 246 27.63 -8.68 -10.44
N PRO L 247 28.19 -8.94 -9.26
CA PRO L 247 29.59 -8.57 -9.00
C PRO L 247 30.60 -9.52 -9.63
N THR L 248 30.29 -10.81 -9.65
CA THR L 248 31.28 -11.80 -10.07
C THR L 248 31.55 -11.74 -11.56
N GLU L 249 30.50 -11.63 -12.38
CA GLU L 249 30.68 -11.47 -13.80
C GLU L 249 31.55 -10.25 -14.11
N LYS L 250 31.33 -9.15 -13.39
CA LYS L 250 32.10 -7.94 -13.64
C LYS L 250 33.56 -8.12 -13.24
N THR L 251 33.80 -8.79 -12.12
CA THR L 251 35.17 -9.13 -11.75
C THR L 251 35.86 -9.92 -12.86
N VAL L 252 35.17 -10.94 -13.38
CA VAL L 252 35.75 -11.79 -14.41
C VAL L 252 36.09 -10.96 -15.65
N PHE L 253 35.16 -10.10 -16.04
CA PHE L 253 35.35 -9.29 -17.25
C PHE L 253 36.54 -8.34 -17.06
N LEU L 254 36.63 -7.72 -15.88
CA LEU L 254 37.77 -6.89 -15.53
C LEU L 254 39.08 -7.65 -15.77
N VAL L 255 39.20 -8.82 -15.12
CA VAL L 255 40.46 -9.56 -15.18
C VAL L 255 40.79 -9.92 -16.62
N PHE L 256 39.80 -10.39 -17.38
CA PHE L 256 40.04 -10.80 -18.75
C PHE L 256 40.58 -9.64 -19.58
N MET L 257 39.95 -8.47 -19.49
CA MET L 257 40.41 -7.35 -20.30
C MET L 257 41.78 -6.88 -19.86
N PHE L 258 42.05 -6.89 -18.56
CA PHE L 258 43.39 -6.59 -18.08
C PHE L 258 44.43 -7.47 -18.75
N ALA L 259 44.16 -8.78 -18.76
CA ALA L 259 45.11 -9.72 -19.36
C ALA L 259 45.34 -9.42 -20.83
N VAL L 260 44.25 -9.21 -21.58
CA VAL L 260 44.38 -8.96 -23.02
C VAL L 260 45.22 -7.71 -23.26
N SER L 261 44.93 -6.62 -22.54
CA SER L 261 45.69 -5.40 -22.71
C SER L 261 47.15 -5.60 -22.36
N GLY L 262 47.45 -6.41 -21.33
CA GLY L 262 48.84 -6.70 -21.02
C GLY L 262 49.55 -7.42 -22.15
N ILE L 263 48.88 -8.38 -22.75
CA ILE L 263 49.45 -9.09 -23.89
C ILE L 263 49.78 -8.10 -25.02
N CYS L 264 48.85 -7.19 -25.30
CA CYS L 264 49.08 -6.21 -26.36
C CYS L 264 50.28 -5.34 -26.02
N VAL L 265 50.39 -4.91 -24.76
CA VAL L 265 51.54 -4.12 -24.33
C VAL L 265 52.83 -4.87 -24.63
N VAL L 266 52.89 -6.14 -24.22
CA VAL L 266 54.13 -6.92 -24.39
C VAL L 266 54.49 -7.00 -25.87
N LEU L 267 53.52 -7.31 -26.72
CA LEU L 267 53.82 -7.45 -28.15
C LEU L 267 54.33 -6.14 -28.73
N ASN L 268 53.65 -5.03 -28.42
CA ASN L 268 54.07 -3.74 -28.94
C ASN L 268 55.48 -3.40 -28.49
N LEU L 269 55.81 -3.72 -27.24
CA LEU L 269 57.14 -3.39 -26.73
C LEU L 269 58.21 -4.23 -27.42
N ALA L 270 57.94 -5.53 -27.60
CA ALA L 270 58.90 -6.37 -28.32
C ALA L 270 59.12 -5.83 -29.73
N GLU L 271 58.05 -5.44 -30.41
CA GLU L 271 58.19 -4.90 -31.77
C GLU L 271 59.03 -3.63 -31.75
N LEU L 272 58.75 -2.72 -30.81
CA LEU L 272 59.52 -1.49 -30.72
C LEU L 272 61.00 -1.77 -30.52
N ASN L 273 61.33 -2.66 -29.59
CA ASN L 273 62.73 -2.98 -29.35
C ASN L 273 63.39 -3.56 -30.60
N HIS L 274 62.69 -4.49 -31.28
CA HIS L 274 63.27 -5.12 -32.45
C HIS L 274 63.53 -4.10 -33.55
N LEU L 275 62.60 -3.16 -33.74
CA LEU L 275 62.70 -2.22 -34.86
C LEU L 275 63.62 -1.06 -34.53
N GLY L 276 63.30 -0.30 -33.49
CA GLY L 276 63.98 0.95 -33.22
C GLY L 276 65.42 0.76 -32.78
N TRP L 277 66.13 1.88 -32.71
CA TRP L 277 67.52 1.86 -32.24
C TRP L 277 67.59 1.84 -30.73
N ARG L 278 66.91 2.78 -30.07
CA ARG L 278 66.97 2.90 -28.63
C ARG L 278 65.68 3.51 -28.08
#